data_3CMC
#
_entry.id   3CMC
#
_cell.length_a   81.670
_cell.length_b   122.630
_cell.length_c   81.790
_cell.angle_alpha   90.000
_cell.angle_beta   111.120
_cell.angle_gamma   90.000
#
_symmetry.space_group_name_H-M   'P 1 21 1'
#
loop_
_entity.id
_entity.type
_entity.pdbx_description
1 polymer 'Glyceraldehyde-3-phosphate dehydrogenase'
2 non-polymer 'SULFATE ION'
3 non-polymer GLYCERALDEHYDE-3-PHOSPHATE
4 non-polymer NICOTINAMIDE-ADENINE-DINUCLEOTIDE
5 non-polymer GLYCEROL
6 non-polymer 1,2-ETHANEDIOL
7 water water
#
_entity_poly.entity_id   1
_entity_poly.type   'polypeptide(L)'
_entity_poly.pdbx_seq_one_letter_code
;AVKVGINGFGRIGRNVFRAALKNPDIEVVAVNDLTDANTLAHLLKYDSVHGRLDAEVSVNGNNLVVNGKEIIVKAERDPE
NLAWGEIGVDIVVESTGRFTKREDAAKHLEAGAKKVIISAPAKNEDITIVMGVNQDKYDPKAHHVISNASCTTNCLAPFA
KVLHEQFGIVRGMMTTVHSYTNDQRILDLPHKDLRRARAAAESIIPTTTGAAKAVALVLPELKGKLNGMAMRVPTPNVSV
VDLVAELEKEVTVEEVNAALKAAAEGELKGILAYSEEPLVSRDYNGSTVSSTIDALSTMVIDGKMVKVVSWYDNETGYSH
RVVDLAAYIASKGL
;
_entity_poly.pdbx_strand_id   O,P,Q,R
#
loop_
_chem_comp.id
_chem_comp.type
_chem_comp.name
_chem_comp.formula
EDO non-polymer 1,2-ETHANEDIOL 'C2 H6 O2'
G3H non-polymer GLYCERALDEHYDE-3-PHOSPHATE 'C3 H7 O6 P'
GOL non-polymer GLYCEROL 'C3 H8 O3'
NAD non-polymer NICOTINAMIDE-ADENINE-DINUCLEOTIDE 'C21 H27 N7 O14 P2'
SO4 non-polymer 'SULFATE ION' 'O4 S -2'
#
# COMPACT_ATOMS: atom_id res chain seq x y z
N ALA A 1 -4.99 -17.35 -37.14
CA ALA A 1 -6.02 -18.17 -37.78
C ALA A 1 -7.39 -17.53 -37.66
N VAL A 2 -8.08 -17.81 -36.57
CA VAL A 2 -9.40 -17.25 -36.36
C VAL A 2 -9.31 -15.78 -35.98
N LYS A 3 -10.11 -14.94 -36.64
CA LYS A 3 -10.11 -13.51 -36.37
C LYS A 3 -10.92 -13.25 -35.11
N VAL A 4 -10.31 -12.54 -34.19
CA VAL A 4 -10.91 -12.23 -32.91
C VAL A 4 -11.09 -10.73 -32.75
N GLY A 5 -12.15 -10.33 -32.06
CA GLY A 5 -12.38 -8.94 -31.71
C GLY A 5 -12.48 -8.90 -30.17
N ILE A 6 -11.92 -7.87 -29.55
CA ILE A 6 -12.00 -7.76 -28.06
C ILE A 6 -12.87 -6.54 -27.72
N ASN A 7 -13.98 -6.80 -27.04
CA ASN A 7 -14.87 -5.72 -26.63
C ASN A 7 -14.61 -5.44 -25.13
N GLY A 8 -14.00 -4.30 -24.86
CA GLY A 8 -13.61 -3.93 -23.49
C GLY A 8 -12.12 -4.23 -23.35
N PHE A 9 -11.32 -3.26 -23.69
CA PHE A 9 -9.87 -3.48 -23.76
C PHE A 9 -9.24 -3.05 -22.45
N GLY A 10 -9.65 -3.69 -21.36
CA GLY A 10 -9.19 -3.33 -20.00
C GLY A 10 -8.25 -4.34 -19.42
N ARG A 11 -8.35 -4.64 -18.12
CA ARG A 11 -7.42 -5.58 -17.50
C ARG A 11 -7.45 -6.95 -18.19
N ILE A 12 -8.66 -7.47 -18.38
CA ILE A 12 -8.79 -8.74 -19.07
C ILE A 12 -8.61 -8.57 -20.58
N GLY A 13 -9.20 -7.55 -21.19
CA GLY A 13 -9.06 -7.37 -22.63
C GLY A 13 -7.59 -7.26 -23.06
N ARG A 14 -6.82 -6.43 -22.38
CA ARG A 14 -5.41 -6.28 -22.77
C ARG A 14 -4.58 -7.53 -22.49
N ASN A 15 -4.89 -8.23 -21.39
CA ASN A 15 -4.15 -9.44 -21.00
C ASN A 15 -4.45 -10.56 -22.01
N VAL A 16 -5.73 -10.68 -22.38
CA VAL A 16 -6.12 -11.59 -23.48
C VAL A 16 -5.35 -11.21 -24.75
N PHE A 17 -5.28 -9.94 -25.07
CA PHE A 17 -4.56 -9.52 -26.27
C PHE A 17 -3.10 -10.01 -26.18
N ARG A 18 -2.48 -9.83 -25.02
CA ARG A 18 -1.10 -10.26 -24.85
C ARG A 18 -0.94 -11.76 -24.97
N ALA A 19 -1.88 -12.51 -24.41
CA ALA A 19 -1.86 -13.96 -24.49
C ALA A 19 -2.04 -14.38 -25.94
N ALA A 20 -2.92 -13.70 -26.67
CA ALA A 20 -3.19 -14.04 -28.08
C ALA A 20 -1.95 -13.88 -28.95
N LEU A 21 -1.08 -12.94 -28.59
CA LEU A 21 0.13 -12.68 -29.40
C LEU A 21 1.01 -13.94 -29.44
N LYS A 22 0.81 -14.81 -28.46
CA LYS A 22 1.60 -16.04 -28.34
CA LYS A 22 1.60 -16.03 -28.36
C LYS A 22 0.95 -17.22 -29.07
N ASN A 23 -0.33 -17.06 -29.38
CA ASN A 23 -1.09 -18.13 -29.97
C ASN A 23 -1.18 -17.98 -31.48
N PRO A 24 -0.73 -19.00 -32.21
CA PRO A 24 -0.75 -18.86 -33.67
C PRO A 24 -2.13 -19.13 -34.26
N ASP A 25 -3.00 -19.77 -33.49
CA ASP A 25 -4.32 -20.15 -33.98
C ASP A 25 -5.34 -19.01 -33.90
N ILE A 26 -4.87 -17.88 -33.32
CA ILE A 26 -5.69 -16.70 -33.03
C ILE A 26 -5.13 -15.46 -33.68
N GLU A 27 -5.98 -14.57 -34.16
CA GLU A 27 -5.48 -13.26 -34.59
C GLU A 27 -6.47 -12.19 -34.12
N VAL A 28 -6.05 -11.32 -33.21
CA VAL A 28 -6.94 -10.24 -32.78
C VAL A 28 -6.85 -9.15 -33.83
N VAL A 29 -7.96 -8.81 -34.47
CA VAL A 29 -7.94 -7.81 -35.53
C VAL A 29 -8.60 -6.50 -35.17
N ALA A 30 -9.32 -6.47 -34.05
CA ALA A 30 -9.98 -5.23 -33.67
C ALA A 30 -10.23 -5.21 -32.18
N VAL A 31 -10.26 -4.03 -31.60
CA VAL A 31 -10.62 -3.86 -30.18
C VAL A 31 -11.63 -2.73 -30.09
N ASN A 32 -12.49 -2.79 -29.07
CA ASN A 32 -13.43 -1.72 -28.84
C ASN A 32 -13.36 -1.31 -27.40
N ASP A 33 -13.52 -0.02 -27.15
CA ASP A 33 -13.52 0.54 -25.80
C ASP A 33 -14.22 1.89 -25.83
N LEU A 34 -13.88 2.78 -24.90
CA LEU A 34 -14.58 4.07 -24.83
C LEU A 34 -13.57 5.21 -24.92
N THR A 35 -12.50 4.99 -25.67
CA THR A 35 -11.49 6.04 -25.73
C THR A 35 -10.86 6.02 -27.11
N ASP A 36 -9.79 6.77 -27.28
CA ASP A 36 -9.13 6.85 -28.57
C ASP A 36 -7.93 5.88 -28.65
N ALA A 37 -7.42 5.69 -29.86
CA ALA A 37 -6.31 4.78 -30.11
C ALA A 37 -5.08 5.17 -29.29
N ASN A 38 -4.82 6.46 -29.22
CA ASN A 38 -3.63 6.95 -28.52
C ASN A 38 -3.65 6.43 -27.08
N THR A 39 -4.80 6.52 -26.45
CA THR A 39 -4.96 6.10 -25.06
C THR A 39 -4.83 4.60 -24.92
N LEU A 40 -5.49 3.84 -25.81
CA LEU A 40 -5.40 2.39 -25.76
C LEU A 40 -3.97 1.95 -26.02
N ALA A 41 -3.29 2.59 -26.96
CA ALA A 41 -1.87 2.25 -27.23
C ALA A 41 -1.01 2.49 -25.98
N HIS A 42 -1.22 3.60 -25.30
CA HIS A 42 -0.39 3.94 -24.14
C HIS A 42 -0.63 2.92 -23.01
N LEU A 43 -1.91 2.58 -22.81
CA LEU A 43 -2.28 1.58 -21.78
C LEU A 43 -1.71 0.20 -22.13
N LEU A 44 -1.69 -0.14 -23.41
CA LEU A 44 -1.18 -1.44 -23.81
C LEU A 44 0.34 -1.48 -23.66
N LYS A 45 1.00 -0.39 -23.96
CA LYS A 45 2.47 -0.32 -23.86
C LYS A 45 3.00 -0.38 -22.42
N TYR A 46 2.38 0.37 -21.52
CA TYR A 46 2.85 0.44 -20.13
C TYR A 46 1.80 -0.03 -19.17
N ASP A 47 2.11 -1.10 -18.45
CA ASP A 47 1.15 -1.69 -17.53
C ASP A 47 1.73 -1.66 -16.11
N SER A 48 0.97 -1.13 -15.17
CA SER A 48 1.45 -1.00 -13.80
C SER A 48 1.68 -2.34 -13.12
N VAL A 49 1.01 -3.39 -13.60
CA VAL A 49 1.14 -4.72 -12.99
C VAL A 49 2.10 -5.62 -13.78
N HIS A 50 1.93 -5.62 -15.09
CA HIS A 50 2.68 -6.51 -15.97
C HIS A 50 3.87 -5.96 -16.70
N GLY A 51 4.13 -4.68 -16.48
CA GLY A 51 5.30 -4.04 -17.05
C GLY A 51 5.11 -3.62 -18.50
N ARG A 52 6.24 -3.34 -19.14
CA ARG A 52 6.26 -2.89 -20.52
CA ARG A 52 6.23 -2.88 -20.53
C ARG A 52 5.87 -4.01 -21.50
N LEU A 53 5.04 -3.70 -22.48
CA LEU A 53 4.63 -4.69 -23.46
C LEU A 53 5.88 -5.15 -24.25
N ASP A 54 6.09 -6.45 -24.33
CA ASP A 54 7.20 -7.03 -25.07
C ASP A 54 6.85 -7.05 -26.58
N ALA A 55 6.68 -5.89 -27.20
CA ALA A 55 6.27 -5.77 -28.60
C ALA A 55 6.33 -4.32 -28.97
N GLU A 56 6.32 -4.08 -30.26
CA GLU A 56 6.35 -2.71 -30.74
C GLU A 56 4.91 -2.22 -30.92
N VAL A 57 4.59 -1.07 -30.31
CA VAL A 57 3.23 -0.51 -30.39
C VAL A 57 3.27 0.91 -30.89
N SER A 58 2.39 1.22 -31.84
CA SER A 58 2.28 2.60 -32.32
C SER A 58 0.84 2.82 -32.74
N VAL A 59 0.54 4.05 -33.14
CA VAL A 59 -0.79 4.40 -33.59
C VAL A 59 -0.72 4.87 -35.05
N ASN A 60 -1.67 4.39 -35.86
CA ASN A 60 -1.77 4.86 -37.23
C ASN A 60 -3.23 5.22 -37.47
N GLY A 61 -3.53 6.51 -37.47
CA GLY A 61 -4.88 6.97 -37.65
C GLY A 61 -5.69 6.58 -36.44
N ASN A 62 -6.78 5.84 -36.66
CA ASN A 62 -7.61 5.42 -35.56
C ASN A 62 -7.32 3.98 -35.18
N ASN A 63 -6.12 3.50 -35.48
CA ASN A 63 -5.82 2.11 -35.21
C ASN A 63 -4.52 1.91 -34.46
N LEU A 64 -4.40 0.75 -33.84
CA LEU A 64 -3.16 0.38 -33.16
C LEU A 64 -2.32 -0.36 -34.20
N VAL A 65 -1.00 -0.29 -34.06
CA VAL A 65 -0.07 -1.06 -34.89
C VAL A 65 0.79 -1.83 -33.89
N VAL A 66 0.68 -3.15 -33.88
CA VAL A 66 1.46 -3.97 -32.96
C VAL A 66 2.31 -4.96 -33.78
N ASN A 67 3.62 -4.83 -33.68
CA ASN A 67 4.54 -5.68 -34.44
C ASN A 67 4.16 -5.62 -35.92
N GLY A 68 3.91 -4.40 -36.38
CA GLY A 68 3.53 -4.15 -37.75
C GLY A 68 2.14 -4.54 -38.18
N LYS A 69 1.35 -5.16 -37.30
CA LYS A 69 0.00 -5.58 -37.67
C LYS A 69 -0.98 -4.52 -37.18
N GLU A 70 -1.84 -4.06 -38.08
CA GLU A 70 -2.82 -3.05 -37.70
C GLU A 70 -3.99 -3.68 -36.96
N ILE A 71 -4.35 -3.08 -35.82
CA ILE A 71 -5.50 -3.55 -35.02
C ILE A 71 -6.51 -2.41 -35.05
N ILE A 72 -7.70 -2.70 -35.56
CA ILE A 72 -8.72 -1.67 -35.67
C ILE A 72 -9.20 -1.25 -34.29
N VAL A 73 -9.36 0.05 -34.10
CA VAL A 73 -9.88 0.58 -32.81
C VAL A 73 -11.26 1.15 -33.01
N LYS A 74 -12.21 0.60 -32.28
CA LYS A 74 -13.58 1.11 -32.28
C LYS A 74 -13.83 1.81 -30.93
N ALA A 75 -14.85 2.67 -30.91
CA ALA A 75 -15.24 3.33 -29.65
C ALA A 75 -16.77 3.42 -29.66
N GLU A 76 -17.41 2.26 -29.66
CA GLU A 76 -18.86 2.15 -29.66
C GLU A 76 -19.36 1.60 -28.34
N ARG A 77 -20.07 2.44 -27.61
CA ARG A 77 -20.64 2.06 -26.32
C ARG A 77 -21.70 0.98 -26.45
N ASP A 78 -22.40 0.98 -27.57
CA ASP A 78 -23.50 0.02 -27.84
C ASP A 78 -22.97 -1.03 -28.79
N PRO A 79 -22.90 -2.29 -28.34
CA PRO A 79 -22.31 -3.35 -29.17
C PRO A 79 -23.03 -3.59 -30.49
N GLU A 80 -24.27 -3.10 -30.61
CA GLU A 80 -25.06 -3.27 -31.84
C GLU A 80 -24.39 -2.58 -32.99
N ASN A 81 -23.66 -1.52 -32.65
CA ASN A 81 -22.97 -0.74 -33.65
C ASN A 81 -21.58 -1.23 -34.02
N LEU A 82 -21.21 -2.42 -33.57
CA LEU A 82 -19.84 -2.90 -33.79
C LEU A 82 -19.43 -3.41 -35.16
N ALA A 83 -20.41 -3.81 -35.96
CA ALA A 83 -20.16 -4.26 -37.33
C ALA A 83 -18.98 -5.24 -37.42
N TRP A 84 -18.95 -6.24 -36.55
CA TRP A 84 -17.87 -7.24 -36.53
C TRP A 84 -17.80 -8.01 -37.86
N GLY A 85 -18.97 -8.36 -38.40
CA GLY A 85 -19.03 -9.13 -39.63
C GLY A 85 -18.33 -8.43 -40.80
N GLU A 86 -18.42 -7.11 -40.84
CA GLU A 86 -17.80 -6.32 -41.89
C GLU A 86 -16.30 -6.44 -41.93
N ILE A 87 -15.70 -6.78 -40.79
CA ILE A 87 -14.25 -6.93 -40.73
C ILE A 87 -13.82 -8.37 -40.54
N GLY A 88 -14.76 -9.29 -40.70
CA GLY A 88 -14.46 -10.71 -40.64
C GLY A 88 -14.19 -11.28 -39.27
N VAL A 89 -14.58 -10.53 -38.23
CA VAL A 89 -14.38 -11.03 -36.87
C VAL A 89 -15.32 -12.18 -36.58
N ASP A 90 -14.77 -13.33 -36.23
CA ASP A 90 -15.59 -14.50 -35.93
C ASP A 90 -15.88 -14.69 -34.46
N ILE A 91 -14.88 -14.41 -33.61
CA ILE A 91 -15.05 -14.63 -32.18
C ILE A 91 -14.85 -13.31 -31.44
N VAL A 92 -15.81 -12.95 -30.60
CA VAL A 92 -15.65 -11.71 -29.84
C VAL A 92 -15.46 -12.08 -28.39
N VAL A 93 -14.46 -11.46 -27.75
CA VAL A 93 -14.25 -11.65 -26.31
C VAL A 93 -14.96 -10.44 -25.69
N GLU A 94 -15.97 -10.72 -24.90
CA GLU A 94 -16.78 -9.69 -24.26
C GLU A 94 -16.27 -9.46 -22.86
N SER A 95 -15.40 -8.47 -22.75
CA SER A 95 -14.69 -8.18 -21.50
C SER A 95 -14.89 -6.74 -20.99
N THR A 96 -16.07 -6.15 -21.24
CA THR A 96 -16.33 -4.80 -20.71
C THR A 96 -16.77 -4.86 -19.26
N GLY A 97 -17.32 -5.99 -18.84
CA GLY A 97 -17.92 -6.18 -17.53
C GLY A 97 -19.38 -5.73 -17.52
N ARG A 98 -19.86 -5.14 -18.61
CA ARG A 98 -21.22 -4.60 -18.68
C ARG A 98 -22.23 -5.49 -19.38
N PHE A 99 -21.72 -6.47 -20.14
CA PHE A 99 -22.57 -7.25 -21.05
C PHE A 99 -22.49 -8.74 -20.79
N THR A 100 -22.66 -9.11 -19.52
CA THR A 100 -22.63 -10.49 -19.11
C THR A 100 -24.01 -11.16 -19.30
N LYS A 101 -25.05 -10.37 -19.54
CA LYS A 101 -26.39 -10.95 -19.80
C LYS A 101 -26.46 -11.26 -21.30
N ARG A 102 -27.08 -12.39 -21.65
CA ARG A 102 -27.16 -12.80 -23.05
C ARG A 102 -27.74 -11.68 -23.92
N GLU A 103 -28.79 -11.01 -23.44
CA GLU A 103 -29.44 -9.95 -24.21
CA GLU A 103 -29.44 -9.96 -24.21
C GLU A 103 -28.42 -8.95 -24.72
N ASP A 104 -27.40 -8.71 -23.91
CA ASP A 104 -26.38 -7.75 -24.30
C ASP A 104 -25.28 -8.43 -25.11
N ALA A 105 -24.78 -9.55 -24.62
CA ALA A 105 -23.66 -10.25 -25.28
C ALA A 105 -24.03 -10.66 -26.69
N ALA A 106 -25.26 -11.11 -26.84
CA ALA A 106 -25.73 -11.59 -28.12
C ALA A 106 -25.74 -10.52 -29.19
N LYS A 107 -25.67 -9.24 -28.79
CA LYS A 107 -25.63 -8.18 -29.77
C LYS A 107 -24.44 -8.30 -30.67
N HIS A 108 -23.36 -8.91 -30.16
CA HIS A 108 -22.18 -9.08 -30.98
C HIS A 108 -22.47 -10.02 -32.15
N LEU A 109 -23.30 -11.01 -31.89
CA LEU A 109 -23.71 -11.97 -32.92
C LEU A 109 -24.57 -11.26 -33.95
N GLU A 110 -25.52 -10.45 -33.48
CA GLU A 110 -26.36 -9.68 -34.39
C GLU A 110 -25.45 -8.80 -35.24
N ALA A 111 -24.35 -8.30 -34.65
CA ALA A 111 -23.41 -7.44 -35.34
C ALA A 111 -22.46 -8.20 -36.26
N GLY A 112 -22.65 -9.50 -36.40
CA GLY A 112 -21.85 -10.25 -37.36
C GLY A 112 -20.81 -11.26 -36.87
N ALA A 113 -20.60 -11.33 -35.57
CA ALA A 113 -19.66 -12.30 -35.04
C ALA A 113 -20.34 -13.66 -35.05
N LYS A 114 -19.52 -14.73 -35.08
CA LYS A 114 -20.04 -16.11 -35.02
C LYS A 114 -20.13 -16.64 -33.60
N LYS A 115 -19.27 -16.13 -32.72
CA LYS A 115 -19.26 -16.61 -31.33
C LYS A 115 -18.86 -15.46 -30.41
N VAL A 116 -19.32 -15.54 -29.17
CA VAL A 116 -18.97 -14.56 -28.13
C VAL A 116 -18.51 -15.31 -26.90
N ILE A 117 -17.36 -14.90 -26.35
CA ILE A 117 -16.89 -15.48 -25.09
C ILE A 117 -17.05 -14.37 -24.05
N ILE A 118 -17.92 -14.59 -23.08
CA ILE A 118 -18.11 -13.59 -22.01
C ILE A 118 -17.03 -13.90 -20.98
N SER A 119 -16.24 -12.89 -20.62
CA SER A 119 -15.12 -13.07 -19.71
C SER A 119 -15.54 -13.04 -18.23
N ALA A 120 -16.66 -13.65 -17.91
CA ALA A 120 -17.16 -13.57 -16.57
C ALA A 120 -18.39 -14.50 -16.47
N PRO A 121 -18.81 -14.83 -15.25
CA PRO A 121 -20.05 -15.60 -15.06
C PRO A 121 -21.11 -14.80 -15.83
N ALA A 122 -22.04 -15.50 -16.47
CA ALA A 122 -23.02 -14.87 -17.33
C ALA A 122 -24.44 -15.25 -16.92
N LYS A 123 -25.38 -14.61 -17.60
CA LYS A 123 -26.81 -14.92 -17.41
C LYS A 123 -27.40 -15.31 -18.74
N ASN A 124 -28.03 -16.48 -18.77
CA ASN A 124 -28.71 -16.97 -19.98
C ASN A 124 -27.77 -17.29 -21.11
N GLU A 125 -26.51 -17.55 -20.77
CA GLU A 125 -25.52 -17.95 -21.78
C GLU A 125 -25.86 -19.38 -22.28
N ASP A 126 -25.34 -19.73 -23.45
CA ASP A 126 -25.59 -21.06 -24.02
C ASP A 126 -24.85 -22.11 -23.22
N ILE A 127 -23.62 -21.78 -22.80
CA ILE A 127 -22.88 -22.72 -21.98
C ILE A 127 -21.76 -21.97 -21.25
N THR A 128 -21.36 -22.54 -20.10
CA THR A 128 -20.25 -22.01 -19.30
C THR A 128 -19.20 -23.09 -19.30
N ILE A 129 -17.99 -22.70 -19.69
CA ILE A 129 -16.89 -23.62 -19.80
C ILE A 129 -15.72 -23.22 -18.91
N VAL A 130 -15.11 -24.23 -18.29
CA VAL A 130 -13.82 -24.07 -17.60
C VAL A 130 -12.87 -25.07 -18.30
N MET A 131 -11.88 -24.54 -19.00
CA MET A 131 -10.86 -25.36 -19.68
C MET A 131 -10.19 -26.30 -18.71
N GLY A 132 -10.09 -27.55 -19.15
CA GLY A 132 -9.52 -28.59 -18.33
C GLY A 132 -10.61 -29.31 -17.59
N VAL A 133 -11.79 -28.71 -17.51
CA VAL A 133 -12.88 -29.29 -16.73
C VAL A 133 -14.06 -29.80 -17.56
N ASN A 134 -14.56 -28.98 -18.48
CA ASN A 134 -15.73 -29.39 -19.28
C ASN A 134 -15.79 -28.86 -20.71
N GLN A 135 -14.63 -28.55 -21.32
CA GLN A 135 -14.71 -28.00 -22.67
C GLN A 135 -15.40 -28.99 -23.66
N ASP A 136 -15.31 -30.28 -23.33
CA ASP A 136 -15.91 -31.29 -24.22
C ASP A 136 -17.44 -31.18 -24.27
N LYS A 137 -18.02 -30.45 -23.31
CA LYS A 137 -19.45 -30.18 -23.29
C LYS A 137 -19.85 -29.14 -24.32
N TYR A 138 -18.88 -28.40 -24.84
CA TYR A 138 -19.18 -27.40 -25.85
C TYR A 138 -19.76 -28.07 -27.12
N ASP A 139 -20.78 -27.46 -27.70
CA ASP A 139 -21.39 -27.94 -28.94
C ASP A 139 -21.36 -26.83 -29.99
N PRO A 140 -20.55 -27.00 -31.05
CA PRO A 140 -20.35 -25.94 -32.06
C PRO A 140 -21.62 -25.48 -32.77
N LYS A 141 -22.59 -26.38 -32.87
CA LYS A 141 -23.84 -26.04 -33.54
C LYS A 141 -24.79 -25.30 -32.59
N ALA A 142 -24.82 -25.71 -31.33
CA ALA A 142 -25.76 -25.16 -30.35
C ALA A 142 -25.30 -23.96 -29.53
N HIS A 143 -24.00 -23.83 -29.35
CA HIS A 143 -23.46 -22.82 -28.40
C HIS A 143 -22.70 -21.70 -29.04
N HIS A 144 -23.24 -20.49 -28.93
CA HIS A 144 -22.67 -19.33 -29.58
C HIS A 144 -22.35 -18.17 -28.61
N VAL A 145 -22.99 -18.19 -27.44
CA VAL A 145 -22.69 -17.22 -26.38
C VAL A 145 -22.17 -18.10 -25.26
N ILE A 146 -20.88 -18.02 -24.99
CA ILE A 146 -20.24 -18.93 -24.05
C ILE A 146 -19.56 -18.10 -22.94
N SER A 147 -19.74 -18.51 -21.70
CA SER A 147 -19.06 -17.86 -20.57
C SER A 147 -17.82 -18.67 -20.21
N ASN A 148 -16.70 -18.00 -19.93
CA ASN A 148 -15.49 -18.68 -19.46
C ASN A 148 -15.44 -18.69 -17.90
N ALA A 149 -16.59 -18.45 -17.27
CA ALA A 149 -16.69 -18.43 -15.82
C ALA A 149 -15.84 -17.29 -15.21
N SER A 150 -15.49 -17.41 -13.92
CA SER A 150 -14.68 -16.37 -13.28
C SER A 150 -13.27 -16.87 -13.07
N CYS A 151 -12.36 -15.95 -12.71
CA CYS A 151 -10.99 -16.34 -12.40
C CYS A 151 -10.97 -17.30 -11.18
N THR A 152 -11.77 -17.02 -10.15
CA THR A 152 -11.77 -17.91 -8.97
C THR A 152 -12.29 -19.31 -9.31
N THR A 153 -13.32 -19.38 -10.15
CA THR A 153 -13.87 -20.68 -10.55
C THR A 153 -12.83 -21.45 -11.35
N ASN A 154 -12.09 -20.73 -12.19
CA ASN A 154 -11.01 -21.37 -12.96
C ASN A 154 -9.89 -21.89 -12.06
N CYS A 155 -9.73 -21.28 -10.88
CA CYS A 155 -8.72 -21.74 -9.98
C CYS A 155 -9.21 -22.95 -9.23
N LEU A 156 -10.42 -22.85 -8.70
CA LEU A 156 -10.97 -23.91 -7.85
C LEU A 156 -11.44 -25.17 -8.62
N ALA A 157 -12.16 -24.98 -9.72
CA ALA A 157 -12.72 -26.15 -10.43
C ALA A 157 -11.69 -27.24 -10.80
N PRO A 158 -10.52 -26.83 -11.30
CA PRO A 158 -9.58 -27.89 -11.69
C PRO A 158 -9.11 -28.77 -10.52
N PHE A 159 -8.80 -28.19 -9.36
CA PHE A 159 -8.44 -29.05 -8.25
C PHE A 159 -9.61 -29.68 -7.53
N ALA A 160 -10.77 -29.05 -7.60
CA ALA A 160 -11.99 -29.66 -7.01
C ALA A 160 -12.29 -30.92 -7.84
N LYS A 161 -12.10 -30.84 -9.14
CA LYS A 161 -12.29 -32.00 -10.04
C LYS A 161 -11.45 -33.16 -9.52
N VAL A 162 -10.16 -32.88 -9.29
CA VAL A 162 -9.22 -33.89 -8.80
C VAL A 162 -9.60 -34.47 -7.45
N LEU A 163 -9.90 -33.61 -6.48
CA LEU A 163 -10.27 -34.08 -5.15
C LEU A 163 -11.54 -34.93 -5.23
N HIS A 164 -12.51 -34.46 -5.99
CA HIS A 164 -13.79 -35.18 -6.05
C HIS A 164 -13.60 -36.54 -6.71
N GLU A 165 -12.90 -36.56 -7.84
CA GLU A 165 -12.67 -37.81 -8.55
C GLU A 165 -11.86 -38.83 -7.74
N GLN A 166 -10.84 -38.36 -7.04
CA GLN A 166 -9.98 -39.23 -6.28
C GLN A 166 -10.48 -39.65 -4.90
N PHE A 167 -11.11 -38.72 -4.20
CA PHE A 167 -11.53 -38.96 -2.82
C PHE A 167 -12.99 -38.72 -2.55
N GLY A 168 -13.64 -37.95 -3.43
CA GLY A 168 -15.03 -37.58 -3.31
C GLY A 168 -15.26 -36.47 -2.30
N ILE A 169 -15.83 -35.37 -2.76
CA ILE A 169 -16.11 -34.24 -1.89
C ILE A 169 -17.52 -34.38 -1.33
N VAL A 170 -17.64 -34.35 -0.02
CA VAL A 170 -18.94 -34.39 0.64
C VAL A 170 -19.53 -32.99 0.63
N ARG A 171 -18.73 -32.04 1.07
CA ARG A 171 -19.15 -30.64 1.07
C ARG A 171 -17.88 -29.84 1.36
N GLY A 172 -17.87 -28.56 1.01
CA GLY A 172 -16.65 -27.79 1.28
C GLY A 172 -16.93 -26.31 1.19
N MET A 173 -16.06 -25.51 1.79
CA MET A 173 -16.28 -24.09 1.76
C MET A 173 -14.95 -23.44 1.44
N MET A 174 -15.02 -22.37 0.66
CA MET A 174 -13.81 -21.67 0.23
CA MET A 174 -13.80 -21.68 0.27
C MET A 174 -13.81 -20.21 0.62
N THR A 175 -12.62 -19.65 0.60
CA THR A 175 -12.45 -18.21 0.74
C THR A 175 -11.35 -17.96 -0.24
N THR A 176 -11.52 -16.94 -1.07
CA THR A 176 -10.39 -16.50 -1.89
C THR A 176 -9.88 -15.17 -1.30
N VAL A 177 -8.59 -15.12 -0.99
CA VAL A 177 -7.97 -13.86 -0.55
C VAL A 177 -7.52 -13.30 -1.88
N HIS A 178 -8.14 -12.20 -2.28
CA HIS A 178 -8.12 -11.79 -3.66
C HIS A 178 -7.68 -10.37 -3.83
N SER A 179 -6.86 -10.13 -4.85
CA SER A 179 -6.39 -8.77 -5.15
C SER A 179 -7.58 -7.84 -5.49
N TYR A 180 -7.42 -6.55 -5.24
CA TYR A 180 -8.54 -5.67 -5.61
C TYR A 180 -8.68 -5.58 -7.14
N THR A 181 -9.86 -5.18 -7.61
CA THR A 181 -10.11 -5.04 -9.03
C THR A 181 -10.77 -3.71 -9.29
N ASN A 182 -10.98 -3.43 -10.58
CA ASN A 182 -11.66 -2.20 -10.99
C ASN A 182 -13.13 -2.12 -10.63
N ASP A 183 -13.69 -3.20 -10.09
CA ASP A 183 -15.09 -3.15 -9.66
C ASP A 183 -15.18 -2.48 -8.27
N GLN A 184 -14.03 -2.24 -7.65
CA GLN A 184 -14.00 -1.64 -6.30
C GLN A 184 -13.95 -0.11 -6.34
N ARG A 185 -13.60 0.53 -5.23
CA ARG A 185 -13.55 2.00 -5.16
C ARG A 185 -12.23 2.44 -4.54
N ILE A 186 -11.72 3.58 -5.00
CA ILE A 186 -10.49 4.18 -4.49
C ILE A 186 -10.70 4.71 -3.05
N LEU A 187 -11.70 5.57 -2.89
CA LEU A 187 -12.07 6.10 -1.56
C LEU A 187 -13.60 6.07 -1.41
N ASP A 188 -14.10 5.33 -0.42
CA ASP A 188 -15.51 5.18 -0.08
C ASP A 188 -16.52 5.92 -0.97
N LEU A 189 -17.07 5.21 -1.93
CA LEU A 189 -18.00 5.76 -2.90
C LEU A 189 -19.16 4.77 -2.99
N PRO A 190 -20.32 5.23 -3.46
CA PRO A 190 -21.47 4.33 -3.57
C PRO A 190 -21.17 3.09 -4.43
N HIS A 191 -21.71 1.95 -3.97
CA HIS A 191 -21.55 0.68 -4.68
C HIS A 191 -22.75 -0.12 -4.19
N LYS A 192 -23.30 -0.97 -5.05
CA LYS A 192 -24.45 -1.80 -4.65
C LYS A 192 -23.98 -2.73 -3.55
N ASP A 193 -22.70 -3.06 -3.53
CA ASP A 193 -22.13 -3.94 -2.49
C ASP A 193 -21.45 -2.99 -1.51
N LEU A 194 -22.05 -2.81 -0.33
CA LEU A 194 -21.54 -1.85 0.65
C LEU A 194 -20.13 -2.12 1.14
N ARG A 195 -19.61 -3.33 0.90
CA ARG A 195 -18.24 -3.59 1.27
C ARG A 195 -17.32 -3.12 0.17
N ARG A 196 -17.71 -3.40 -1.07
CA ARG A 196 -16.92 -2.98 -2.21
C ARG A 196 -16.95 -1.45 -2.41
N ALA A 197 -17.85 -0.77 -1.67
CA ALA A 197 -17.88 0.70 -1.71
C ALA A 197 -16.59 1.29 -1.08
N ARG A 198 -15.97 0.54 -0.17
CA ARG A 198 -14.87 1.03 0.70
C ARG A 198 -13.48 1.04 0.09
N ALA A 199 -12.67 2.04 0.48
CA ALA A 199 -11.30 2.20 -0.05
C ALA A 199 -10.55 0.88 -0.21
N ALA A 200 -10.31 0.54 -1.49
CA ALA A 200 -9.79 -0.77 -1.85
C ALA A 200 -8.41 -1.07 -1.31
N ALA A 201 -7.56 -0.05 -1.31
CA ALA A 201 -6.19 -0.29 -0.89
C ALA A 201 -5.94 -0.12 0.61
N GLU A 202 -6.99 0.16 1.37
CA GLU A 202 -6.85 0.42 2.80
C GLU A 202 -7.36 -0.71 3.68
N SER A 203 -8.20 -1.59 3.14
CA SER A 203 -8.79 -2.65 3.97
C SER A 203 -8.81 -4.06 3.40
N ILE A 204 -9.02 -5.02 4.31
CA ILE A 204 -9.43 -6.39 4.01
C ILE A 204 -10.95 -6.22 3.92
N ILE A 205 -11.49 -6.59 2.76
CA ILE A 205 -12.89 -6.39 2.44
C ILE A 205 -13.62 -7.67 2.11
N PRO A 206 -14.46 -8.16 3.04
CA PRO A 206 -15.24 -9.36 2.71
C PRO A 206 -16.23 -9.03 1.60
N THR A 207 -16.42 -9.97 0.68
N THR A 207 -16.40 -9.96 0.68
CA THR A 207 -17.39 -9.82 -0.39
CA THR A 207 -17.34 -9.80 -0.42
C THR A 207 -17.90 -11.19 -0.82
C THR A 207 -17.63 -11.13 -1.10
N THR A 208 -19.17 -11.27 -1.16
N THR A 208 -18.23 -11.05 -2.28
CA THR A 208 -19.76 -12.54 -1.57
CA THR A 208 -18.64 -12.21 -3.07
C THR A 208 -19.18 -13.03 -2.88
C THR A 208 -17.55 -12.77 -3.98
N THR A 209 -19.18 -14.34 -3.07
N THR A 209 -17.66 -14.06 -4.28
CA THR A 209 -18.70 -14.89 -4.31
CA THR A 209 -16.82 -14.70 -5.28
C THR A 209 -19.59 -16.03 -4.76
C THR A 209 -17.69 -15.48 -6.27
N GLY A 210 -19.91 -16.08 -6.05
N GLY A 210 -17.46 -15.28 -7.57
CA GLY A 210 -20.71 -17.16 -6.60
CA GLY A 210 -18.21 -15.99 -8.60
C GLY A 210 -19.76 -18.23 -7.16
C GLY A 210 -18.07 -17.49 -8.48
N ALA A 211 -18.47 -18.03 -6.96
N ALA A 211 -16.99 -17.93 -7.84
CA ALA A 211 -17.46 -18.93 -7.50
CA ALA A 211 -16.72 -19.36 -7.67
C ALA A 211 -17.57 -20.40 -7.09
C ALA A 211 -17.67 -20.09 -6.72
N ALA A 212 -17.80 -20.67 -5.81
N ALA A 212 -18.32 -19.34 -5.85
CA ALA A 212 -17.87 -22.03 -5.33
CA ALA A 212 -19.26 -19.94 -4.92
C ALA A 212 -19.17 -22.68 -5.83
C ALA A 212 -20.40 -20.50 -5.76
N LYS A 213 -20.24 -21.90 -5.84
N LYS A 213 -20.64 -21.80 -5.67
CA LYS A 213 -21.51 -22.43 -6.37
CA LYS A 213 -21.73 -22.41 -6.44
C LYS A 213 -21.42 -22.61 -7.89
C LYS A 213 -21.51 -22.57 -7.96
N ALA A 214 -20.69 -21.72 -8.56
CA ALA A 214 -20.46 -21.79 -10.02
C ALA A 214 -19.64 -23.00 -10.45
N VAL A 215 -18.91 -23.58 -9.50
CA VAL A 215 -18.15 -24.77 -9.84
C VAL A 215 -19.14 -25.82 -10.34
N ALA A 216 -20.38 -25.79 -9.81
CA ALA A 216 -21.44 -26.74 -10.19
C ALA A 216 -21.81 -26.69 -11.67
N LEU A 217 -21.62 -25.53 -12.29
CA LEU A 217 -21.89 -25.40 -13.73
C LEU A 217 -20.95 -26.29 -14.53
N VAL A 218 -19.74 -26.49 -14.03
CA VAL A 218 -18.75 -27.26 -14.76
C VAL A 218 -18.51 -28.63 -14.17
N LEU A 219 -18.91 -28.80 -12.90
CA LEU A 219 -18.83 -30.06 -12.19
C LEU A 219 -20.21 -30.32 -11.55
N PRO A 220 -21.20 -30.68 -12.38
CA PRO A 220 -22.57 -30.88 -11.89
C PRO A 220 -22.69 -31.74 -10.65
N GLU A 221 -21.79 -32.71 -10.48
CA GLU A 221 -21.81 -33.59 -9.32
C GLU A 221 -21.63 -32.85 -8.00
N LEU A 222 -21.09 -31.64 -8.10
CA LEU A 222 -20.82 -30.83 -6.91
C LEU A 222 -21.90 -29.81 -6.63
N LYS A 223 -23.01 -29.89 -7.35
CA LYS A 223 -24.14 -29.01 -7.09
C LYS A 223 -24.54 -29.07 -5.61
N GLY A 224 -24.71 -27.89 -5.01
CA GLY A 224 -25.10 -27.75 -3.61
C GLY A 224 -24.06 -28.16 -2.57
N LYS A 225 -22.88 -28.57 -3.00
CA LYS A 225 -21.87 -29.09 -2.09
C LYS A 225 -20.79 -28.08 -1.68
N LEU A 226 -20.77 -26.94 -2.36
CA LEU A 226 -19.76 -25.92 -2.07
C LEU A 226 -20.36 -24.54 -1.90
N ASN A 227 -19.66 -23.69 -1.18
CA ASN A 227 -20.06 -22.30 -1.07
C ASN A 227 -18.82 -21.59 -0.55
N GLY A 228 -18.88 -20.27 -0.51
CA GLY A 228 -17.73 -19.56 0.02
C GLY A 228 -17.82 -18.09 -0.22
N MET A 229 -16.69 -17.41 0.00
CA MET A 229 -16.65 -15.96 -0.05
C MET A 229 -15.28 -15.48 -0.48
N ALA A 230 -15.18 -14.17 -0.63
CA ALA A 230 -13.89 -13.56 -0.99
C ALA A 230 -13.51 -12.53 0.07
N MET A 231 -12.22 -12.24 0.12
CA MET A 231 -11.72 -11.17 0.96
CA MET A 231 -11.68 -11.20 0.98
C MET A 231 -10.77 -10.40 0.07
N ARG A 232 -11.23 -9.25 -0.36
CA ARG A 232 -10.45 -8.40 -1.23
C ARG A 232 -9.42 -7.69 -0.36
N VAL A 233 -8.18 -7.65 -0.82
CA VAL A 233 -7.09 -7.06 -0.03
C VAL A 233 -6.24 -6.11 -0.84
N PRO A 234 -5.37 -5.35 -0.15
CA PRO A 234 -4.59 -4.32 -0.87
C PRO A 234 -3.39 -4.80 -1.65
N THR A 235 -3.64 -5.62 -2.65
CA THR A 235 -2.62 -6.03 -3.63
C THR A 235 -3.32 -5.84 -4.96
N PRO A 236 -2.56 -5.45 -5.97
CA PRO A 236 -3.18 -5.10 -7.26
C PRO A 236 -3.43 -6.27 -8.21
N ASN A 237 -2.84 -7.44 -7.94
CA ASN A 237 -3.05 -8.62 -8.76
C ASN A 237 -2.50 -9.82 -8.03
N VAL A 238 -3.08 -10.98 -8.35
CA VAL A 238 -2.77 -12.31 -7.77
C VAL A 238 -3.66 -12.59 -6.57
N SER A 239 -4.24 -13.78 -6.57
CA SER A 239 -5.21 -14.17 -5.57
C SER A 239 -4.93 -15.61 -5.16
N VAL A 240 -5.60 -16.07 -4.11
CA VAL A 240 -5.35 -17.44 -3.63
C VAL A 240 -6.64 -18.01 -3.07
N VAL A 241 -6.96 -19.21 -3.54
CA VAL A 241 -8.16 -19.93 -3.06
C VAL A 241 -7.74 -20.83 -1.91
N ASP A 242 -8.58 -20.84 -0.88
CA ASP A 242 -8.38 -21.61 0.35
C ASP A 242 -9.67 -22.46 0.47
N LEU A 243 -9.59 -23.75 0.14
CA LEU A 243 -10.77 -24.62 0.20
C LEU A 243 -10.63 -25.55 1.41
N VAL A 244 -11.69 -25.67 2.23
CA VAL A 244 -11.69 -26.62 3.33
C VAL A 244 -12.84 -27.58 2.95
N ALA A 245 -12.54 -28.86 2.79
CA ALA A 245 -13.56 -29.82 2.36
C ALA A 245 -13.56 -31.08 3.19
N GLU A 246 -14.73 -31.69 3.28
CA GLU A 246 -14.90 -32.98 3.95
C GLU A 246 -14.91 -33.97 2.81
N LEU A 247 -14.10 -35.03 2.92
CA LEU A 247 -13.98 -36.01 1.85
C LEU A 247 -14.68 -37.31 2.20
N GLU A 248 -14.96 -38.11 1.16
CA GLU A 248 -15.60 -39.40 1.38
C GLU A 248 -14.57 -40.44 1.85
N LYS A 249 -13.43 -40.49 1.16
CA LYS A 249 -12.34 -41.41 1.48
C LYS A 249 -11.39 -40.84 2.51
N GLU A 250 -10.85 -41.71 3.36
CA GLU A 250 -9.86 -41.29 4.34
C GLU A 250 -8.55 -41.00 3.61
N VAL A 251 -7.91 -39.88 3.94
CA VAL A 251 -6.68 -39.53 3.23
C VAL A 251 -5.62 -39.03 4.20
N THR A 252 -4.40 -38.91 3.69
CA THR A 252 -3.31 -38.27 4.41
C THR A 252 -2.92 -37.05 3.57
N VAL A 253 -2.14 -36.15 4.16
CA VAL A 253 -1.65 -35.00 3.42
C VAL A 253 -0.88 -35.49 2.21
N GLU A 254 0.01 -36.46 2.45
CA GLU A 254 0.83 -37.01 1.37
C GLU A 254 0.02 -37.48 0.16
N GLU A 255 -1.12 -38.12 0.44
CA GLU A 255 -1.96 -38.65 -0.62
C GLU A 255 -2.66 -37.55 -1.42
N VAL A 256 -3.14 -36.55 -0.69
CA VAL A 256 -3.79 -35.42 -1.33
C VAL A 256 -2.79 -34.72 -2.24
N ASN A 257 -1.64 -34.36 -1.68
CA ASN A 257 -0.60 -33.68 -2.45
C ASN A 257 -0.14 -34.52 -3.65
N ALA A 258 -0.01 -35.84 -3.43
CA ALA A 258 0.43 -36.70 -4.52
C ALA A 258 -0.57 -36.76 -5.68
N ALA A 259 -1.87 -36.77 -5.38
CA ALA A 259 -2.90 -36.77 -6.40
C ALA A 259 -2.89 -35.47 -7.17
N LEU A 260 -2.75 -34.36 -6.42
CA LEU A 260 -2.71 -33.04 -7.02
C LEU A 260 -1.52 -32.91 -7.95
N LYS A 261 -0.35 -33.35 -7.48
CA LYS A 261 0.85 -33.29 -8.30
CA LYS A 261 0.87 -33.30 -8.29
C LYS A 261 0.71 -34.16 -9.55
N ALA A 262 0.07 -35.33 -9.38
CA ALA A 262 -0.12 -36.21 -10.53
C ALA A 262 -0.98 -35.56 -11.60
N ALA A 263 -2.08 -34.94 -11.19
CA ALA A 263 -2.98 -34.27 -12.13
C ALA A 263 -2.29 -33.12 -12.84
N ALA A 264 -1.47 -32.38 -12.09
CA ALA A 264 -0.71 -31.24 -12.63
C ALA A 264 0.29 -31.64 -13.69
N GLU A 265 0.92 -32.79 -13.47
CA GLU A 265 1.93 -33.27 -14.40
C GLU A 265 1.31 -34.06 -15.53
N GLY A 266 0.07 -34.49 -15.32
CA GLY A 266 -0.67 -35.28 -16.29
C GLY A 266 -1.83 -34.58 -17.00
N GLU A 267 -3.02 -35.10 -16.76
CA GLU A 267 -4.25 -34.65 -17.42
C GLU A 267 -4.47 -33.14 -17.40
N LEU A 268 -4.09 -32.50 -16.31
CA LEU A 268 -4.32 -31.05 -16.18
C LEU A 268 -3.10 -30.18 -16.35
N LYS A 269 -2.04 -30.74 -16.93
CA LYS A 269 -0.83 -29.96 -17.15
C LYS A 269 -1.12 -28.72 -17.98
N GLY A 270 -0.62 -27.57 -17.53
CA GLY A 270 -0.85 -26.28 -18.19
C GLY A 270 -2.04 -25.55 -17.58
N ILE A 271 -2.92 -26.30 -16.91
CA ILE A 271 -4.11 -25.72 -16.25
C ILE A 271 -3.86 -25.70 -14.74
N LEU A 272 -3.55 -26.86 -14.18
CA LEU A 272 -3.25 -27.00 -12.77
C LEU A 272 -1.75 -27.23 -12.62
N ALA A 273 -1.16 -26.55 -11.65
CA ALA A 273 0.28 -26.68 -11.40
C ALA A 273 0.45 -27.00 -9.93
N TYR A 274 1.63 -27.43 -9.56
CA TYR A 274 1.88 -27.89 -8.20
C TYR A 274 3.22 -27.37 -7.71
N SER A 275 3.20 -26.66 -6.58
CA SER A 275 4.43 -26.09 -6.06
C SER A 275 4.73 -26.47 -4.62
N GLU A 276 5.97 -26.87 -4.34
CA GLU A 276 6.40 -27.18 -2.99
C GLU A 276 7.31 -26.07 -2.47
N GLU A 277 7.33 -24.94 -3.16
CA GLU A 277 8.13 -23.78 -2.72
C GLU A 277 7.29 -22.84 -1.84
N PRO A 278 7.92 -22.18 -0.85
CA PRO A 278 7.19 -21.29 0.09
C PRO A 278 7.14 -19.88 -0.53
N LEU A 279 6.26 -19.76 -1.49
CA LEU A 279 6.17 -18.51 -2.26
C LEU A 279 5.12 -17.54 -1.74
N VAL A 280 5.10 -16.34 -2.33
CA VAL A 280 4.14 -15.33 -1.91
C VAL A 280 3.50 -14.77 -3.17
N SER A 281 2.40 -14.03 -3.00
CA SER A 281 1.62 -13.60 -4.17
C SER A 281 2.43 -12.95 -5.30
N ARG A 282 3.39 -12.10 -4.99
CA ARG A 282 4.15 -11.43 -6.05
CA ARG A 282 4.12 -11.43 -6.07
C ARG A 282 4.82 -12.42 -7.00
N ASP A 283 5.19 -13.57 -6.44
CA ASP A 283 5.87 -14.60 -7.23
C ASP A 283 5.02 -15.18 -8.33
N TYR A 284 3.71 -15.03 -8.20
CA TYR A 284 2.79 -15.60 -9.17
C TYR A 284 2.29 -14.56 -10.16
N ASN A 285 2.84 -13.36 -10.09
CA ASN A 285 2.41 -12.34 -11.01
C ASN A 285 2.94 -12.74 -12.40
N GLY A 286 2.03 -12.95 -13.35
CA GLY A 286 2.37 -13.35 -14.72
C GLY A 286 2.19 -14.86 -14.95
N SER A 287 1.84 -15.59 -13.91
CA SER A 287 1.59 -17.03 -14.01
C SER A 287 0.42 -17.27 -15.00
N THR A 288 0.61 -18.18 -15.97
CA THR A 288 -0.43 -18.41 -16.98
C THR A 288 -1.33 -19.58 -16.67
N VAL A 289 -0.99 -20.36 -15.65
CA VAL A 289 -1.87 -21.50 -15.29
C VAL A 289 -3.13 -20.99 -14.62
N SER A 290 -4.14 -21.86 -14.51
CA SER A 290 -5.34 -21.45 -13.83
C SER A 290 -5.24 -21.57 -12.31
N SER A 291 -4.37 -22.44 -11.86
CA SER A 291 -4.37 -22.83 -10.46
C SER A 291 -3.02 -23.50 -10.11
N THR A 292 -2.35 -23.02 -9.07
CA THR A 292 -1.11 -23.64 -8.60
C THR A 292 -1.23 -24.02 -7.15
N ILE A 293 -1.22 -25.33 -6.88
CA ILE A 293 -1.34 -25.80 -5.51
C ILE A 293 -0.14 -25.36 -4.68
N ASP A 294 -0.42 -24.76 -3.53
CA ASP A 294 0.64 -24.40 -2.58
C ASP A 294 0.75 -25.64 -1.70
N ALA A 295 1.57 -26.59 -2.12
CA ALA A 295 1.65 -27.89 -1.47
C ALA A 295 2.01 -27.84 0.00
N LEU A 296 2.81 -26.85 0.38
CA LEU A 296 3.19 -26.70 1.77
C LEU A 296 2.01 -26.40 2.71
N SER A 297 0.93 -25.86 2.15
CA SER A 297 -0.22 -25.48 2.95
C SER A 297 -1.23 -26.60 3.15
N THR A 298 -1.08 -27.69 2.40
CA THR A 298 -2.03 -28.79 2.54
C THR A 298 -2.07 -29.35 3.96
N MET A 299 -3.26 -29.50 4.54
CA MET A 299 -3.37 -30.12 5.89
C MET A 299 -4.64 -30.98 5.97
N VAL A 300 -4.63 -31.95 6.87
CA VAL A 300 -5.77 -32.85 7.04
C VAL A 300 -6.04 -33.10 8.50
N ILE A 301 -7.32 -33.25 8.86
CA ILE A 301 -7.70 -33.59 10.24
C ILE A 301 -8.59 -34.84 10.16
N ASP A 302 -8.33 -35.82 11.01
CA ASP A 302 -9.17 -37.03 11.06
C ASP A 302 -9.26 -37.74 9.72
N GLY A 303 -8.27 -37.50 8.87
CA GLY A 303 -8.19 -38.10 7.54
C GLY A 303 -9.38 -37.75 6.67
N LYS A 304 -10.23 -36.83 7.16
CA LYS A 304 -11.42 -36.47 6.43
C LYS A 304 -11.60 -34.99 6.07
N MET A 305 -11.06 -34.07 6.88
CA MET A 305 -11.16 -32.64 6.54
C MET A 305 -9.83 -32.20 5.96
N VAL A 306 -9.85 -31.62 4.76
CA VAL A 306 -8.61 -31.22 4.11
C VAL A 306 -8.66 -29.75 3.78
N LYS A 307 -7.51 -29.10 3.83
CA LYS A 307 -7.41 -27.70 3.40
C LYS A 307 -6.44 -27.75 2.21
N VAL A 308 -6.84 -27.17 1.09
CA VAL A 308 -5.99 -27.08 -0.09
C VAL A 308 -5.99 -25.61 -0.50
N VAL A 309 -4.80 -25.09 -0.71
CA VAL A 309 -4.60 -23.67 -1.06
C VAL A 309 -4.01 -23.64 -2.44
N SER A 310 -4.50 -22.74 -3.28
CA SER A 310 -4.05 -22.66 -4.66
C SER A 310 -3.99 -21.23 -5.13
N TRP A 311 -2.87 -20.90 -5.76
CA TRP A 311 -2.64 -19.57 -6.28
C TRP A 311 -3.18 -19.35 -7.66
N TYR A 312 -3.49 -18.09 -7.96
CA TYR A 312 -3.83 -17.76 -9.32
C TYR A 312 -3.59 -16.31 -9.62
N ASP A 313 -2.98 -16.06 -10.77
CA ASP A 313 -2.88 -14.71 -11.25
C ASP A 313 -4.28 -14.46 -11.88
N ASN A 314 -5.11 -13.72 -11.16
CA ASN A 314 -6.49 -13.49 -11.63
C ASN A 314 -6.64 -12.81 -12.97
N GLU A 315 -5.66 -12.00 -13.37
CA GLU A 315 -5.71 -11.39 -14.68
C GLU A 315 -5.14 -12.33 -15.75
N THR A 316 -3.92 -12.85 -15.49
CA THR A 316 -3.20 -13.61 -16.51
C THR A 316 -3.73 -15.02 -16.80
N GLY A 317 -3.91 -15.79 -15.73
CA GLY A 317 -4.31 -17.18 -15.91
C GLY A 317 -5.63 -17.23 -16.66
N TYR A 318 -6.60 -16.44 -16.17
CA TYR A 318 -7.92 -16.40 -16.79
C TYR A 318 -7.86 -15.94 -18.24
N SER A 319 -7.02 -14.95 -18.54
CA SER A 319 -6.96 -14.42 -19.90
C SER A 319 -6.38 -15.47 -20.84
N HIS A 320 -5.41 -16.24 -20.34
CA HIS A 320 -4.80 -17.28 -21.17
C HIS A 320 -5.85 -18.35 -21.43
N ARG A 321 -6.72 -18.59 -20.45
CA ARG A 321 -7.84 -19.54 -20.63
C ARG A 321 -8.84 -19.04 -21.69
N VAL A 322 -9.07 -17.73 -21.72
CA VAL A 322 -9.98 -17.17 -22.72
C VAL A 322 -9.39 -17.49 -24.11
N VAL A 323 -8.10 -17.23 -24.24
CA VAL A 323 -7.42 -17.54 -25.52
C VAL A 323 -7.51 -19.06 -25.85
N ASP A 324 -7.29 -19.91 -24.84
CA ASP A 324 -7.37 -21.37 -25.06
C ASP A 324 -8.78 -21.75 -25.49
N LEU A 325 -9.75 -21.11 -24.86
CA LEU A 325 -11.14 -21.42 -25.19
C LEU A 325 -11.46 -20.94 -26.62
N ALA A 326 -10.95 -19.78 -27.01
CA ALA A 326 -11.19 -19.27 -28.35
C ALA A 326 -10.59 -20.25 -29.39
N ALA A 327 -9.37 -20.72 -29.13
CA ALA A 327 -8.71 -21.65 -30.05
C ALA A 327 -9.47 -22.97 -30.11
N TYR A 328 -9.96 -23.40 -28.96
CA TYR A 328 -10.74 -24.62 -28.87
C TYR A 328 -12.03 -24.52 -29.69
N ILE A 329 -12.77 -23.44 -29.48
CA ILE A 329 -13.99 -23.19 -30.22
C ILE A 329 -13.70 -23.16 -31.72
N ALA A 330 -12.64 -22.45 -32.10
CA ALA A 330 -12.31 -22.36 -33.52
C ALA A 330 -12.02 -23.77 -34.08
N SER A 331 -11.42 -24.62 -33.27
CA SER A 331 -11.03 -25.98 -33.67
C SER A 331 -12.21 -26.92 -33.93
N LYS A 332 -13.37 -26.60 -33.38
CA LYS A 332 -14.55 -27.42 -33.54
C LYS A 332 -15.40 -26.94 -34.72
N GLY A 333 -14.94 -25.89 -35.40
CA GLY A 333 -15.57 -25.36 -36.60
C GLY A 333 -16.46 -24.14 -36.44
N LEU A 334 -16.21 -23.13 -37.28
CA LEU A 334 -16.98 -21.90 -37.32
C LEU A 334 -17.71 -21.72 -38.65
N ALA B 1 -3.66 0.53 40.91
CA ALA B 1 -3.53 -0.39 42.05
C ALA B 1 -2.19 -1.14 42.01
N VAL B 2 -2.17 -2.25 41.28
CA VAL B 2 -0.96 -3.04 41.10
C VAL B 2 0.01 -2.32 40.16
N LYS B 3 1.27 -2.27 40.58
CA LYS B 3 2.28 -1.63 39.78
C LYS B 3 2.74 -2.58 38.68
N VAL B 4 2.75 -2.06 37.47
CA VAL B 4 3.11 -2.84 36.30
C VAL B 4 4.35 -2.26 35.63
N GLY B 5 5.17 -3.12 35.06
CA GLY B 5 6.31 -2.73 34.29
C GLY B 5 6.10 -3.32 32.88
N ILE B 6 6.45 -2.58 31.83
CA ILE B 6 6.29 -3.12 30.45
C ILE B 6 7.69 -3.30 29.86
N ASN B 7 8.01 -4.54 29.53
CA ASN B 7 9.28 -4.83 28.90
C ASN B 7 9.06 -5.02 27.38
N GLY B 8 9.52 -4.03 26.60
CA GLY B 8 9.33 -4.02 25.14
C GLY B 8 8.18 -3.05 24.87
N PHE B 9 8.51 -1.77 24.73
CA PHE B 9 7.50 -0.71 24.59
C PHE B 9 7.21 -0.48 23.12
N GLY B 10 6.71 -1.51 22.45
CA GLY B 10 6.46 -1.43 21.01
C GLY B 10 5.00 -1.41 20.67
N ARG B 11 4.60 -2.10 19.61
CA ARG B 11 3.17 -2.07 19.21
C ARG B 11 2.25 -2.59 20.31
N ILE B 12 2.63 -3.69 20.89
CA ILE B 12 1.85 -4.23 22.02
C ILE B 12 2.14 -3.45 23.31
N GLY B 13 3.41 -3.19 23.61
CA GLY B 13 3.74 -2.45 24.82
C GLY B 13 3.04 -1.10 24.92
N ARG B 14 3.09 -0.31 23.84
CA ARG B 14 2.44 1.01 23.90
C ARG B 14 0.92 0.92 23.95
N ASN B 15 0.34 -0.06 23.27
CA ASN B 15 -1.11 -0.25 23.23
C ASN B 15 -1.60 -0.69 24.62
N VAL B 16 -0.84 -1.61 25.23
CA VAL B 16 -1.08 -2.00 26.62
C VAL B 16 -1.01 -0.76 27.52
N PHE B 17 -0.01 0.08 27.35
CA PHE B 17 0.11 1.27 28.13
C PHE B 17 -1.16 2.14 27.97
N ARG B 18 -1.62 2.31 26.74
CA ARG B 18 -2.82 3.11 26.52
C ARG B 18 -4.05 2.48 27.17
N ALA B 19 -4.17 1.17 27.08
CA ALA B 19 -5.29 0.48 27.66
C ALA B 19 -5.24 0.62 29.19
N ALA B 20 -4.02 0.56 29.75
CA ALA B 20 -3.85 0.67 31.22
C ALA B 20 -4.31 2.03 31.77
N LEU B 21 -4.18 3.07 30.96
CA LEU B 21 -4.64 4.42 31.34
C LEU B 21 -6.14 4.40 31.65
N LYS B 22 -6.85 3.40 31.09
CA LYS B 22 -8.29 3.26 31.29
CA LYS B 22 -8.29 3.26 31.29
C LYS B 22 -8.67 2.19 32.31
N ASN B 23 -7.67 1.70 33.04
CA ASN B 23 -7.94 0.69 34.03
C ASN B 23 -7.57 1.21 35.42
N PRO B 24 -8.51 1.09 36.37
CA PRO B 24 -8.25 1.61 37.71
C PRO B 24 -7.48 0.62 38.58
N ASP B 25 -7.44 -0.64 38.16
CA ASP B 25 -6.78 -1.66 38.96
C ASP B 25 -5.27 -1.80 38.75
N ILE B 26 -4.71 -1.25 37.69
CA ILE B 26 -3.27 -1.37 37.50
C ILE B 26 -2.69 -0.01 37.13
N GLU B 27 -1.42 0.17 37.44
CA GLU B 27 -0.68 1.39 37.13
CA GLU B 27 -0.69 1.38 37.09
C GLU B 27 0.67 1.03 36.52
N VAL B 28 0.94 1.51 35.31
CA VAL B 28 2.23 1.23 34.69
C VAL B 28 3.20 2.26 35.24
N VAL B 29 4.26 1.80 35.91
CA VAL B 29 5.20 2.73 36.49
C VAL B 29 6.56 2.78 35.83
N ALA B 30 6.82 1.83 34.94
CA ALA B 30 8.11 1.81 34.27
C ALA B 30 7.99 1.06 32.95
N VAL B 31 8.84 1.42 32.01
CA VAL B 31 8.89 0.73 30.71
C VAL B 31 10.35 0.51 30.36
N ASN B 32 10.61 -0.57 29.61
CA ASN B 32 11.96 -0.84 29.20
C ASN B 32 11.96 -1.08 27.69
N ASP B 33 13.01 -0.60 27.05
CA ASP B 33 13.18 -0.80 25.61
C ASP B 33 14.68 -0.69 25.28
N LEU B 34 15.00 -0.30 24.05
CA LEU B 34 16.39 -0.23 23.61
C LEU B 34 16.72 1.18 23.14
N THR B 35 16.03 2.18 23.69
CA THR B 35 16.28 3.54 23.20
C THR B 35 16.18 4.51 24.37
N ASP B 36 16.12 5.81 24.07
CA ASP B 36 16.05 6.83 25.10
C ASP B 36 14.61 7.34 25.29
N ALA B 37 14.39 8.05 26.40
CA ALA B 37 13.06 8.56 26.73
C ALA B 37 12.49 9.43 25.63
N ASN B 38 13.31 10.27 25.06
CA ASN B 38 12.88 11.20 24.02
C ASN B 38 12.23 10.41 22.89
N THR B 39 12.86 9.30 22.50
CA THR B 39 12.33 8.49 21.40
C THR B 39 11.05 7.78 21.79
N LEU B 40 11.02 7.19 22.99
CA LEU B 40 9.83 6.51 23.45
C LEU B 40 8.67 7.52 23.61
N ALA B 41 8.97 8.72 24.10
CA ALA B 41 7.93 9.75 24.23
C ALA B 41 7.35 10.13 22.85
N HIS B 42 8.23 10.26 21.86
CA HIS B 42 7.80 10.66 20.52
C HIS B 42 6.91 9.56 19.93
N LEU B 43 7.34 8.31 20.09
CA LEU B 43 6.57 7.17 19.58
C LEU B 43 5.22 7.05 20.30
N LEU B 44 5.20 7.34 21.60
CA LEU B 44 3.96 7.25 22.34
C LEU B 44 3.01 8.39 21.92
N LYS B 45 3.60 9.54 21.61
CA LYS B 45 2.81 10.72 21.24
CA LYS B 45 2.78 10.71 21.24
C LYS B 45 2.11 10.58 19.91
N TYR B 46 2.85 10.10 18.90
CA TYR B 46 2.34 10.02 17.52
C TYR B 46 2.40 8.61 16.97
N ASP B 47 1.22 8.05 16.72
CA ASP B 47 1.12 6.67 16.26
C ASP B 47 0.51 6.60 14.84
N SER B 48 1.20 5.91 13.94
CA SER B 48 0.78 5.83 12.55
C SER B 48 -0.55 5.12 12.39
N VAL B 49 -0.88 4.27 13.35
CA VAL B 49 -2.11 3.48 13.27
C VAL B 49 -3.24 4.06 14.10
N HIS B 50 -2.89 4.38 15.34
CA HIS B 50 -3.88 4.83 16.32
C HIS B 50 -4.00 6.32 16.55
N GLY B 51 -3.22 7.09 15.83
CA GLY B 51 -3.30 8.53 15.92
C GLY B 51 -2.53 9.11 17.09
N ARG B 52 -2.78 10.39 17.35
CA ARG B 52 -2.07 11.10 18.40
C ARG B 52 -2.61 10.61 19.75
N LEU B 53 -1.72 10.45 20.72
CA LEU B 53 -2.09 10.04 22.09
C LEU B 53 -2.83 11.24 22.71
N ASP B 54 -4.03 10.97 23.18
CA ASP B 54 -4.85 12.01 23.78
C ASP B 54 -4.43 12.11 25.27
N ALA B 55 -3.28 12.70 25.48
CA ALA B 55 -2.74 12.87 26.80
C ALA B 55 -1.57 13.78 26.66
N GLU B 56 -1.19 14.39 27.77
CA GLU B 56 -0.05 15.28 27.79
CA GLU B 56 -0.05 15.28 27.81
C GLU B 56 1.19 14.42 28.04
N VAL B 57 2.14 14.45 27.08
CA VAL B 57 3.37 13.63 27.20
C VAL B 57 4.56 14.56 27.16
N SER B 58 5.50 14.32 28.06
CA SER B 58 6.73 15.10 28.04
C SER B 58 7.83 14.19 28.59
N VAL B 59 9.05 14.71 28.61
CA VAL B 59 10.18 13.95 29.12
C VAL B 59 10.79 14.75 30.29
N ASN B 60 11.11 14.04 31.35
CA ASN B 60 11.80 14.66 32.47
C ASN B 60 12.99 13.77 32.80
N GLY B 61 14.17 14.23 32.40
CA GLY B 61 15.37 13.45 32.63
C GLY B 61 15.30 12.21 31.76
N ASN B 62 15.39 11.03 32.37
CA ASN B 62 15.34 9.79 31.60
C ASN B 62 14.00 9.14 31.78
N ASN B 63 12.98 9.94 32.05
CA ASN B 63 11.66 9.39 32.24
C ASN B 63 10.58 10.03 31.39
N LEU B 64 9.47 9.32 31.21
CA LEU B 64 8.33 9.87 30.49
C LEU B 64 7.45 10.51 31.55
N VAL B 65 6.70 11.53 31.16
CA VAL B 65 5.72 12.15 32.04
C VAL B 65 4.43 12.12 31.24
N VAL B 66 3.44 11.38 31.70
CA VAL B 66 2.15 11.29 31.00
C VAL B 66 1.05 11.73 31.95
N ASN B 67 0.39 12.83 31.60
CA ASN B 67 -0.66 13.41 32.45
C ASN B 67 -0.11 13.62 33.86
N GLY B 68 1.08 14.18 33.89
CA GLY B 68 1.76 14.49 35.14
C GLY B 68 2.35 13.32 35.90
N LYS B 69 2.09 12.08 35.46
CA LYS B 69 2.63 10.89 36.14
CA LYS B 69 2.64 10.93 36.16
C LYS B 69 3.93 10.46 35.50
N GLU B 70 4.99 10.31 36.32
CA GLU B 70 6.28 9.93 35.80
C GLU B 70 6.36 8.44 35.54
N ILE B 71 6.83 8.08 34.36
CA ILE B 71 7.01 6.66 34.00
C ILE B 71 8.50 6.44 33.81
N ILE B 72 9.09 5.55 34.61
CA ILE B 72 10.51 5.34 34.55
C ILE B 72 10.87 4.66 33.23
N VAL B 73 11.90 5.16 32.56
CA VAL B 73 12.38 4.57 31.30
C VAL B 73 13.72 3.85 31.55
N LYS B 74 13.73 2.55 31.25
CA LYS B 74 14.93 1.74 31.32
C LYS B 74 15.35 1.38 29.89
N ALA B 75 16.61 0.99 29.72
CA ALA B 75 17.13 0.57 28.42
C ALA B 75 18.10 -0.59 28.68
N GLU B 76 17.58 -1.66 29.23
CA GLU B 76 18.35 -2.86 29.54
C GLU B 76 17.98 -4.01 28.62
N ARG B 77 18.92 -4.41 27.77
CA ARG B 77 18.67 -5.52 26.82
C ARG B 77 18.48 -6.84 27.55
N ASP B 78 19.15 -6.99 28.67
CA ASP B 78 19.09 -8.22 29.48
C ASP B 78 18.15 -7.98 30.64
N PRO B 79 17.04 -8.72 30.68
CA PRO B 79 16.02 -8.50 31.71
C PRO B 79 16.52 -8.71 33.12
N GLU B 80 17.66 -9.38 33.26
CA GLU B 80 18.24 -9.67 34.60
C GLU B 80 18.59 -8.38 35.28
N ASN B 81 18.92 -7.38 34.48
CA ASN B 81 19.33 -6.10 34.99
C ASN B 81 18.18 -5.12 35.24
N LEU B 82 16.94 -5.58 35.23
CA LEU B 82 15.82 -4.65 35.31
C LEU B 82 15.45 -4.07 36.67
N ALA B 83 15.88 -4.74 37.73
CA ALA B 83 15.63 -4.25 39.10
C ALA B 83 14.19 -3.83 39.34
N TRP B 84 13.23 -4.65 38.90
CA TRP B 84 11.81 -4.34 39.05
C TRP B 84 11.41 -4.22 40.53
N GLY B 85 11.95 -5.11 41.36
CA GLY B 85 11.62 -5.13 42.77
C GLY B 85 11.91 -3.82 43.46
N GLU B 86 12.99 -3.18 43.05
CA GLU B 86 13.43 -1.93 43.65
C GLU B 86 12.41 -0.82 43.49
N ILE B 87 11.60 -0.91 42.43
CA ILE B 87 10.59 0.11 42.17
C ILE B 87 9.18 -0.38 42.44
N GLY B 88 9.06 -1.54 43.10
CA GLY B 88 7.79 -2.09 43.49
C GLY B 88 6.94 -2.67 42.37
N VAL B 89 7.58 -2.97 41.23
CA VAL B 89 6.84 -3.54 40.12
C VAL B 89 6.48 -4.97 40.44
N ASP B 90 5.18 -5.27 40.46
CA ASP B 90 4.74 -6.63 40.76
C ASP B 90 4.48 -7.45 39.50
N ILE B 91 3.93 -6.82 38.46
CA ILE B 91 3.58 -7.56 37.24
C ILE B 91 4.35 -6.99 36.08
N VAL B 92 5.03 -7.86 35.33
CA VAL B 92 5.75 -7.38 34.17
C VAL B 92 5.05 -7.92 32.93
N VAL B 93 4.79 -7.05 31.96
CA VAL B 93 4.22 -7.48 30.69
C VAL B 93 5.47 -7.63 29.82
N GLU B 94 5.70 -8.86 29.36
CA GLU B 94 6.87 -9.18 28.57
C GLU B 94 6.46 -9.16 27.10
N SER B 95 6.73 -8.02 26.49
CA SER B 95 6.29 -7.75 25.10
C SER B 95 7.43 -7.38 24.14
N THR B 96 8.61 -7.94 24.37
CA THR B 96 9.73 -7.69 23.46
C THR B 96 9.67 -8.67 22.28
N GLY B 97 9.04 -9.83 22.47
CA GLY B 97 9.03 -10.84 21.44
C GLY B 97 10.25 -11.77 21.56
N ARG B 98 11.19 -11.43 22.44
CA ARG B 98 12.43 -12.20 22.57
C ARG B 98 12.46 -13.18 23.73
N PHE B 99 11.55 -13.02 24.68
CA PHE B 99 11.58 -13.78 25.93
C PHE B 99 10.31 -14.58 26.17
N THR B 100 9.90 -15.35 25.17
CA THR B 100 8.69 -16.14 25.28
C THR B 100 8.95 -17.47 25.95
N LYS B 101 10.23 -17.86 26.08
CA LYS B 101 10.53 -19.12 26.79
C LYS B 101 10.59 -18.80 28.30
N ARG B 102 10.04 -19.67 29.13
CA ARG B 102 10.04 -19.44 30.58
C ARG B 102 11.37 -19.04 31.17
N GLU B 103 12.41 -19.74 30.75
CA GLU B 103 13.75 -19.48 31.25
C GLU B 103 14.15 -18.01 31.06
N ASP B 104 13.64 -17.39 29.99
CA ASP B 104 13.95 -15.99 29.74
C ASP B 104 12.95 -15.10 30.48
N ALA B 105 11.66 -15.41 30.37
CA ALA B 105 10.63 -14.55 30.99
C ALA B 105 10.84 -14.51 32.50
N ALA B 106 11.23 -15.66 33.06
CA ALA B 106 11.43 -15.77 34.49
C ALA B 106 12.55 -14.85 35.00
N LYS B 107 13.39 -14.33 34.13
CA LYS B 107 14.42 -13.40 34.57
C LYS B 107 13.83 -12.16 35.22
N HIS B 108 12.62 -11.81 34.81
CA HIS B 108 11.94 -10.66 35.42
C HIS B 108 11.67 -10.96 36.89
N LEU B 109 11.36 -12.22 37.18
CA LEU B 109 11.08 -12.63 38.56
C LEU B 109 12.37 -12.54 39.37
N GLU B 110 13.48 -12.99 38.78
CA GLU B 110 14.77 -12.92 39.44
C GLU B 110 15.07 -11.45 39.72
N ALA B 111 14.64 -10.58 38.82
CA ALA B 111 14.83 -9.14 39.00
C ALA B 111 13.85 -8.49 39.96
N GLY B 112 13.00 -9.27 40.60
CA GLY B 112 12.11 -8.71 41.61
C GLY B 112 10.61 -8.62 41.35
N ALA B 113 10.17 -8.95 40.13
CA ALA B 113 8.75 -8.91 39.86
C ALA B 113 8.13 -10.16 40.45
N LYS B 114 6.82 -10.16 40.64
CA LYS B 114 6.14 -11.32 41.18
CA LYS B 114 6.13 -11.31 41.18
C LYS B 114 5.47 -12.13 40.08
N LYS B 115 5.08 -11.44 39.01
CA LYS B 115 4.39 -12.14 37.94
C LYS B 115 4.86 -11.60 36.62
N VAL B 116 4.77 -12.44 35.59
CA VAL B 116 5.12 -12.04 34.23
C VAL B 116 4.01 -12.48 33.30
N ILE B 117 3.56 -11.57 32.44
CA ILE B 117 2.58 -11.94 31.43
C ILE B 117 3.35 -11.87 30.11
N ILE B 118 3.48 -13.02 29.44
CA ILE B 118 4.17 -13.03 28.16
C ILE B 118 3.08 -12.69 27.12
N SER B 119 3.32 -11.66 26.30
CA SER B 119 2.33 -11.17 25.35
C SER B 119 2.34 -12.00 24.06
N ALA B 120 2.45 -13.32 24.18
CA ALA B 120 2.57 -14.16 22.98
C ALA B 120 2.53 -15.62 23.45
N PRO B 121 2.28 -16.52 22.52
CA PRO B 121 2.37 -17.95 22.84
C PRO B 121 3.75 -18.15 23.42
N ALA B 122 3.83 -19.02 24.44
CA ALA B 122 5.05 -19.22 25.16
C ALA B 122 5.50 -20.70 25.13
N LYS B 123 6.68 -20.90 25.69
CA LYS B 123 7.23 -22.25 25.88
C LYS B 123 7.53 -22.46 27.37
N ASN B 124 6.98 -23.54 27.91
CA ASN B 124 7.22 -23.92 29.31
C ASN B 124 6.60 -22.96 30.29
N GLU B 125 5.61 -22.20 29.85
CA GLU B 125 4.96 -21.22 30.75
C GLU B 125 4.15 -22.00 31.80
N ASP B 126 3.86 -21.33 32.92
CA ASP B 126 3.07 -21.97 33.97
C ASP B 126 1.64 -22.21 33.51
N ILE B 127 1.09 -21.23 32.78
CA ILE B 127 -0.24 -21.40 32.26
C ILE B 127 -0.47 -20.40 31.13
N THR B 128 -1.36 -20.78 30.23
CA THR B 128 -1.77 -19.92 29.10
C THR B 128 -3.24 -19.60 29.32
N ILE B 129 -3.55 -18.32 29.31
CA ILE B 129 -4.91 -17.89 29.57
C ILE B 129 -5.45 -17.07 28.41
N VAL B 130 -6.73 -17.28 28.13
CA VAL B 130 -7.51 -16.45 27.23
C VAL B 130 -8.71 -15.96 28.06
N MET B 131 -8.74 -14.65 28.31
CA MET B 131 -9.84 -14.02 29.04
C MET B 131 -11.17 -14.28 28.41
N GLY B 132 -12.11 -14.70 29.24
CA GLY B 132 -13.44 -15.05 28.81
C GLY B 132 -13.52 -16.55 28.56
N VAL B 133 -12.37 -17.19 28.48
CA VAL B 133 -12.33 -18.62 28.16
C VAL B 133 -11.87 -19.50 29.32
N ASN B 134 -10.76 -19.15 29.95
CA ASN B 134 -10.25 -20.01 31.04
C ASN B 134 -9.51 -19.27 32.14
N GLN B 135 -9.81 -18.00 32.37
CA GLN B 135 -9.08 -17.29 33.42
C GLN B 135 -9.27 -17.97 34.80
N ASP B 136 -10.38 -18.67 34.98
CA ASP B 136 -10.68 -19.40 36.22
CA ASP B 136 -10.60 -19.32 36.27
C ASP B 136 -9.62 -20.47 36.51
N LYS B 137 -8.89 -20.88 35.47
CA LYS B 137 -7.86 -21.89 35.62
C LYS B 137 -6.60 -21.29 36.22
N TYR B 138 -6.51 -19.97 36.26
CA TYR B 138 -5.31 -19.34 36.82
C TYR B 138 -5.22 -19.65 38.30
N ASP B 139 -4.02 -19.94 38.78
CA ASP B 139 -3.78 -20.21 40.21
C ASP B 139 -2.73 -19.25 40.73
N PRO B 140 -3.10 -18.34 41.63
CA PRO B 140 -2.20 -17.31 42.13
C PRO B 140 -0.93 -17.82 42.82
N LYS B 141 -0.99 -19.03 43.37
CA LYS B 141 0.19 -19.58 44.03
C LYS B 141 1.08 -20.31 43.03
N ALA B 142 0.44 -21.08 42.16
CA ALA B 142 1.15 -21.96 41.22
C ALA B 142 1.65 -21.32 39.92
N HIS B 143 0.99 -20.24 39.50
CA HIS B 143 1.32 -19.63 38.19
C HIS B 143 1.92 -18.26 38.28
N HIS B 144 3.22 -18.18 38.02
CA HIS B 144 3.92 -16.89 38.04
C HIS B 144 4.28 -16.36 36.63
N VAL B 145 4.50 -17.27 35.68
CA VAL B 145 4.85 -16.92 34.29
C VAL B 145 3.67 -17.38 33.45
N ILE B 146 2.90 -16.41 32.94
CA ILE B 146 1.64 -16.70 32.29
C ILE B 146 1.66 -16.14 30.87
N SER B 147 1.19 -16.93 29.93
CA SER B 147 1.07 -16.44 28.54
C SER B 147 -0.37 -16.00 28.30
N ASN B 148 -0.54 -14.89 27.58
CA ASN B 148 -1.88 -14.42 27.20
C ASN B 148 -2.25 -14.95 25.80
N ALA B 149 -1.49 -15.94 25.33
CA ALA B 149 -1.70 -16.53 24.01
C ALA B 149 -1.43 -15.49 22.92
N SER B 150 -2.00 -15.73 21.74
CA SER B 150 -1.80 -14.81 20.61
C SER B 150 -3.07 -14.03 20.37
N CYS B 151 -2.97 -13.01 19.52
CA CYS B 151 -4.14 -12.23 19.16
C CYS B 151 -5.15 -13.13 18.42
N THR B 152 -4.66 -14.01 17.53
CA THR B 152 -5.58 -14.87 16.78
C THR B 152 -6.31 -15.85 17.70
N THR B 153 -5.58 -16.42 18.65
CA THR B 153 -6.21 -17.37 19.59
C THR B 153 -7.26 -16.64 20.43
N ASN B 154 -6.98 -15.40 20.79
CA ASN B 154 -7.97 -14.58 21.53
C ASN B 154 -9.22 -14.28 20.70
N CYS B 155 -9.05 -14.28 19.38
CA CYS B 155 -10.18 -14.04 18.51
C CYS B 155 -10.99 -15.32 18.35
N LEU B 156 -10.29 -16.41 18.07
CA LEU B 156 -10.97 -17.68 17.78
C LEU B 156 -11.54 -18.39 19.02
N ALA B 157 -10.74 -18.46 20.10
CA ALA B 157 -11.19 -19.24 21.27
C ALA B 157 -12.58 -18.85 21.83
N PRO B 158 -12.86 -17.53 21.92
CA PRO B 158 -14.19 -17.19 22.45
C PRO B 158 -15.36 -17.71 21.64
N PHE B 159 -15.30 -17.60 20.31
CA PHE B 159 -16.42 -18.15 19.56
C PHE B 159 -16.35 -19.65 19.35
N ALA B 160 -15.16 -20.22 19.41
CA ALA B 160 -15.03 -21.68 19.31
C ALA B 160 -15.68 -22.27 20.58
N LYS B 161 -15.47 -21.59 21.72
CA LYS B 161 -16.10 -22.01 22.98
C LYS B 161 -17.62 -22.12 22.77
N VAL B 162 -18.22 -21.07 22.21
CA VAL B 162 -19.65 -20.99 21.96
C VAL B 162 -20.14 -22.07 21.00
N LEU B 163 -19.46 -22.22 19.87
CA LEU B 163 -19.87 -23.23 18.89
C LEU B 163 -19.80 -24.61 19.51
N HIS B 164 -18.70 -24.87 20.21
CA HIS B 164 -18.51 -26.20 20.78
C HIS B 164 -19.58 -26.51 21.83
N GLU B 165 -19.79 -25.57 22.75
CA GLU B 165 -20.77 -25.76 23.81
C GLU B 165 -22.18 -25.93 23.28
N GLN B 166 -22.55 -25.13 22.28
CA GLN B 166 -23.90 -25.17 21.74
C GLN B 166 -24.19 -26.26 20.72
N PHE B 167 -23.23 -26.55 19.86
CA PHE B 167 -23.44 -27.49 18.76
C PHE B 167 -22.43 -28.61 18.71
N GLY B 168 -21.29 -28.43 19.37
CA GLY B 168 -20.21 -29.39 19.39
C GLY B 168 -19.39 -29.36 18.10
N ILE B 169 -18.10 -29.11 18.24
CA ILE B 169 -17.23 -29.06 17.09
C ILE B 169 -16.60 -30.44 16.91
N VAL B 170 -16.77 -31.00 15.71
CA VAL B 170 -16.16 -32.27 15.39
C VAL B 170 -14.70 -32.02 15.00
N ARG B 171 -14.50 -31.08 14.09
CA ARG B 171 -13.16 -30.71 13.65
C ARG B 171 -13.31 -29.42 12.85
N GLY B 172 -12.24 -28.65 12.67
CA GLY B 172 -12.41 -27.43 11.92
C GLY B 172 -11.08 -26.86 11.51
N MET B 173 -11.08 -26.05 10.47
CA MET B 173 -9.83 -25.46 10.01
C MET B 173 -10.02 -23.95 9.86
N MET B 174 -8.97 -23.21 10.25
CA MET B 174 -9.06 -21.76 10.20
C MET B 174 -7.98 -21.12 9.30
N THR B 175 -8.27 -19.92 8.82
CA THR B 175 -7.25 -19.10 8.17
C THR B 175 -7.51 -17.75 8.78
N THR B 176 -6.45 -17.06 9.19
CA THR B 176 -6.63 -15.68 9.56
C THR B 176 -5.98 -14.81 8.48
N VAL B 177 -6.76 -13.90 7.91
CA VAL B 177 -6.23 -12.92 6.96
C VAL B 177 -5.80 -11.83 7.91
N HIS B 178 -4.50 -11.60 7.97
CA HIS B 178 -3.93 -10.86 9.07
C HIS B 178 -3.03 -9.73 8.63
N SER B 179 -3.16 -8.59 9.29
CA SER B 179 -2.31 -7.42 9.00
C SER B 179 -0.81 -7.75 9.18
N TYR B 180 0.05 -7.04 8.46
CA TYR B 180 1.46 -7.34 8.66
C TYR B 180 1.92 -6.84 10.05
N THR B 181 3.04 -7.38 10.54
CA THR B 181 3.56 -6.95 11.84
C THR B 181 5.06 -6.70 11.70
N ASN B 182 5.64 -6.25 12.81
CA ASN B 182 7.07 -6.00 12.87
C ASN B 182 7.95 -7.24 12.80
N ASP B 183 7.35 -8.43 12.83
CA ASP B 183 8.12 -9.65 12.67
C ASP B 183 8.42 -9.89 11.19
N GLN B 184 7.79 -9.12 10.31
CA GLN B 184 7.99 -9.30 8.88
C GLN B 184 9.18 -8.48 8.34
N ARG B 185 9.24 -8.27 7.02
CA ARG B 185 10.36 -7.50 6.43
C ARG B 185 9.82 -6.49 5.45
N ILE B 186 10.49 -5.34 5.36
CA ILE B 186 10.09 -4.25 4.43
C ILE B 186 10.37 -4.69 2.99
N LEU B 187 11.62 -5.08 2.71
CA LEU B 187 11.99 -5.58 1.38
C LEU B 187 12.87 -6.83 1.55
N ASP B 188 12.40 -7.96 1.02
CA ASP B 188 13.06 -9.29 1.07
C ASP B 188 14.39 -9.36 1.80
N LEU B 189 14.33 -9.81 3.06
CA LEU B 189 15.51 -9.90 3.91
C LEU B 189 15.47 -11.27 4.57
N PRO B 190 16.62 -11.75 5.04
CA PRO B 190 16.62 -13.05 5.72
C PRO B 190 15.62 -13.13 6.87
N HIS B 191 14.95 -14.28 6.96
CA HIS B 191 14.01 -14.58 8.01
C HIS B 191 14.01 -16.09 8.08
N LYS B 192 13.84 -16.65 9.27
CA LYS B 192 13.79 -18.09 9.41
CA LYS B 192 13.77 -18.09 9.42
CA LYS B 192 13.77 -18.09 9.42
C LYS B 192 12.57 -18.62 8.67
N ASP B 193 11.54 -17.78 8.54
CA ASP B 193 10.32 -18.18 7.82
C ASP B 193 10.48 -17.53 6.45
N LEU B 194 10.75 -18.35 5.43
CA LEU B 194 11.02 -17.83 4.10
C LEU B 194 9.87 -17.03 3.47
N ARG B 195 8.67 -17.18 3.99
CA ARG B 195 7.57 -16.36 3.48
C ARG B 195 7.59 -15.00 4.17
N ARG B 196 7.84 -15.01 5.47
CA ARG B 196 7.92 -13.74 6.22
C ARG B 196 9.16 -12.94 5.84
N ALA B 197 10.07 -13.53 5.10
CA ALA B 197 11.26 -12.78 4.62
C ALA B 197 10.85 -11.76 3.57
N ARG B 198 9.73 -11.99 2.92
CA ARG B 198 9.29 -11.17 1.72
C ARG B 198 8.57 -9.86 2.00
N ALA B 199 8.75 -8.89 1.10
CA ALA B 199 8.18 -7.55 1.25
C ALA B 199 6.75 -7.56 1.78
N ALA B 200 6.58 -7.08 3.01
CA ALA B 200 5.30 -7.21 3.74
C ALA B 200 4.14 -6.47 3.09
N ALA B 201 4.44 -5.30 2.56
CA ALA B 201 3.37 -4.49 2.01
C ALA B 201 3.07 -4.76 0.52
N GLU B 202 3.73 -5.74 -0.05
CA GLU B 202 3.59 -6.01 -1.48
C GLU B 202 2.86 -7.32 -1.79
N SER B 203 2.76 -8.22 -0.82
CA SER B 203 2.13 -9.52 -1.09
C SER B 203 1.17 -10.05 -0.05
N ILE B 204 0.37 -11.03 -0.52
CA ILE B 204 -0.37 -11.96 0.33
C ILE B 204 0.68 -13.04 0.68
N ILE B 205 0.91 -13.22 1.96
CA ILE B 205 1.99 -14.06 2.45
C ILE B 205 1.48 -15.16 3.39
N PRO B 206 1.40 -16.40 2.85
CA PRO B 206 1.00 -17.50 3.72
C PRO B 206 2.05 -17.68 4.82
N THR B 207 1.60 -18.01 6.02
N THR B 207 1.59 -17.99 6.02
CA THR B 207 2.50 -18.30 7.12
CA THR B 207 2.49 -18.24 7.13
C THR B 207 1.80 -19.23 8.10
C THR B 207 1.75 -18.89 8.29
N THR B 208 2.58 -20.14 8.68
N THR B 208 2.40 -18.88 9.46
CA THR B 208 2.01 -21.10 9.62
CA THR B 208 1.88 -19.50 10.67
C THR B 208 1.51 -20.43 10.88
C THR B 208 0.96 -18.61 11.49
N THR B 209 0.52 -21.04 11.51
N THR B 209 0.07 -19.25 12.25
CA THR B 209 0.03 -20.49 12.77
CA THR B 209 -0.75 -18.57 13.22
C THR B 209 -0.25 -21.60 13.75
C THR B 209 -0.66 -19.29 14.57
N GLY B 210 0.15 -21.42 15.01
N GLY B 210 -0.41 -18.55 15.64
CA GLY B 210 -0.13 -22.38 16.05
CA GLY B 210 -0.32 -19.13 16.97
C GLY B 210 -1.43 -22.00 16.76
C GLY B 210 -1.60 -19.82 17.38
N ALA B 211 -2.08 -20.95 16.26
N ALA B 211 -2.70 -19.42 16.75
CA ALA B 211 -3.28 -20.41 16.87
CA ALA B 211 -4.02 -19.97 17.05
C ALA B 211 -4.43 -21.38 17.07
C ALA B 211 -4.21 -21.44 16.64
N ALA B 212 -4.75 -22.16 16.03
N ALA B 212 -3.40 -21.89 15.69
CA ALA B 212 -5.89 -23.07 16.12
CA ALA B 212 -3.50 -23.26 15.24
C ALA B 212 -5.54 -24.23 17.04
C ALA B 212 -3.10 -24.14 16.42
N LYS B 213 -4.30 -24.69 16.97
N LYS B 213 -4.00 -25.01 16.85
CA LYS B 213 -3.87 -25.76 17.88
CA LYS B 213 -3.71 -25.90 17.97
C LYS B 213 -3.76 -25.24 19.32
C LYS B 213 -3.67 -25.26 19.38
N ALA B 214 -3.36 -23.97 19.47
CA ALA B 214 -3.28 -23.30 20.77
C ALA B 214 -4.65 -23.09 21.45
N VAL B 215 -5.71 -23.16 20.66
CA VAL B 215 -7.04 -23.04 21.24
C VAL B 215 -7.18 -24.17 22.28
N ALA B 216 -6.53 -25.30 22.02
CA ALA B 216 -6.57 -26.48 22.92
C ALA B 216 -6.02 -26.22 24.31
N LEU B 217 -5.11 -25.26 24.42
CA LEU B 217 -4.58 -24.89 25.71
C LEU B 217 -5.66 -24.29 26.60
N VAL B 218 -6.64 -23.64 25.99
CA VAL B 218 -7.66 -22.98 26.77
C VAL B 218 -9.00 -23.70 26.68
N LEU B 219 -9.13 -24.55 25.67
CA LEU B 219 -10.33 -25.36 25.47
C LEU B 219 -9.85 -26.80 25.22
N PRO B 220 -9.39 -27.48 26.29
CA PRO B 220 -8.86 -28.84 26.19
C PRO B 220 -9.72 -29.80 25.38
N GLU B 221 -11.04 -29.62 25.41
CA GLU B 221 -11.94 -30.49 24.67
C GLU B 221 -11.70 -30.47 23.16
N LEU B 222 -11.04 -29.42 22.70
CA LEU B 222 -10.80 -29.22 21.29
C LEU B 222 -9.39 -29.66 20.87
N LYS B 223 -8.68 -30.33 21.77
CA LYS B 223 -7.37 -30.87 21.42
C LYS B 223 -7.45 -31.74 20.17
N GLY B 224 -6.56 -31.47 19.22
CA GLY B 224 -6.45 -32.19 17.96
C GLY B 224 -7.58 -31.99 16.99
N LYS B 225 -8.53 -31.10 17.30
CA LYS B 225 -9.71 -30.91 16.46
C LYS B 225 -9.62 -29.72 15.51
N LEU B 226 -8.63 -28.87 15.72
CA LEU B 226 -8.49 -27.66 14.90
C LEU B 226 -7.07 -27.49 14.36
N ASN B 227 -6.97 -26.77 13.25
CA ASN B 227 -5.66 -26.43 12.72
C ASN B 227 -5.93 -25.30 11.76
N GLY B 228 -4.88 -24.67 11.27
CA GLY B 228 -5.09 -23.61 10.33
C GLY B 228 -3.82 -22.87 10.03
N MET B 229 -3.98 -21.75 9.33
CA MET B 229 -2.83 -20.97 8.88
C MET B 229 -3.18 -19.50 8.86
N ALA B 230 -2.19 -18.69 8.51
CA ALA B 230 -2.41 -17.25 8.38
C ALA B 230 -2.03 -16.84 6.97
N MET B 231 -2.55 -15.68 6.57
CA MET B 231 -2.17 -15.04 5.34
CA MET B 231 -2.23 -15.04 5.31
C MET B 231 -1.97 -13.59 5.68
N ARG B 232 -0.70 -13.21 5.74
CA ARG B 232 -0.35 -11.82 6.07
C ARG B 232 -0.58 -10.99 4.81
N VAL B 233 -1.20 -9.82 4.97
CA VAL B 233 -1.54 -8.98 3.82
C VAL B 233 -1.14 -7.53 4.07
N PRO B 234 -1.18 -6.70 3.00
CA PRO B 234 -0.72 -5.32 3.14
C PRO B 234 -1.67 -4.33 3.81
N THR B 235 -2.00 -4.62 5.05
CA THR B 235 -2.73 -3.66 5.90
C THR B 235 -1.91 -3.59 7.17
N PRO B 236 -1.88 -2.42 7.81
CA PRO B 236 -1.01 -2.24 8.96
C PRO B 236 -1.59 -2.68 10.30
N ASN B 237 -2.89 -2.94 10.36
CA ASN B 237 -3.52 -3.41 11.59
C ASN B 237 -4.91 -3.85 11.25
N VAL B 238 -5.41 -4.78 12.07
CA VAL B 238 -6.72 -5.42 11.99
C VAL B 238 -6.63 -6.70 11.18
N SER B 239 -7.24 -7.76 11.70
CA SER B 239 -7.16 -9.06 11.10
C SER B 239 -8.52 -9.74 11.24
N VAL B 240 -8.70 -10.87 10.57
CA VAL B 240 -10.00 -11.54 10.58
C VAL B 240 -9.81 -13.06 10.51
N VAL B 241 -10.49 -13.77 11.38
CA VAL B 241 -10.42 -15.22 11.46
C VAL B 241 -11.59 -15.78 10.65
N ASP B 242 -11.29 -16.79 9.84
CA ASP B 242 -12.26 -17.46 8.96
C ASP B 242 -12.20 -18.95 9.39
N LEU B 243 -13.21 -19.40 10.14
CA LEU B 243 -13.20 -20.80 10.62
C LEU B 243 -14.23 -21.61 9.84
N VAL B 244 -13.85 -22.80 9.37
CA VAL B 244 -14.81 -23.69 8.68
C VAL B 244 -14.81 -24.94 9.58
N ALA B 245 -15.97 -25.30 10.13
CA ALA B 245 -16.01 -26.41 11.08
C ALA B 245 -17.18 -27.34 10.80
N GLU B 246 -16.97 -28.60 11.14
CA GLU B 246 -18.02 -29.62 11.07
C GLU B 246 -18.60 -29.68 12.48
N LEU B 247 -19.91 -29.63 12.60
CA LEU B 247 -20.56 -29.64 13.92
C LEU B 247 -21.26 -30.96 14.20
N GLU B 248 -21.51 -31.21 15.48
CA GLU B 248 -22.21 -32.43 15.87
C GLU B 248 -23.71 -32.31 15.66
N LYS B 249 -24.27 -31.18 16.09
CA LYS B 249 -25.70 -30.88 15.92
C LYS B 249 -26.02 -30.23 14.60
N GLU B 250 -27.19 -30.55 14.05
CA GLU B 250 -27.64 -29.92 12.81
C GLU B 250 -28.04 -28.49 13.13
N VAL B 251 -27.63 -27.55 12.29
CA VAL B 251 -27.90 -26.15 12.56
C VAL B 251 -28.31 -25.41 11.30
N THR B 252 -28.84 -24.21 11.50
CA THR B 252 -29.13 -23.31 10.41
C THR B 252 -28.23 -22.09 10.65
N VAL B 253 -28.09 -21.25 9.63
CA VAL B 253 -27.33 -20.01 9.79
C VAL B 253 -27.97 -19.21 10.94
N GLU B 254 -29.29 -19.11 10.91
CA GLU B 254 -30.01 -18.34 11.92
C GLU B 254 -29.67 -18.78 13.35
N GLU B 255 -29.55 -20.08 13.56
CA GLU B 255 -29.25 -20.63 14.86
C GLU B 255 -27.83 -20.36 15.32
N VAL B 256 -26.90 -20.49 14.39
CA VAL B 256 -25.50 -20.21 14.68
C VAL B 256 -25.37 -18.75 15.07
N ASN B 257 -25.91 -17.85 14.23
CA ASN B 257 -25.82 -16.42 14.51
C ASN B 257 -26.51 -16.07 15.81
N ALA B 258 -27.66 -16.70 16.08
CA ALA B 258 -28.40 -16.42 17.30
C ALA B 258 -27.61 -16.82 18.56
N ALA B 259 -26.91 -17.95 18.51
CA ALA B 259 -26.11 -18.41 19.64
C ALA B 259 -24.93 -17.47 19.86
N LEU B 260 -24.32 -17.04 18.74
CA LEU B 260 -23.17 -16.13 18.81
C LEU B 260 -23.60 -14.80 19.40
N LYS B 261 -24.73 -14.27 18.88
CA LYS B 261 -25.27 -13.02 19.39
C LYS B 261 -25.61 -13.14 20.88
N ALA B 262 -26.19 -14.28 21.28
CA ALA B 262 -26.55 -14.47 22.69
C ALA B 262 -25.31 -14.43 23.58
N ALA B 263 -24.24 -15.12 23.17
CA ALA B 263 -23.01 -15.16 23.97
C ALA B 263 -22.39 -13.75 24.06
N ALA B 264 -22.45 -13.00 22.96
CA ALA B 264 -21.91 -11.65 22.90
C ALA B 264 -22.63 -10.68 23.82
N GLU B 265 -23.93 -10.87 23.93
CA GLU B 265 -24.75 -9.99 24.75
C GLU B 265 -24.80 -10.48 26.18
N GLY B 266 -24.40 -11.73 26.37
CA GLY B 266 -24.40 -12.35 27.69
C GLY B 266 -23.05 -12.65 28.30
N GLU B 267 -22.79 -13.94 28.51
CA GLU B 267 -21.59 -14.43 29.18
C GLU B 267 -20.27 -13.83 28.65
N LEU B 268 -20.20 -13.59 27.35
CA LEU B 268 -18.94 -13.10 26.76
C LEU B 268 -18.94 -11.63 26.38
N LYS B 269 -19.93 -10.89 26.87
CA LYS B 269 -20.00 -9.45 26.58
C LYS B 269 -18.70 -8.76 26.96
N GLY B 270 -18.16 -7.95 26.06
CA GLY B 270 -16.89 -7.25 26.27
C GLY B 270 -15.71 -7.99 25.65
N ILE B 271 -15.89 -9.29 25.46
CA ILE B 271 -14.87 -10.16 24.87
C ILE B 271 -15.27 -10.52 23.42
N LEU B 272 -16.47 -11.07 23.28
CA LEU B 272 -17.02 -11.43 21.97
C LEU B 272 -18.11 -10.43 21.66
N ALA B 273 -18.10 -9.93 20.42
CA ALA B 273 -19.11 -8.98 19.98
C ALA B 273 -19.74 -9.55 18.72
N TYR B 274 -20.87 -8.97 18.30
CA TYR B 274 -21.62 -9.50 17.18
C TYR B 274 -22.11 -8.36 16.30
N SER B 275 -21.76 -8.43 15.02
CA SER B 275 -22.13 -7.38 14.08
C SER B 275 -22.88 -7.86 12.86
N GLU B 276 -24.00 -7.19 12.53
CA GLU B 276 -24.74 -7.51 11.33
C GLU B 276 -24.52 -6.42 10.28
N GLU B 277 -23.48 -5.61 10.48
CA GLU B 277 -23.14 -4.55 9.52
C GLU B 277 -22.08 -5.04 8.53
N PRO B 278 -22.14 -4.57 7.27
CA PRO B 278 -21.20 -5.01 6.23
C PRO B 278 -19.93 -4.13 6.30
N LEU B 279 -19.11 -4.43 7.30
CA LEU B 279 -17.95 -3.58 7.56
C LEU B 279 -16.65 -4.08 6.95
N VAL B 280 -15.61 -3.26 7.04
CA VAL B 280 -14.33 -3.66 6.49
C VAL B 280 -13.26 -3.45 7.56
N SER B 281 -12.07 -3.99 7.33
CA SER B 281 -11.04 -3.95 8.37
C SER B 281 -10.80 -2.59 9.04
N ARG B 282 -10.77 -1.51 8.26
CA ARG B 282 -10.49 -0.19 8.84
CA ARG B 282 -10.47 -0.20 8.86
C ARG B 282 -11.48 0.17 9.94
N ASP B 283 -12.70 -0.33 9.82
CA ASP B 283 -13.77 -0.02 10.76
C ASP B 283 -13.51 -0.59 12.12
N TYR B 284 -12.62 -1.60 12.19
CA TYR B 284 -12.31 -2.26 13.46
C TYR B 284 -11.03 -1.74 14.06
N ASN B 285 -10.42 -0.74 13.44
CA ASN B 285 -9.19 -0.19 13.97
C ASN B 285 -9.55 0.52 15.30
N GLY B 286 -8.96 0.06 16.39
CA GLY B 286 -9.23 0.58 17.74
C GLY B 286 -10.25 -0.23 18.52
N SER B 287 -10.81 -1.26 17.90
CA SER B 287 -11.78 -2.13 18.57
C SER B 287 -11.09 -2.82 19.77
N THR B 288 -11.72 -2.78 20.96
CA THR B 288 -11.08 -3.33 22.15
C THR B 288 -11.55 -4.75 22.48
N VAL B 289 -12.58 -5.23 21.80
CA VAL B 289 -13.04 -6.61 22.04
C VAL B 289 -12.03 -7.59 21.45
N SER B 290 -12.14 -8.85 21.82
CA SER B 290 -11.21 -9.85 21.29
C SER B 290 -11.67 -10.38 19.95
N SER B 291 -12.95 -10.29 19.70
CA SER B 291 -13.52 -11.01 18.57
C SER B 291 -14.90 -10.42 18.25
N THR B 292 -15.11 -10.05 16.98
CA THR B 292 -16.44 -9.55 16.58
C THR B 292 -16.93 -10.37 15.40
N ILE B 293 -18.02 -11.11 15.63
CA ILE B 293 -18.58 -11.96 14.58
C ILE B 293 -19.11 -11.11 13.44
N ASP B 294 -18.72 -11.46 12.23
CA ASP B 294 -19.23 -10.76 11.04
C ASP B 294 -20.43 -11.64 10.66
N ALA B 295 -21.58 -11.31 11.24
CA ALA B 295 -22.79 -12.16 11.11
C ALA B 295 -23.24 -12.37 9.66
N LEU B 296 -23.00 -11.37 8.82
CA LEU B 296 -23.40 -11.51 7.42
C LEU B 296 -22.64 -12.59 6.68
N SER B 297 -21.45 -12.94 7.16
CA SER B 297 -20.63 -13.94 6.49
C SER B 297 -20.96 -15.39 6.91
N THR B 298 -21.71 -15.55 7.99
CA THR B 298 -22.05 -16.91 8.43
C THR B 298 -22.75 -17.71 7.32
N MET B 299 -22.27 -18.94 7.07
CA MET B 299 -22.93 -19.84 6.12
C MET B 299 -22.91 -21.28 6.60
N VAL B 300 -23.88 -22.07 6.14
CA VAL B 300 -23.95 -23.49 6.53
C VAL B 300 -24.24 -24.35 5.32
N ILE B 301 -23.67 -25.56 5.29
CA ILE B 301 -23.97 -26.52 4.23
C ILE B 301 -24.43 -27.82 4.91
N ASP B 302 -25.53 -28.40 4.43
CA ASP B 302 -26.00 -29.69 4.98
C ASP B 302 -26.26 -29.63 6.49
N GLY B 303 -26.48 -28.42 7.00
CA GLY B 303 -26.74 -28.20 8.41
C GLY B 303 -25.59 -28.63 9.29
N LYS B 304 -24.48 -29.03 8.68
CA LYS B 304 -23.35 -29.52 9.45
C LYS B 304 -22.01 -28.77 9.29
N MET B 305 -21.77 -28.18 8.12
CA MET B 305 -20.50 -27.45 7.91
C MET B 305 -20.82 -25.97 8.02
N VAL B 306 -20.11 -25.26 8.90
CA VAL B 306 -20.41 -23.85 9.11
C VAL B 306 -19.13 -23.03 8.88
N LYS B 307 -19.30 -21.83 8.36
CA LYS B 307 -18.20 -20.88 8.23
C LYS B 307 -18.58 -19.71 9.14
N VAL B 308 -17.67 -19.34 10.04
CA VAL B 308 -17.87 -18.21 10.94
C VAL B 308 -16.64 -17.31 10.75
N VAL B 309 -16.90 -16.03 10.57
CA VAL B 309 -15.83 -15.03 10.31
C VAL B 309 -15.89 -14.06 11.49
N SER B 310 -14.72 -13.70 12.04
CA SER B 310 -14.67 -12.80 13.15
C SER B 310 -13.50 -11.87 13.04
N TRP B 311 -13.80 -10.60 13.29
CA TRP B 311 -12.79 -9.54 13.24
C TRP B 311 -12.03 -9.36 14.53
N TYR B 312 -10.81 -8.84 14.41
CA TYR B 312 -10.09 -8.43 15.61
C TYR B 312 -9.03 -7.43 15.31
N ASP B 313 -8.95 -6.41 16.15
CA ASP B 313 -7.86 -5.46 16.06
C ASP B 313 -6.72 -6.19 16.79
N ASN B 314 -5.77 -6.70 16.01
CA ASN B 314 -4.71 -7.53 16.59
C ASN B 314 -3.83 -6.80 17.60
N GLU B 315 -3.69 -5.48 17.45
CA GLU B 315 -2.92 -4.73 18.45
C GLU B 315 -3.78 -4.37 19.67
N THR B 316 -4.94 -3.78 19.41
CA THR B 316 -5.77 -3.23 20.48
C THR B 316 -6.52 -4.24 21.33
N GLY B 317 -7.24 -5.15 20.69
CA GLY B 317 -8.04 -6.11 21.44
C GLY B 317 -7.15 -6.93 22.35
N TYR B 318 -6.06 -7.45 21.79
CA TYR B 318 -5.11 -8.25 22.57
C TYR B 318 -4.50 -7.44 23.72
N SER B 319 -4.15 -6.19 23.45
CA SER B 319 -3.52 -5.37 24.49
C SER B 319 -4.51 -5.11 25.64
N HIS B 320 -5.79 -4.95 25.30
CA HIS B 320 -6.80 -4.71 26.32
C HIS B 320 -6.96 -5.98 27.14
N ARG B 321 -6.81 -7.12 26.47
CA ARG B 321 -6.87 -8.42 27.18
C ARG B 321 -5.67 -8.60 28.13
N VAL B 322 -4.47 -8.14 27.72
CA VAL B 322 -3.32 -8.19 28.59
C VAL B 322 -3.63 -7.42 29.86
N VAL B 323 -4.18 -6.21 29.67
CA VAL B 323 -4.54 -5.38 30.81
C VAL B 323 -5.59 -6.07 31.67
N ASP B 324 -6.60 -6.70 31.05
CA ASP B 324 -7.64 -7.42 31.80
C ASP B 324 -7.01 -8.56 32.59
N LEU B 325 -6.09 -9.25 31.93
CA LEU B 325 -5.45 -10.37 32.61
C LEU B 325 -4.59 -9.86 33.78
N ALA B 326 -3.88 -8.75 33.61
CA ALA B 326 -3.08 -8.22 34.71
C ALA B 326 -4.02 -7.80 35.89
N ALA B 327 -5.14 -7.18 35.58
CA ALA B 327 -6.06 -6.79 36.66
C ALA B 327 -6.63 -8.04 37.35
N TYR B 328 -6.93 -9.05 36.54
CA TYR B 328 -7.44 -10.31 37.07
C TYR B 328 -6.46 -10.98 38.01
N ILE B 329 -5.20 -11.07 37.56
CA ILE B 329 -4.15 -11.65 38.38
C ILE B 329 -4.00 -10.84 39.68
N ALA B 330 -4.01 -9.52 39.57
CA ALA B 330 -3.87 -8.70 40.77
C ALA B 330 -5.03 -8.97 41.74
N SER B 331 -6.22 -9.21 41.19
CA SER B 331 -7.43 -9.46 41.98
C SER B 331 -7.41 -10.77 42.79
N LYS B 332 -6.58 -11.71 42.37
CA LYS B 332 -6.47 -13.01 43.03
C LYS B 332 -5.37 -13.01 44.09
N GLY B 333 -4.69 -11.88 44.23
CA GLY B 333 -3.67 -11.71 45.25
C GLY B 333 -2.22 -11.85 44.87
N LEU B 334 -1.42 -10.84 45.22
CA LEU B 334 0.02 -10.82 44.95
C LEU B 334 0.79 -10.61 46.26
N ALA C 1 35.56 -10.99 -15.31
N ALA C 1 38.13 -11.74 -16.37
CA ALA C 1 37.01 -10.96 -15.34
CA ALA C 1 37.34 -10.85 -15.51
C ALA C 1 37.57 -10.83 -13.94
C ALA C 1 37.94 -10.68 -14.10
N VAL C 2 37.60 -9.59 -13.44
CA VAL C 2 38.07 -9.34 -12.09
C VAL C 2 37.17 -10.07 -11.11
N LYS C 3 37.78 -10.71 -10.13
CA LYS C 3 37.02 -11.43 -9.12
C LYS C 3 36.47 -10.44 -8.08
N VAL C 4 35.17 -10.56 -7.86
CA VAL C 4 34.48 -9.66 -6.94
C VAL C 4 33.87 -10.44 -5.80
N GLY C 5 33.82 -9.80 -4.62
CA GLY C 5 33.17 -10.37 -3.47
C GLY C 5 32.10 -9.34 -3.04
N ILE C 6 30.92 -9.82 -2.65
CA ILE C 6 29.85 -8.88 -2.21
C ILE C 6 29.62 -9.06 -0.74
N ASN C 7 29.82 -7.99 0.02
CA ASN C 7 29.60 -8.02 1.43
C ASN C 7 28.27 -7.35 1.74
N GLY C 8 27.27 -8.15 2.10
CA GLY C 8 25.92 -7.65 2.38
C GLY C 8 25.10 -7.98 1.11
N PHE C 9 24.50 -9.18 1.09
CA PHE C 9 23.82 -9.68 -0.09
C PHE C 9 22.34 -9.33 -0.01
N GLY C 10 22.06 -8.05 0.06
CA GLY C 10 20.67 -7.58 0.25
C GLY C 10 20.09 -6.94 -0.99
N ARG C 11 19.32 -5.86 -0.86
CA ARG C 11 18.71 -5.25 -2.05
C ARG C 11 19.77 -4.78 -3.06
N ILE C 12 20.80 -4.12 -2.56
CA ILE C 12 21.86 -3.70 -3.46
C ILE C 12 22.80 -4.88 -3.79
N GLY C 13 23.18 -5.67 -2.80
CA GLY C 13 24.07 -6.79 -3.05
C GLY C 13 23.51 -7.75 -4.10
N ARG C 14 22.25 -8.15 -3.96
CA ARG C 14 21.68 -9.06 -4.95
C ARG C 14 21.47 -8.44 -6.32
N ASN C 15 21.13 -7.15 -6.38
CA ASN C 15 20.92 -6.44 -7.64
C ASN C 15 22.26 -6.28 -8.36
N VAL C 16 23.30 -5.93 -7.60
CA VAL C 16 24.66 -5.93 -8.13
C VAL C 16 25.00 -7.32 -8.69
N PHE C 17 24.71 -8.37 -7.91
CA PHE C 17 24.98 -9.72 -8.38
C PHE C 17 24.27 -9.97 -9.72
N ARG C 18 23.00 -9.57 -9.82
CA ARG C 18 22.20 -9.77 -11.03
CA ARG C 18 22.25 -9.81 -11.05
C ARG C 18 22.85 -9.01 -12.22
N ALA C 19 23.26 -7.78 -11.94
CA ALA C 19 23.87 -6.93 -12.95
C ALA C 19 25.18 -7.55 -13.41
N ALA C 20 25.95 -8.09 -12.47
CA ALA C 20 27.24 -8.70 -12.77
C ALA C 20 27.13 -9.92 -13.70
N LEU C 21 26.03 -10.66 -13.59
CA LEU C 21 25.79 -11.84 -14.43
C LEU C 21 25.85 -11.50 -15.91
N LYS C 22 25.49 -10.28 -16.23
CA LYS C 22 25.48 -9.87 -17.61
C LYS C 22 26.59 -8.89 -17.91
N ASN C 23 27.69 -8.95 -17.14
CA ASN C 23 28.88 -8.13 -17.38
C ASN C 23 30.05 -9.09 -17.57
N PRO C 24 30.77 -8.95 -18.69
CA PRO C 24 31.86 -9.88 -18.98
C PRO C 24 33.14 -9.50 -18.24
N ASP C 25 33.21 -8.27 -17.73
CA ASP C 25 34.43 -7.81 -17.07
C ASP C 25 34.58 -8.16 -15.60
N ILE C 26 33.48 -8.50 -14.94
CA ILE C 26 33.55 -8.84 -13.52
C ILE C 26 32.90 -10.17 -13.26
N GLU C 27 33.41 -10.87 -12.25
CA GLU C 27 32.90 -12.17 -11.87
C GLU C 27 32.75 -12.22 -10.36
N VAL C 28 31.50 -12.38 -9.88
CA VAL C 28 31.30 -12.46 -8.44
C VAL C 28 31.59 -13.89 -8.02
N VAL C 29 32.56 -14.08 -7.13
CA VAL C 29 32.92 -15.43 -6.72
C VAL C 29 32.54 -15.77 -5.30
N ALA C 30 32.13 -14.77 -4.52
CA ALA C 30 31.78 -15.05 -3.13
C ALA C 30 30.87 -13.95 -2.62
N VAL C 31 29.99 -14.30 -1.71
CA VAL C 31 29.08 -13.32 -1.07
C VAL C 31 29.13 -13.57 0.42
N ASN C 32 28.91 -12.50 1.19
CA ASN C 32 28.86 -12.65 2.62
C ASN C 32 27.59 -11.99 3.13
N ASP C 33 26.99 -12.63 4.12
CA ASP C 33 25.79 -12.10 4.76
C ASP C 33 25.71 -12.65 6.17
N LEU C 34 24.49 -12.73 6.72
CA LEU C 34 24.32 -13.19 8.09
C LEU C 34 23.38 -14.40 8.12
N THR C 35 23.37 -15.19 7.05
CA THR C 35 22.45 -16.30 7.01
C THR C 35 23.09 -17.48 6.29
N ASP C 36 22.29 -18.48 5.98
CA ASP C 36 22.81 -19.68 5.29
C ASP C 36 22.56 -19.64 3.79
N ALA C 37 23.24 -20.52 3.07
CA ALA C 37 23.12 -20.59 1.63
C ALA C 37 21.68 -20.80 1.16
N ASN C 38 20.96 -21.67 1.86
CA ASN C 38 19.59 -21.98 1.49
C ASN C 38 18.76 -20.70 1.43
N THR C 39 18.93 -19.87 2.46
CA THR C 39 18.18 -18.61 2.53
C THR C 39 18.59 -17.64 1.46
N LEU C 40 19.90 -17.49 1.24
CA LEU C 40 20.39 -16.56 0.22
C LEU C 40 19.94 -17.05 -1.16
N ALA C 41 19.98 -18.37 -1.37
CA ALA C 41 19.53 -18.91 -2.66
C ALA C 41 18.03 -18.58 -2.91
N HIS C 42 17.23 -18.74 -1.87
CA HIS C 42 15.78 -18.51 -2.01
C HIS C 42 15.51 -17.03 -2.31
N LEU C 43 16.22 -16.16 -1.59
CA LEU C 43 16.06 -14.71 -1.80
C LEU C 43 16.53 -14.31 -3.18
N LEU C 44 17.59 -14.95 -3.67
CA LEU C 44 18.10 -14.60 -4.99
C LEU C 44 17.12 -15.10 -6.08
N LYS C 45 16.49 -16.24 -5.87
CA LYS C 45 15.58 -16.80 -6.90
C LYS C 45 14.27 -16.02 -7.05
N TYR C 46 13.70 -15.63 -5.91
CA TYR C 46 12.39 -14.96 -5.92
C TYR C 46 12.48 -13.59 -5.30
N ASP C 47 12.24 -12.57 -6.12
CA ASP C 47 12.33 -11.20 -5.64
C ASP C 47 10.98 -10.51 -5.75
N SER C 48 10.54 -9.92 -4.64
CA SER C 48 9.23 -9.27 -4.61
C SER C 48 9.12 -8.09 -5.54
N VAL C 49 10.26 -7.47 -5.86
CA VAL C 49 10.26 -6.28 -6.72
C VAL C 49 10.64 -6.61 -8.17
N HIS C 50 11.70 -7.39 -8.32
CA HIS C 50 12.24 -7.72 -9.63
C HIS C 50 11.84 -9.04 -10.26
N GLY C 51 11.03 -9.81 -9.56
CA GLY C 51 10.53 -11.07 -10.08
C GLY C 51 11.53 -12.22 -9.99
N ARG C 52 11.25 -13.28 -10.74
CA ARG C 52 12.08 -14.53 -10.71
C ARG C 52 13.44 -14.24 -11.35
N LEU C 53 14.49 -14.73 -10.73
CA LEU C 53 15.85 -14.57 -11.28
C LEU C 53 15.94 -15.33 -12.62
N ASP C 54 16.47 -14.67 -13.64
CA ASP C 54 16.63 -15.24 -14.98
C ASP C 54 17.91 -16.08 -14.98
N ALA C 55 17.91 -17.18 -14.23
CA ALA C 55 19.10 -18.03 -14.05
C ALA C 55 18.70 -19.24 -13.25
N GLU C 56 19.54 -20.28 -13.27
CA GLU C 56 19.29 -21.47 -12.49
C GLU C 56 20.10 -21.36 -11.21
N VAL C 57 19.43 -21.50 -10.09
CA VAL C 57 20.08 -21.37 -8.79
C VAL C 57 19.87 -22.63 -7.98
N SER C 58 20.91 -23.07 -7.28
CA SER C 58 20.78 -24.21 -6.39
C SER C 58 21.80 -24.02 -5.26
N VAL C 59 21.79 -24.94 -4.31
CA VAL C 59 22.74 -24.91 -3.20
C VAL C 59 23.59 -26.19 -3.25
N ASN C 60 24.89 -26.02 -3.07
CA ASN C 60 25.79 -27.16 -3.00
C ASN C 60 26.63 -26.98 -1.76
N GLY C 61 26.32 -27.78 -0.75
CA GLY C 61 27.01 -27.69 0.52
C GLY C 61 26.67 -26.36 1.14
N ASN C 62 27.70 -25.57 1.39
CA ASN C 62 27.47 -24.28 2.02
C ASN C 62 27.46 -23.13 1.02
N ASN C 63 27.51 -23.46 -0.28
CA ASN C 63 27.65 -22.48 -1.36
C ASN C 63 26.45 -22.37 -2.30
N LEU C 64 26.40 -21.27 -3.05
CA LEU C 64 25.35 -21.11 -4.06
C LEU C 64 25.91 -21.67 -5.35
N VAL C 65 25.03 -22.13 -6.22
CA VAL C 65 25.42 -22.56 -7.57
C VAL C 65 24.51 -21.77 -8.48
N VAL C 66 25.08 -20.89 -9.29
CA VAL C 66 24.29 -20.07 -10.19
C VAL C 66 24.80 -20.27 -11.60
N ASN C 67 23.94 -20.81 -12.47
CA ASN C 67 24.29 -21.08 -13.86
C ASN C 67 25.52 -21.98 -13.84
N GLY C 68 25.53 -22.96 -12.96
CA GLY C 68 26.62 -23.90 -12.85
C GLY C 68 27.90 -23.41 -12.18
N LYS C 69 27.98 -22.12 -11.84
CA LYS C 69 29.16 -21.55 -11.21
C LYS C 69 28.95 -21.53 -9.70
N GLU C 70 29.92 -22.04 -8.96
CA GLU C 70 29.80 -22.04 -7.52
C GLU C 70 30.14 -20.66 -6.95
N ILE C 71 29.28 -20.16 -6.07
CA ILE C 71 29.53 -18.86 -5.42
C ILE C 71 29.70 -19.18 -3.94
N ILE C 72 30.86 -18.84 -3.39
CA ILE C 72 31.14 -19.15 -2.02
C ILE C 72 30.29 -18.29 -1.12
N VAL C 73 29.65 -18.92 -0.13
CA VAL C 73 28.83 -18.19 0.85
C VAL C 73 29.56 -18.11 2.16
N LYS C 74 29.75 -16.89 2.63
CA LYS C 74 30.35 -16.63 3.94
C LYS C 74 29.25 -16.08 4.85
N ALA C 75 29.46 -16.18 6.16
CA ALA C 75 28.51 -15.61 7.13
C ALA C 75 29.33 -15.04 8.28
N GLU C 76 30.18 -14.06 7.97
CA GLU C 76 31.05 -13.40 8.93
C GLU C 76 30.58 -11.97 9.22
N ARG C 77 30.13 -11.73 10.44
CA ARG C 77 29.67 -10.40 10.83
C ARG C 77 30.79 -9.36 10.80
N ASP C 78 32.00 -9.80 11.13
CA ASP C 78 33.19 -8.96 11.17
C ASP C 78 33.97 -9.15 9.88
N PRO C 79 34.08 -8.10 9.08
CA PRO C 79 34.75 -8.21 7.79
C PRO C 79 36.21 -8.62 7.86
N GLU C 80 36.82 -8.50 9.05
CA GLU C 80 38.23 -8.85 9.15
CA GLU C 80 38.23 -8.85 9.18
C GLU C 80 38.42 -10.35 8.98
N ASN C 81 37.34 -11.10 9.23
CA ASN C 81 37.40 -12.54 9.09
C ASN C 81 37.05 -13.06 7.70
N LEU C 82 36.98 -12.19 6.70
CA LEU C 82 36.52 -12.59 5.38
C LEU C 82 37.48 -13.35 4.47
N ALA C 83 38.78 -13.23 4.74
CA ALA C 83 39.80 -13.96 3.96
C ALA C 83 39.60 -13.86 2.46
N TRP C 84 39.34 -12.65 1.96
CA TRP C 84 39.12 -12.41 0.54
C TRP C 84 40.35 -12.78 -0.30
N GLY C 85 41.52 -12.42 0.22
CA GLY C 85 42.77 -12.67 -0.48
C GLY C 85 42.98 -14.14 -0.80
N GLU C 86 42.55 -15.00 0.11
CA GLU C 86 42.75 -16.43 -0.04
C GLU C 86 42.05 -16.97 -1.28
N ILE C 87 40.94 -16.31 -1.66
CA ILE C 87 40.15 -16.77 -2.81
C ILE C 87 40.30 -15.90 -4.03
N GLY C 88 41.30 -15.01 -3.98
CA GLY C 88 41.59 -14.18 -5.13
C GLY C 88 40.63 -13.04 -5.37
N VAL C 89 39.83 -12.69 -4.37
CA VAL C 89 38.90 -11.57 -4.52
C VAL C 89 39.66 -10.27 -4.53
N ASP C 90 39.55 -9.51 -5.63
CA ASP C 90 40.25 -8.26 -5.71
C ASP C 90 39.39 -7.05 -5.33
N ILE C 91 38.12 -7.08 -5.73
CA ILE C 91 37.23 -5.94 -5.43
C ILE C 91 36.11 -6.40 -4.54
N VAL C 92 35.85 -5.66 -3.45
CA VAL C 92 34.76 -6.02 -2.59
C VAL C 92 33.72 -4.91 -2.71
N VAL C 93 32.47 -5.31 -2.90
CA VAL C 93 31.36 -4.34 -2.90
C VAL C 93 30.84 -4.41 -1.46
N GLU C 94 30.95 -3.29 -0.75
CA GLU C 94 30.55 -3.21 0.65
C GLU C 94 29.14 -2.63 0.70
N SER C 95 28.18 -3.54 0.78
CA SER C 95 26.76 -3.19 0.71
C SER C 95 25.96 -3.68 1.92
N THR C 96 26.58 -3.71 3.10
CA THR C 96 25.86 -4.07 4.28
C THR C 96 25.14 -2.85 4.86
N GLY C 97 25.65 -1.65 4.58
CA GLY C 97 25.15 -0.41 5.18
C GLY C 97 25.77 -0.17 6.57
N ARG C 98 26.63 -1.07 7.03
CA ARG C 98 27.23 -0.94 8.36
C ARG C 98 28.66 -0.41 8.35
N PHE C 99 29.28 -0.45 7.18
CA PHE C 99 30.71 -0.17 7.07
C PHE C 99 31.02 0.93 6.08
N THR C 100 30.34 2.06 6.23
CA THR C 100 30.51 3.20 5.35
C THR C 100 31.65 4.08 5.80
N LYS C 101 32.18 3.88 7.00
CA LYS C 101 33.36 4.66 7.42
CA LYS C 101 33.37 4.65 7.43
C LYS C 101 34.60 3.91 6.91
N ARG C 102 35.60 4.65 6.49
CA ARG C 102 36.83 4.02 5.98
C ARG C 102 37.44 2.98 6.90
N GLU C 103 37.52 3.31 8.19
CA GLU C 103 38.15 2.36 9.10
C GLU C 103 37.43 1.03 9.15
N ASP C 104 36.14 1.02 8.83
CA ASP C 104 35.44 -0.24 8.77
C ASP C 104 35.61 -0.86 7.38
N ALA C 105 35.39 -0.07 6.32
CA ALA C 105 35.44 -0.61 4.95
C ALA C 105 36.84 -1.18 4.69
N ALA C 106 37.86 -0.48 5.22
CA ALA C 106 39.23 -0.90 4.99
C ALA C 106 39.56 -2.27 5.57
N LYS C 107 38.69 -2.80 6.42
CA LYS C 107 38.92 -4.14 6.98
C LYS C 107 38.94 -5.18 5.86
N HIS C 108 38.23 -4.89 4.77
CA HIS C 108 38.22 -5.83 3.64
C HIS C 108 39.63 -5.90 3.05
N LEU C 109 40.32 -4.77 3.05
CA LEU C 109 41.68 -4.71 2.53
C LEU C 109 42.59 -5.49 3.43
N GLU C 110 42.42 -5.35 4.75
CA GLU C 110 43.22 -6.12 5.70
C GLU C 110 42.97 -7.61 5.41
N ALA C 111 41.74 -7.95 5.02
CA ALA C 111 41.38 -9.33 4.73
C ALA C 111 41.84 -9.80 3.35
N GLY C 112 42.59 -8.97 2.64
CA GLY C 112 43.13 -9.42 1.37
C GLY C 112 42.59 -8.84 0.05
N ALA C 113 41.53 -8.05 0.11
CA ALA C 113 41.02 -7.46 -1.12
C ALA C 113 41.92 -6.31 -1.47
N LYS C 114 41.89 -5.87 -2.71
CA LYS C 114 42.74 -4.77 -3.20
CA LYS C 114 42.73 -4.76 -3.12
CA LYS C 114 42.74 -4.76 -3.10
C LYS C 114 41.93 -3.47 -3.20
N LYS C 115 40.61 -3.62 -3.44
CA LYS C 115 39.77 -2.44 -3.51
C LYS C 115 38.43 -2.72 -2.84
N VAL C 116 37.82 -1.66 -2.31
CA VAL C 116 36.48 -1.73 -1.73
C VAL C 116 35.59 -0.63 -2.35
N ILE C 117 34.39 -1.00 -2.78
CA ILE C 117 33.44 0.00 -3.26
C ILE C 117 32.37 0.03 -2.18
N ILE C 118 32.22 1.18 -1.52
CA ILE C 118 31.17 1.33 -0.52
C ILE C 118 29.91 1.74 -1.30
N SER C 119 28.82 0.99 -1.15
CA SER C 119 27.61 1.24 -1.93
C SER C 119 26.74 2.35 -1.29
N ALA C 120 27.37 3.41 -0.81
CA ALA C 120 26.63 4.46 -0.13
C ALA C 120 27.60 5.61 0.11
N PRO C 121 27.07 6.78 0.45
CA PRO C 121 27.91 7.90 0.85
C PRO C 121 28.75 7.38 1.98
N ALA C 122 30.00 7.83 2.05
CA ALA C 122 30.93 7.32 3.01
C ALA C 122 31.54 8.43 3.85
N LYS C 123 32.32 8.01 4.84
CA LYS C 123 33.10 8.91 5.67
C LYS C 123 34.58 8.55 5.56
N ASN C 124 35.39 9.54 5.25
CA ASN C 124 36.85 9.40 5.19
C ASN C 124 37.28 8.52 4.04
N GLU C 125 36.41 8.31 3.03
CA GLU C 125 36.74 7.44 1.88
C GLU C 125 37.84 8.10 1.08
N ASP C 126 38.54 7.31 0.28
CA ASP C 126 39.62 7.85 -0.56
C ASP C 126 39.06 8.73 -1.66
N ILE C 127 37.93 8.31 -2.23
CA ILE C 127 37.31 9.13 -3.23
C ILE C 127 35.87 8.67 -3.41
N THR C 128 35.05 9.60 -3.85
CA THR C 128 33.63 9.32 -4.15
C THR C 128 33.46 9.54 -5.64
N ILE C 129 32.91 8.54 -6.31
CA ILE C 129 32.76 8.60 -7.74
C ILE C 129 31.28 8.43 -8.13
N VAL C 130 30.90 9.21 -9.13
CA VAL C 130 29.63 9.05 -9.83
C VAL C 130 29.99 8.82 -11.30
N MET C 131 29.69 7.61 -11.79
CA MET C 131 29.97 7.26 -13.18
C MET C 131 29.26 8.19 -14.13
N GLY C 132 30.03 8.62 -15.13
CA GLY C 132 29.57 9.58 -16.12
C GLY C 132 29.88 11.00 -15.68
N VAL C 133 30.24 11.17 -14.40
CA VAL C 133 30.52 12.50 -13.87
C VAL C 133 31.98 12.74 -13.51
N ASN C 134 32.60 11.83 -12.78
CA ASN C 134 34.00 12.07 -12.39
C ASN C 134 34.85 10.80 -12.23
N GLN C 135 34.51 9.73 -12.95
CA GLN C 135 35.30 8.51 -12.79
C GLN C 135 36.80 8.78 -13.17
N ASP C 136 37.04 9.76 -14.04
CA ASP C 136 38.40 10.12 -14.46
CA ASP C 136 38.41 10.04 -14.43
C ASP C 136 39.26 10.58 -13.27
N LYS C 137 38.60 10.99 -12.19
CA LYS C 137 39.29 11.43 -10.99
C LYS C 137 39.82 10.25 -10.20
N TYR C 138 39.33 9.04 -10.47
CA TYR C 138 39.81 7.87 -9.76
C TYR C 138 41.31 7.67 -10.03
N ASP C 139 42.06 7.32 -9.00
CA ASP C 139 43.51 7.09 -9.12
C ASP C 139 43.80 5.71 -8.58
N PRO C 140 44.26 4.79 -9.46
CA PRO C 140 44.49 3.39 -9.08
C PRO C 140 45.52 3.19 -7.96
N LYS C 141 46.44 4.11 -7.82
CA LYS C 141 47.42 3.99 -6.75
C LYS C 141 46.90 4.58 -5.44
N ALA C 142 46.26 5.74 -5.55
CA ALA C 142 45.86 6.48 -4.35
C ALA C 142 44.52 6.05 -3.73
N HIS C 143 43.65 5.47 -4.54
CA HIS C 143 42.28 5.19 -4.07
C HIS C 143 41.93 3.73 -3.96
N HIS C 144 41.91 3.23 -2.73
CA HIS C 144 41.56 1.84 -2.46
C HIS C 144 40.11 1.68 -1.92
N VAL C 145 39.63 2.69 -1.15
CA VAL C 145 38.29 2.66 -0.55
C VAL C 145 37.52 3.74 -1.25
N ILE C 146 36.58 3.33 -2.10
CA ILE C 146 35.89 4.25 -2.97
C ILE C 146 34.39 4.18 -2.69
N SER C 147 33.74 5.34 -2.60
CA SER C 147 32.28 5.36 -2.43
C SER C 147 31.65 5.60 -3.79
N ASN C 148 30.53 4.91 -4.06
CA ASN C 148 29.80 5.13 -5.32
C ASN C 148 28.66 6.13 -5.08
N ALA C 149 28.73 6.85 -3.97
CA ALA C 149 27.74 7.84 -3.59
C ALA C 149 26.38 7.16 -3.32
N SER C 150 25.30 7.94 -3.41
CA SER C 150 23.97 7.40 -3.17
C SER C 150 23.24 7.28 -4.50
N CYS C 151 22.09 6.59 -4.48
CA CYS C 151 21.28 6.48 -5.67
C CYS C 151 20.78 7.89 -6.08
N THR C 152 20.38 8.72 -5.11
CA THR C 152 19.89 10.06 -5.46
C THR C 152 20.96 10.92 -6.11
N THR C 153 22.16 10.84 -5.56
CA THR C 153 23.29 11.59 -6.14
C THR C 153 23.59 11.14 -7.56
N ASN C 154 23.50 9.83 -7.78
CA ASN C 154 23.68 9.28 -9.11
C ASN C 154 22.59 9.74 -10.09
N CYS C 155 21.42 10.08 -9.55
CA CYS C 155 20.34 10.56 -10.40
C CYS C 155 20.56 12.04 -10.71
N LEU C 156 20.84 12.82 -9.68
CA LEU C 156 20.95 14.27 -9.83
C LEU C 156 22.25 14.71 -10.51
N ALA C 157 23.38 14.16 -10.07
CA ALA C 157 24.66 14.66 -10.62
C ALA C 157 24.78 14.67 -12.15
N PRO C 158 24.31 13.60 -12.83
CA PRO C 158 24.49 13.63 -14.28
C PRO C 158 23.73 14.76 -14.95
N PHE C 159 22.50 15.05 -14.55
CA PHE C 159 21.83 16.18 -15.19
C PHE C 159 22.21 17.53 -14.62
N ALA C 160 22.70 17.56 -13.39
CA ALA C 160 23.21 18.81 -12.81
C ALA C 160 24.46 19.18 -13.60
N LYS C 161 25.27 18.18 -13.94
CA LYS C 161 26.47 18.39 -14.76
C LYS C 161 26.06 19.13 -16.05
N VAL C 162 25.05 18.60 -16.73
CA VAL C 162 24.56 19.15 -18.00
C VAL C 162 24.04 20.57 -17.84
N LEU C 163 23.18 20.80 -16.85
CA LEU C 163 22.61 22.12 -16.64
C LEU C 163 23.72 23.12 -16.34
N HIS C 164 24.64 22.72 -15.47
CA HIS C 164 25.70 23.63 -15.07
C HIS C 164 26.60 23.99 -16.25
N GLU C 165 27.03 22.98 -16.99
CA GLU C 165 27.89 23.19 -18.13
C GLU C 165 27.25 24.04 -19.22
N GLN C 166 25.96 23.79 -19.50
CA GLN C 166 25.27 24.48 -20.57
C GLN C 166 24.70 25.86 -20.22
N PHE C 167 24.20 26.00 -19.00
CA PHE C 167 23.54 27.23 -18.59
C PHE C 167 24.08 27.85 -17.33
N GLY C 168 24.80 27.06 -16.54
CA GLY C 168 25.36 27.48 -15.26
C GLY C 168 24.32 27.54 -14.16
N ILE C 169 24.56 26.78 -13.10
CA ILE C 169 23.65 26.78 -11.98
C ILE C 169 24.12 27.78 -10.95
N VAL C 170 23.22 28.67 -10.58
CA VAL C 170 23.50 29.66 -9.57
C VAL C 170 23.30 29.04 -8.22
N ARG C 171 22.14 28.41 -8.04
CA ARG C 171 21.84 27.72 -6.80
C ARG C 171 20.58 26.88 -7.10
N GLY C 172 20.32 25.84 -6.30
CA GLY C 172 19.14 25.05 -6.60
C GLY C 172 18.77 24.16 -5.44
N MET C 173 17.52 23.73 -5.40
CA MET C 173 17.10 22.91 -4.28
C MET C 173 16.32 21.75 -4.86
N MET C 174 16.49 20.58 -4.25
CA MET C 174 15.79 19.43 -4.76
C MET C 174 14.96 18.76 -3.67
N THR C 175 14.10 17.90 -4.12
CA THR C 175 13.38 16.99 -3.22
C THR C 175 13.37 15.72 -4.04
N THR C 176 13.65 14.58 -3.39
CA THR C 176 13.45 13.31 -4.07
C THR C 176 12.26 12.65 -3.41
N VAL C 177 11.27 12.28 -4.23
CA VAL C 177 10.11 11.52 -3.75
C VAL C 177 10.61 10.11 -3.97
N HIS C 178 10.83 9.41 -2.86
CA HIS C 178 11.64 8.21 -2.90
C HIS C 178 10.95 7.00 -2.31
N SER C 179 11.11 5.85 -2.95
CA SER C 179 10.54 4.58 -2.44
C SER C 179 11.08 4.26 -1.06
N TYR C 180 10.33 3.52 -0.25
CA TYR C 180 10.87 3.18 1.04
C TYR C 180 12.00 2.16 0.90
N THR C 181 12.86 2.09 1.92
CA THR C 181 13.98 1.14 1.93
C THR C 181 14.02 0.39 3.24
N ASN C 182 14.94 -0.56 3.30
CA ASN C 182 15.13 -1.34 4.52
C ASN C 182 15.68 -0.57 5.72
N ASP C 183 16.07 0.69 5.50
CA ASP C 183 16.50 1.51 6.63
C ASP C 183 15.29 2.07 7.39
N GLN C 184 14.11 1.89 6.85
CA GLN C 184 12.89 2.38 7.50
C GLN C 184 12.29 1.37 8.48
N ARG C 185 11.01 1.54 8.84
CA ARG C 185 10.38 0.61 9.82
C ARG C 185 9.01 0.24 9.31
N ILE C 186 8.59 -1.00 9.60
CA ILE C 186 7.28 -1.54 9.19
C ILE C 186 6.19 -0.82 9.99
N LEU C 187 6.28 -0.91 11.32
CA LEU C 187 5.33 -0.19 12.18
C LEU C 187 6.09 0.51 13.32
N ASP C 188 5.96 1.83 13.38
CA ASP C 188 6.59 2.73 14.37
C ASP C 188 7.52 2.07 15.39
N LEU C 189 8.82 2.15 15.11
CA LEU C 189 9.82 1.51 15.96
C LEU C 189 10.94 2.54 16.12
N PRO C 190 11.74 2.38 17.17
CA PRO C 190 12.87 3.30 17.36
C PRO C 190 13.78 3.41 16.16
N HIS C 191 14.19 4.64 15.89
CA HIS C 191 15.11 4.97 14.81
C HIS C 191 15.75 6.26 15.24
N LYS C 192 17.03 6.46 14.89
CA LYS C 192 17.71 7.72 15.21
C LYS C 192 16.98 8.86 14.49
N ASP C 193 16.37 8.55 13.35
CA ASP C 193 15.64 9.58 12.59
C ASP C 193 14.18 9.35 12.94
N LEU C 194 13.62 10.28 13.73
CA LEU C 194 12.25 10.10 14.21
C LEU C 194 11.19 10.00 13.13
N ARG C 195 11.52 10.46 11.93
CA ARG C 195 10.57 10.32 10.82
C ARG C 195 10.67 8.91 10.25
N ARG C 196 11.88 8.45 10.07
CA ARG C 196 12.11 7.09 9.54
C ARG C 196 11.68 6.01 10.55
N ALA C 197 11.38 6.40 11.78
CA ALA C 197 10.87 5.43 12.76
C ALA C 197 9.44 4.99 12.38
N ARG C 198 8.74 5.83 11.61
CA ARG C 198 7.31 5.63 11.34
C ARG C 198 6.91 4.69 10.21
N ALA C 199 5.79 4.00 10.36
CA ALA C 199 5.30 3.02 9.39
C ALA C 199 5.53 3.42 7.95
N ALA C 200 6.45 2.71 7.30
CA ALA C 200 6.93 3.10 5.96
C ALA C 200 5.85 3.09 4.90
N ALA C 201 5.00 2.09 4.95
CA ALA C 201 4.00 1.97 3.89
C ALA C 201 2.70 2.77 4.14
N GLU C 202 2.67 3.55 5.22
CA GLU C 202 1.45 4.27 5.60
C GLU C 202 1.53 5.77 5.39
N SER C 203 2.73 6.31 5.26
CA SER C 203 2.87 7.77 5.18
C SER C 203 3.88 8.29 4.16
N ILE C 204 3.72 9.59 3.88
CA ILE C 204 4.71 10.41 3.22
C ILE C 204 5.60 10.84 4.38
N ILE C 205 6.88 10.55 4.26
CA ILE C 205 7.83 10.74 5.34
C ILE C 205 9.00 11.63 4.94
N PRO C 206 9.00 12.88 5.41
CA PRO C 206 10.15 13.74 5.11
C PRO C 206 11.37 13.18 5.81
N THR C 207 12.51 13.29 5.13
N THR C 207 12.51 13.27 5.12
CA THR C 207 13.77 12.87 5.71
CA THR C 207 13.75 12.81 5.68
C THR C 207 14.91 13.64 5.06
C THR C 207 14.94 13.31 4.86
N THR C 208 15.93 13.97 5.86
N THR C 208 16.11 12.72 5.10
CA THR C 208 17.05 14.74 5.35
CA THR C 208 17.35 13.10 4.45
C THR C 208 17.84 13.97 4.33
C THR C 208 17.61 12.40 3.12
N THR C 209 18.47 14.69 3.42
N THR C 209 18.40 13.07 2.28
CA THR C 209 19.33 14.02 2.45
CA THR C 209 18.89 12.51 1.04
C THR C 209 20.60 14.82 2.23
C THR C 209 20.39 12.71 0.92
N GLY C 210 21.75 14.13 2.17
N GLY C 210 21.13 11.65 0.64
CA GLY C 210 23.01 14.78 1.89
CA GLY C 210 22.57 11.73 0.50
C GLY C 210 23.28 14.72 0.40
C GLY C 210 22.99 12.70 -0.59
N ALA C 211 22.32 14.21 -0.36
N ALA C 211 22.07 12.96 -1.53
CA ALA C 211 22.48 14.00 -1.80
CA ALA C 211 22.34 13.85 -2.65
C ALA C 211 22.82 15.24 -2.62
C ALA C 211 22.49 15.32 -2.27
N ALA C 212 22.13 16.34 -2.37
N ALA C 212 21.95 15.69 -1.12
CA ALA C 212 22.36 17.54 -3.15
CA ALA C 212 22.04 17.07 -0.66
C ALA C 212 23.71 18.15 -2.76
C ALA C 212 23.53 17.33 -0.39
N LYS C 213 24.04 18.10 -1.49
N LYS C 213 24.09 18.30 -1.08
CA LYS C 213 25.34 18.60 -1.05
CA LYS C 213 25.51 18.63 -0.89
C LYS C 213 26.46 17.67 -1.55
C LYS C 213 26.54 17.65 -1.47
N ALA C 214 26.18 16.37 -1.60
CA ALA C 214 27.12 15.36 -2.10
C ALA C 214 27.41 15.49 -3.59
N VAL C 215 26.56 16.21 -4.31
CA VAL C 215 26.82 16.41 -5.72
C VAL C 215 28.18 17.16 -5.82
N ALA C 216 28.50 17.97 -4.81
CA ALA C 216 29.74 18.75 -4.77
C ALA C 216 30.99 17.90 -4.75
N LEU C 217 30.88 16.68 -4.25
CA LEU C 217 32.01 15.76 -4.24
C LEU C 217 32.40 15.39 -5.67
N VAL C 218 31.43 15.36 -6.56
CA VAL C 218 31.70 14.96 -7.93
C VAL C 218 31.69 16.13 -8.91
N LEU C 219 31.08 17.23 -8.48
CA LEU C 219 31.01 18.46 -9.26
C LEU C 219 31.42 19.60 -8.33
N PRO C 220 32.72 19.69 -8.02
CA PRO C 220 33.22 20.71 -7.08
C PRO C 220 32.72 22.13 -7.33
N GLU C 221 32.47 22.46 -8.58
CA GLU C 221 31.98 23.80 -8.93
C GLU C 221 30.64 24.12 -8.29
N LEU C 222 29.93 23.08 -7.89
CA LEU C 222 28.60 23.25 -7.30
C LEU C 222 28.61 23.23 -5.78
N LYS C 223 29.81 23.26 -5.18
CA LYS C 223 29.90 23.33 -3.73
C LYS C 223 29.08 24.50 -3.17
N GLY C 224 28.26 24.22 -2.16
CA GLY C 224 27.41 25.20 -1.50
C GLY C 224 26.26 25.77 -2.34
N LYS C 225 26.06 25.24 -3.53
CA LYS C 225 25.03 25.76 -4.42
C LYS C 225 23.72 24.95 -4.41
N LEU C 226 23.76 23.79 -3.79
CA LEU C 226 22.59 22.90 -3.77
C LEU C 226 22.24 22.40 -2.37
N ASN C 227 20.98 22.07 -2.17
CA ASN C 227 20.59 21.40 -0.95
C ASN C 227 19.25 20.80 -1.26
N GLY C 228 18.74 19.99 -0.36
CA GLY C 228 17.44 19.41 -0.60
C GLY C 228 17.10 18.39 0.46
N MET C 229 16.01 17.67 0.19
CA MET C 229 15.49 16.70 1.16
C MET C 229 14.85 15.55 0.39
N ALA C 230 14.38 14.58 1.15
CA ALA C 230 13.69 13.45 0.57
C ALA C 230 12.30 13.35 1.20
N MET C 231 11.43 12.63 0.51
CA MET C 231 10.11 12.33 1.01
CA MET C 231 10.08 12.35 0.98
C MET C 231 9.91 10.87 0.67
N ARG C 232 10.04 10.04 1.69
CA ARG C 232 9.88 8.59 1.51
C ARG C 232 8.37 8.31 1.44
N VAL C 233 7.97 7.48 0.49
CA VAL C 233 6.56 7.21 0.27
C VAL C 233 6.30 5.72 0.11
N PRO C 234 5.00 5.33 0.13
CA PRO C 234 4.68 3.91 0.13
C PRO C 234 4.76 3.17 -1.20
N THR C 235 5.93 3.20 -1.80
CA THR C 235 6.20 2.38 -3.02
C THR C 235 7.47 1.64 -2.65
N PRO C 236 7.63 0.42 -3.17
CA PRO C 236 8.75 -0.41 -2.73
C PRO C 236 10.04 -0.23 -3.54
N ASN C 237 9.96 0.45 -4.68
CA ASN C 237 11.16 0.75 -5.47
C ASN C 237 10.78 1.79 -6.52
N VAL C 238 11.80 2.55 -6.93
CA VAL C 238 11.73 3.62 -7.92
C VAL C 238 11.48 4.97 -7.22
N SER C 239 12.28 5.96 -7.61
CA SER C 239 12.27 7.25 -6.96
C SER C 239 12.39 8.32 -8.04
N VAL C 240 12.18 9.58 -7.67
CA VAL C 240 12.21 10.66 -8.65
C VAL C 240 12.78 11.94 -7.99
N VAL C 241 13.75 12.54 -8.67
CA VAL C 241 14.37 13.79 -8.21
C VAL C 241 13.63 14.94 -8.87
N ASP C 242 13.35 15.97 -8.06
CA ASP C 242 12.65 17.18 -8.50
C ASP C 242 13.60 18.36 -8.14
N LEU C 243 14.31 18.89 -9.14
CA LEU C 243 15.29 19.96 -8.88
C LEU C 243 14.68 21.30 -9.35
N VAL C 244 14.77 22.33 -8.52
CA VAL C 244 14.34 23.68 -8.91
C VAL C 244 15.64 24.51 -8.82
N ALA C 245 16.07 25.07 -9.93
CA ALA C 245 17.36 25.78 -9.92
C ALA C 245 17.26 27.12 -10.63
N GLU C 246 18.12 28.03 -10.18
CA GLU C 246 18.25 29.35 -10.82
C GLU C 246 19.46 29.19 -11.72
N LEU C 247 19.33 29.61 -12.98
CA LEU C 247 20.42 29.47 -13.94
C LEU C 247 21.07 30.81 -14.25
N GLU C 248 22.28 30.73 -14.80
CA GLU C 248 22.99 31.94 -15.17
C GLU C 248 22.49 32.47 -16.50
N LYS C 249 22.35 31.58 -17.49
CA LYS C 249 21.86 31.92 -18.82
C LYS C 249 20.35 31.85 -18.92
N GLU C 250 19.77 32.73 -19.73
CA GLU C 250 18.33 32.73 -19.96
C GLU C 250 18.01 31.53 -20.85
N VAL C 251 16.96 30.78 -20.51
CA VAL C 251 16.63 29.60 -21.26
C VAL C 251 15.14 29.48 -21.49
N THR C 252 14.78 28.59 -22.41
CA THR C 252 13.40 28.19 -22.61
C THR C 252 13.32 26.72 -22.21
N VAL C 253 12.10 26.23 -22.02
CA VAL C 253 11.90 24.82 -21.74
C VAL C 253 12.51 24.01 -22.87
N GLU C 254 12.23 24.40 -24.12
CA GLU C 254 12.74 23.70 -25.28
C GLU C 254 14.25 23.53 -25.27
N GLU C 255 14.96 24.57 -24.83
CA GLU C 255 16.41 24.55 -24.81
C GLU C 255 16.95 23.62 -23.71
N VAL C 256 16.31 23.68 -22.56
CA VAL C 256 16.70 22.83 -21.44
C VAL C 256 16.50 21.39 -21.85
N ASN C 257 15.30 21.06 -22.33
CA ASN C 257 15.02 19.69 -22.75
C ASN C 257 15.95 19.24 -23.89
N ALA C 258 16.24 20.13 -24.83
CA ALA C 258 17.13 19.81 -25.95
C ALA C 258 18.54 19.48 -25.50
N ALA C 259 19.05 20.21 -24.51
CA ALA C 259 20.38 19.99 -23.96
C ALA C 259 20.44 18.66 -23.23
N LEU C 260 19.37 18.38 -22.46
CA LEU C 260 19.26 17.13 -21.71
C LEU C 260 19.20 15.95 -22.66
N LYS C 261 18.35 16.07 -23.70
CA LYS C 261 18.23 15.04 -24.71
C LYS C 261 19.58 14.81 -25.39
N ALA C 262 20.30 15.89 -25.71
CA ALA C 262 21.60 15.77 -26.38
C ALA C 262 22.60 14.99 -25.53
N ALA C 263 22.64 15.30 -24.25
CA ALA C 263 23.59 14.63 -23.34
C ALA C 263 23.24 13.15 -23.21
N ALA C 264 21.94 12.85 -23.16
CA ALA C 264 21.45 11.47 -23.03
C ALA C 264 21.80 10.61 -24.23
N GLU C 265 21.75 11.23 -25.40
CA GLU C 265 22.01 10.50 -26.62
C GLU C 265 23.47 10.50 -26.96
N GLY C 266 24.21 11.41 -26.30
CA GLY C 266 25.64 11.56 -26.51
C GLY C 266 26.52 11.13 -25.36
N GLU C 267 27.27 12.10 -24.82
CA GLU C 267 28.26 11.87 -23.77
C GLU C 267 27.79 11.02 -22.59
N LEU C 268 26.52 11.19 -22.21
CA LEU C 268 25.99 10.47 -21.05
C LEU C 268 25.08 9.31 -21.36
N LYS C 269 25.09 8.85 -22.60
CA LYS C 269 24.27 7.70 -22.98
C LYS C 269 24.56 6.50 -22.08
N GLY C 270 23.51 5.87 -21.57
CA GLY C 270 23.59 4.74 -20.66
C GLY C 270 23.57 5.17 -19.21
N ILE C 271 23.85 6.44 -18.97
CA ILE C 271 23.83 7.00 -17.61
C ILE C 271 22.60 7.91 -17.46
N LEU C 272 22.47 8.87 -18.36
CA LEU C 272 21.33 9.79 -18.38
C LEU C 272 20.47 9.40 -19.57
N ALA C 273 19.16 9.35 -19.37
CA ALA C 273 18.22 9.02 -20.45
C ALA C 273 17.19 10.13 -20.49
N TYR C 274 16.43 10.18 -21.55
CA TYR C 274 15.47 11.26 -21.75
C TYR C 274 14.15 10.70 -22.27
N SER C 275 13.07 11.01 -21.55
CA SER C 275 11.76 10.53 -21.92
C SER C 275 10.70 11.62 -22.12
N GLU C 276 9.97 11.54 -23.22
CA GLU C 276 8.86 12.48 -23.45
C GLU C 276 7.54 11.74 -23.27
N GLU C 277 7.58 10.58 -22.62
CA GLU C 277 6.36 9.81 -22.34
C GLU C 277 5.83 10.15 -20.94
N PRO C 278 4.50 10.13 -20.76
CA PRO C 278 3.89 10.49 -19.46
C PRO C 278 3.82 9.25 -18.58
N LEU C 279 4.99 8.89 -18.04
CA LEU C 279 5.14 7.66 -17.29
C LEU C 279 4.97 7.78 -15.81
N VAL C 280 4.94 6.64 -15.14
CA VAL C 280 4.78 6.64 -13.68
C VAL C 280 5.83 5.73 -13.08
N SER C 281 6.04 5.82 -11.78
CA SER C 281 7.14 5.07 -11.15
C SER C 281 7.25 3.58 -11.53
N ARG C 282 6.12 2.87 -11.58
CA ARG C 282 6.17 1.44 -11.91
CA ARG C 282 6.21 1.44 -11.90
C ARG C 282 6.89 1.17 -13.23
N ASP C 283 6.72 2.09 -14.17
CA ASP C 283 7.30 1.95 -15.50
C ASP C 283 8.82 1.93 -15.49
N TYR C 284 9.42 2.47 -14.42
CA TYR C 284 10.89 2.55 -14.33
C TYR C 284 11.45 1.41 -13.49
N ASN C 285 10.60 0.50 -13.07
CA ASN C 285 11.10 -0.61 -12.28
C ASN C 285 11.96 -1.48 -13.21
N GLY C 286 13.24 -1.63 -12.87
CA GLY C 286 14.18 -2.39 -13.69
C GLY C 286 15.06 -1.54 -14.60
N SER C 287 14.81 -0.24 -14.61
CA SER C 287 15.59 0.70 -15.43
C SER C 287 17.05 0.68 -14.95
N THR C 288 18.00 0.54 -15.87
CA THR C 288 19.40 0.42 -15.48
C THR C 288 20.16 1.73 -15.55
N VAL C 289 19.55 2.77 -16.11
CA VAL C 289 20.22 4.07 -16.18
C VAL C 289 20.22 4.72 -14.81
N SER C 290 21.05 5.75 -14.65
CA SER C 290 21.11 6.44 -13.37
C SER C 290 20.01 7.47 -13.23
N SER C 291 19.53 7.96 -14.35
CA SER C 291 18.68 9.14 -14.34
C SER C 291 17.92 9.23 -15.67
N THR C 292 16.61 9.37 -15.62
CA THR C 292 15.82 9.54 -16.84
C THR C 292 15.00 10.80 -16.70
N ILE C 293 15.28 11.79 -17.54
CA ILE C 293 14.57 13.04 -17.51
C ILE C 293 13.12 12.84 -17.91
N ASP C 294 12.21 13.36 -17.09
CA ASP C 294 10.77 13.31 -17.40
C ASP C 294 10.57 14.65 -18.14
N ALA C 295 10.78 14.64 -19.45
CA ALA C 295 10.77 15.85 -20.25
C ALA C 295 9.46 16.63 -20.20
N LEU C 296 8.35 15.94 -20.01
CA LEU C 296 7.07 16.60 -19.92
C LEU C 296 6.93 17.50 -18.70
N SER C 297 7.72 17.24 -17.66
CA SER C 297 7.63 18.00 -16.43
C SER C 297 8.50 19.25 -16.44
N THR C 298 9.39 19.37 -17.42
CA THR C 298 10.28 20.54 -17.44
C THR C 298 9.48 21.84 -17.52
N MET C 299 9.80 22.81 -16.66
CA MET C 299 9.16 24.13 -16.73
C MET C 299 10.17 25.24 -16.42
N VAL C 300 9.89 26.43 -16.94
CA VAL C 300 10.80 27.56 -16.69
C VAL C 300 9.97 28.80 -16.35
N ILE C 301 10.50 29.64 -15.47
CA ILE C 301 9.85 30.92 -15.16
C ILE C 301 10.89 32.03 -15.39
N ASP C 302 10.50 33.10 -16.08
CA ASP C 302 11.42 34.23 -16.28
C ASP C 302 12.72 33.82 -16.98
N GLY C 303 12.68 32.70 -17.67
CA GLY C 303 13.83 32.18 -18.38
C GLY C 303 14.99 31.86 -17.47
N LYS C 304 14.78 32.01 -16.15
CA LYS C 304 15.85 31.78 -15.19
C LYS C 304 15.64 30.65 -14.15
N MET C 305 14.39 30.41 -13.77
CA MET C 305 14.13 29.34 -12.79
C MET C 305 13.63 28.13 -13.55
N VAL C 306 14.27 26.96 -13.36
CA VAL C 306 13.86 25.80 -14.09
C VAL C 306 13.53 24.68 -13.12
N LYS C 307 12.58 23.84 -13.48
CA LYS C 307 12.28 22.63 -12.72
C LYS C 307 12.61 21.48 -13.68
N VAL C 308 13.43 20.52 -13.20
CA VAL C 308 13.78 19.35 -13.98
C VAL C 308 13.48 18.16 -13.06
N VAL C 309 12.79 17.19 -13.62
CA VAL C 309 12.36 16.00 -12.86
C VAL C 309 13.01 14.82 -13.54
N SER C 310 13.55 13.90 -12.73
CA SER C 310 14.24 12.76 -13.28
C SER C 310 14.00 11.53 -12.46
N TRP C 311 13.69 10.45 -13.17
CA TRP C 311 13.40 9.16 -12.54
C TRP C 311 14.64 8.34 -12.28
N TYR C 312 14.56 7.46 -11.29
CA TYR C 312 15.61 6.48 -11.11
C TYR C 312 15.12 5.28 -10.36
N ASP C 313 15.51 4.10 -10.86
CA ASP C 313 15.22 2.87 -10.13
C ASP C 313 16.38 2.87 -9.10
N ASN C 314 16.06 3.20 -7.86
CA ASN C 314 17.06 3.31 -6.81
C ASN C 314 17.85 2.04 -6.54
N GLU C 315 17.24 0.86 -6.74
CA GLU C 315 17.99 -0.36 -6.57
C GLU C 315 18.81 -0.72 -7.83
N THR C 316 18.14 -0.70 -8.98
CA THR C 316 18.75 -1.19 -10.21
C THR C 316 19.80 -0.28 -10.82
N GLY C 317 19.45 0.97 -11.02
CA GLY C 317 20.37 1.88 -11.68
C GLY C 317 21.66 1.99 -10.88
N TYR C 318 21.54 2.21 -9.58
CA TYR C 318 22.71 2.32 -8.71
C TYR C 318 23.54 1.02 -8.71
N SER C 319 22.87 -0.12 -8.74
CA SER C 319 23.63 -1.40 -8.72
C SER C 319 24.39 -1.61 -10.02
N HIS C 320 23.81 -1.16 -11.14
CA HIS C 320 24.44 -1.25 -12.45
CA HIS C 320 24.46 -1.31 -12.41
C HIS C 320 25.67 -0.36 -12.41
N ARG C 321 25.53 0.79 -11.75
CA ARG C 321 26.68 1.74 -11.62
C ARG C 321 27.80 1.13 -10.75
N VAL C 322 27.45 0.39 -9.72
CA VAL C 322 28.46 -0.28 -8.91
C VAL C 322 29.25 -1.22 -9.80
N VAL C 323 28.54 -2.01 -10.60
CA VAL C 323 29.17 -2.93 -11.53
C VAL C 323 30.05 -2.15 -12.54
N ASP C 324 29.54 -1.03 -13.06
CA ASP C 324 30.32 -0.23 -14.01
C ASP C 324 31.57 0.31 -13.32
N LEU C 325 31.41 0.74 -12.09
CA LEU C 325 32.56 1.29 -11.37
C LEU C 325 33.60 0.16 -11.09
N ALA C 326 33.13 -1.03 -10.74
CA ALA C 326 34.06 -2.13 -10.51
C ALA C 326 34.83 -2.45 -11.81
N ALA C 327 34.12 -2.48 -12.93
CA ALA C 327 34.78 -2.81 -14.21
C ALA C 327 35.78 -1.70 -14.56
N TYR C 328 35.40 -0.47 -14.27
CA TYR C 328 36.26 0.68 -14.53
C TYR C 328 37.53 0.62 -13.70
N ILE C 329 37.39 0.35 -12.41
CA ILE C 329 38.52 0.22 -11.51
C ILE C 329 39.44 -0.92 -12.00
N ALA C 330 38.83 -2.03 -12.40
CA ALA C 330 39.64 -3.15 -12.88
C ALA C 330 40.42 -2.74 -14.11
N SER C 331 39.80 -1.91 -14.97
CA SER C 331 40.43 -1.46 -16.22
C SER C 331 41.64 -0.55 -16.04
N LYS C 332 41.77 0.05 -14.86
CA LYS C 332 42.88 0.96 -14.56
C LYS C 332 44.03 0.25 -13.88
N GLY C 333 43.86 -1.05 -13.66
CA GLY C 333 44.89 -1.89 -13.08
C GLY C 333 44.83 -2.24 -11.62
N LEU C 334 44.89 -3.54 -11.35
CA LEU C 334 44.87 -4.09 -10.00
C LEU C 334 46.10 -5.00 -9.82
N ALA D 1 -28.12 28.28 11.29
CA ALA D 1 -28.54 29.58 10.79
C ALA D 1 -28.89 29.51 9.30
N VAL D 2 -27.87 29.62 8.45
CA VAL D 2 -28.09 29.53 7.01
C VAL D 2 -28.32 28.08 6.59
N LYS D 3 -29.35 27.87 5.80
CA LYS D 3 -29.67 26.53 5.34
CA LYS D 3 -29.67 26.53 5.34
C LYS D 3 -28.76 26.17 4.16
N VAL D 4 -28.11 25.02 4.27
CA VAL D 4 -27.18 24.56 3.27
C VAL D 4 -27.62 23.27 2.64
N GLY D 5 -27.36 23.11 1.33
CA GLY D 5 -27.62 21.88 0.61
C GLY D 5 -26.24 21.41 0.08
N ILE D 6 -25.97 20.11 0.13
CA ILE D 6 -24.67 19.59 -0.39
C ILE D 6 -24.96 18.74 -1.62
N ASN D 7 -24.43 19.17 -2.77
CA ASN D 7 -24.61 18.43 -3.99
C ASN D 7 -23.32 17.63 -4.25
N GLY D 8 -23.41 16.32 -4.10
CA GLY D 8 -22.26 15.41 -4.25
C GLY D 8 -21.79 15.11 -2.84
N PHE D 9 -22.38 14.09 -2.23
CA PHE D 9 -22.11 13.73 -0.84
C PHE D 9 -20.95 12.73 -0.79
N GLY D 10 -19.79 13.15 -1.26
CA GLY D 10 -18.61 12.27 -1.37
C GLY D 10 -17.54 12.60 -0.36
N ARG D 11 -16.26 12.49 -0.75
CA ARG D 11 -15.18 12.79 0.21
C ARG D 11 -15.28 14.20 0.76
N ILE D 12 -15.46 15.17 -0.14
CA ILE D 12 -15.61 16.56 0.30
C ILE D 12 -17.03 16.82 0.86
N GLY D 13 -18.05 16.30 0.19
CA GLY D 13 -19.42 16.52 0.68
C GLY D 13 -19.61 16.00 2.11
N ARG D 14 -19.19 14.77 2.38
CA ARG D 14 -19.35 14.25 3.74
C ARG D 14 -18.47 14.96 4.79
N ASN D 15 -17.27 15.38 4.39
CA ASN D 15 -16.34 16.05 5.31
C ASN D 15 -16.89 17.44 5.65
N VAL D 16 -17.42 18.12 4.62
CA VAL D 16 -18.11 19.38 4.83
C VAL D 16 -19.29 19.15 5.79
N PHE D 17 -20.06 18.10 5.58
CA PHE D 17 -21.19 17.81 6.47
C PHE D 17 -20.68 17.71 7.89
N ARG D 18 -19.56 16.98 8.08
CA ARG D 18 -19.03 16.81 9.44
C ARG D 18 -18.58 18.14 10.04
N ALA D 19 -17.91 18.95 9.22
CA ALA D 19 -17.43 20.25 9.66
C ALA D 19 -18.62 21.16 10.00
N ALA D 20 -19.70 21.05 9.23
CA ALA D 20 -20.90 21.88 9.45
C ALA D 20 -21.58 21.53 10.78
N LEU D 21 -21.48 20.28 11.22
CA LEU D 21 -22.09 19.86 12.48
C LEU D 21 -21.56 20.66 13.66
N LYS D 22 -20.33 21.15 13.51
CA LYS D 22 -19.64 21.94 14.52
C LYS D 22 -19.93 23.45 14.42
N ASN D 23 -20.52 23.86 13.30
CA ASN D 23 -20.75 25.27 13.06
C ASN D 23 -22.18 25.64 13.38
N PRO D 24 -22.36 26.58 14.31
CA PRO D 24 -23.74 26.94 14.67
C PRO D 24 -24.38 27.89 13.66
N ASP D 25 -23.57 28.54 12.83
CA ASP D 25 -24.06 29.51 11.85
C ASP D 25 -24.60 28.90 10.56
N ILE D 26 -24.45 27.58 10.45
CA ILE D 26 -24.97 26.86 9.28
C ILE D 26 -25.76 25.60 9.66
N GLU D 27 -26.67 25.25 8.78
CA GLU D 27 -27.45 24.05 8.99
C GLU D 27 -27.58 23.31 7.66
N VAL D 28 -27.04 22.09 7.56
CA VAL D 28 -27.21 21.32 6.32
C VAL D 28 -28.56 20.65 6.40
N VAL D 29 -29.45 20.96 5.46
CA VAL D 29 -30.79 20.39 5.50
C VAL D 29 -31.06 19.35 4.41
N ALA D 30 -30.18 19.28 3.42
CA ALA D 30 -30.41 18.31 2.36
C ALA D 30 -29.10 17.96 1.71
N VAL D 31 -29.06 16.76 1.14
CA VAL D 31 -27.88 16.32 0.38
C VAL D 31 -28.39 15.65 -0.89
N ASN D 32 -27.57 15.72 -1.93
CA ASN D 32 -27.94 15.04 -3.17
C ASN D 32 -26.76 14.20 -3.61
N ASP D 33 -27.05 13.06 -4.19
CA ASP D 33 -26.04 12.17 -4.76
C ASP D 33 -26.71 11.25 -5.80
N LEU D 34 -26.15 10.06 -6.01
CA LEU D 34 -26.67 9.15 -7.02
C LEU D 34 -27.06 7.83 -6.43
N THR D 35 -27.49 7.83 -5.18
CA THR D 35 -27.80 6.56 -4.55
C THR D 35 -28.94 6.77 -3.57
N ASP D 36 -29.20 5.75 -2.74
CA ASP D 36 -30.31 5.85 -1.80
C ASP D 36 -29.82 6.24 -0.40
N ALA D 37 -30.77 6.60 0.45
CA ALA D 37 -30.44 7.05 1.81
C ALA D 37 -29.66 6.00 2.60
N ASN D 38 -30.03 4.74 2.43
CA ASN D 38 -29.38 3.67 3.18
C ASN D 38 -27.88 3.71 2.88
N THR D 39 -27.55 3.85 1.61
CA THR D 39 -26.14 3.89 1.19
C THR D 39 -25.41 5.12 1.71
N LEU D 40 -26.04 6.29 1.60
CA LEU D 40 -25.43 7.52 2.09
C LEU D 40 -25.26 7.44 3.61
N ALA D 41 -26.24 6.89 4.31
CA ALA D 41 -26.15 6.75 5.75
C ALA D 41 -24.94 5.83 6.12
N HIS D 42 -24.79 4.73 5.38
CA HIS D 42 -23.74 3.75 5.70
C HIS D 42 -22.37 4.41 5.47
N LEU D 43 -22.25 5.14 4.36
CA LEU D 43 -21.00 5.87 4.04
C LEU D 43 -20.69 6.94 5.06
N LEU D 44 -21.72 7.62 5.54
CA LEU D 44 -21.52 8.68 6.52
C LEU D 44 -21.10 8.11 7.88
N LYS D 45 -21.65 6.96 8.24
CA LYS D 45 -21.33 6.34 9.51
C LYS D 45 -19.87 5.80 9.55
N TYR D 46 -19.50 5.06 8.53
CA TYR D 46 -18.19 4.39 8.52
C TYR D 46 -17.30 4.92 7.43
N ASP D 47 -16.22 5.56 7.83
CA ASP D 47 -15.30 6.17 6.87
C ASP D 47 -13.91 5.50 6.97
N SER D 48 -13.38 5.06 5.83
CA SER D 48 -12.10 4.35 5.80
C SER D 48 -10.95 5.21 6.24
N VAL D 49 -11.10 6.52 6.08
CA VAL D 49 -10.01 7.47 6.41
C VAL D 49 -10.21 8.11 7.78
N HIS D 50 -11.44 8.58 8.01
CA HIS D 50 -11.76 9.35 9.20
C HIS D 50 -12.39 8.60 10.35
N GLY D 51 -12.66 7.32 10.14
CA GLY D 51 -13.25 6.51 11.18
C GLY D 51 -14.75 6.64 11.33
N ARG D 52 -15.25 6.19 12.48
CA ARG D 52 -16.69 6.16 12.73
C ARG D 52 -17.22 7.57 13.08
N LEU D 53 -18.33 7.96 12.43
CA LEU D 53 -18.97 9.26 12.70
C LEU D 53 -19.43 9.30 14.18
N ASP D 54 -18.99 10.31 14.92
CA ASP D 54 -19.40 10.45 16.33
C ASP D 54 -20.77 11.11 16.35
N ALA D 55 -21.79 10.36 15.96
CA ALA D 55 -23.16 10.87 15.94
C ALA D 55 -24.05 9.69 15.66
N GLU D 56 -25.33 9.86 16.00
CA GLU D 56 -26.36 8.84 15.78
C GLU D 56 -26.91 9.05 14.37
N VAL D 57 -26.77 8.03 13.53
CA VAL D 57 -27.24 8.12 12.16
C VAL D 57 -28.25 7.03 11.90
N SER D 58 -29.37 7.38 11.29
CA SER D 58 -30.35 6.38 10.90
C SER D 58 -31.02 6.86 9.61
N VAL D 59 -31.93 6.05 9.09
CA VAL D 59 -32.66 6.39 7.87
C VAL D 59 -34.16 6.42 8.19
N ASN D 60 -34.84 7.44 7.71
CA ASN D 60 -36.30 7.52 7.85
C ASN D 60 -36.87 7.81 6.49
N GLY D 61 -37.41 6.79 5.84
CA GLY D 61 -37.94 6.93 4.50
C GLY D 61 -36.80 7.21 3.55
N ASN D 62 -36.86 8.35 2.84
CA ASN D 62 -35.82 8.75 1.90
C ASN D 62 -34.96 9.83 2.51
N ASN D 63 -34.80 9.78 3.83
CA ASN D 63 -33.99 10.79 4.47
C ASN D 63 -33.01 10.25 5.47
N LEU D 64 -31.97 11.01 5.77
CA LEU D 64 -31.02 10.66 6.81
C LEU D 64 -31.54 11.30 8.08
N VAL D 65 -31.22 10.69 9.21
CA VAL D 65 -31.54 11.27 10.51
C VAL D 65 -30.22 11.28 11.25
N VAL D 66 -29.71 12.47 11.56
CA VAL D 66 -28.44 12.60 12.25
C VAL D 66 -28.67 13.39 13.55
N ASN D 67 -28.45 12.73 14.68
CA ASN D 67 -28.68 13.34 16.01
C ASN D 67 -30.09 13.92 16.03
N GLY D 68 -31.03 13.11 15.58
CA GLY D 68 -32.44 13.47 15.54
C GLY D 68 -32.88 14.47 14.49
N LYS D 69 -31.95 15.04 13.74
CA LYS D 69 -32.29 16.03 12.71
C LYS D 69 -32.42 15.33 11.38
N GLU D 70 -33.53 15.58 10.69
CA GLU D 70 -33.75 14.94 9.41
C GLU D 70 -33.01 15.69 8.31
N ILE D 71 -32.26 14.97 7.48
CA ILE D 71 -31.55 15.55 6.35
C ILE D 71 -32.19 14.96 5.10
N ILE D 72 -32.77 15.80 4.26
CA ILE D 72 -33.42 15.32 3.06
C ILE D 72 -32.39 14.72 2.11
N VAL D 73 -32.71 13.56 1.56
CA VAL D 73 -31.84 12.90 0.55
C VAL D 73 -32.48 12.98 -0.81
N LYS D 74 -31.75 13.58 -1.75
CA LYS D 74 -32.17 13.65 -3.14
C LYS D 74 -31.24 12.74 -3.97
N ALA D 75 -31.71 12.33 -5.15
CA ALA D 75 -30.89 11.53 -6.05
C ALA D 75 -31.16 12.01 -7.47
N GLU D 76 -30.84 13.28 -7.71
CA GLU D 76 -31.03 13.92 -9.02
C GLU D 76 -29.69 14.19 -9.70
N ARG D 77 -29.45 13.48 -10.81
CA ARG D 77 -28.21 13.64 -11.58
C ARG D 77 -28.12 15.01 -12.21
N ASP D 78 -29.27 15.60 -12.54
CA ASP D 78 -29.33 16.92 -13.17
C ASP D 78 -29.71 17.94 -12.13
N PRO D 79 -28.81 18.89 -11.84
CA PRO D 79 -29.06 19.85 -10.77
C PRO D 79 -30.28 20.74 -10.98
N GLU D 80 -30.79 20.77 -12.22
CA GLU D 80 -31.95 21.60 -12.55
C GLU D 80 -33.16 21.09 -11.80
N ASN D 81 -33.16 19.80 -11.52
CA ASN D 81 -34.26 19.16 -10.84
C ASN D 81 -34.17 19.18 -9.31
N LEU D 82 -33.25 19.97 -8.76
CA LEU D 82 -33.04 19.95 -7.31
C LEU D 82 -34.02 20.66 -6.40
N ALA D 83 -34.77 21.60 -6.96
CA ALA D 83 -35.77 22.33 -6.21
C ALA D 83 -35.30 22.79 -4.83
N TRP D 84 -34.11 23.40 -4.77
CA TRP D 84 -33.52 23.86 -3.51
C TRP D 84 -34.40 24.92 -2.83
N GLY D 85 -34.96 25.81 -3.64
CA GLY D 85 -35.79 26.89 -3.11
C GLY D 85 -36.99 26.37 -2.33
N GLU D 86 -37.56 25.26 -2.78
CA GLU D 86 -38.73 24.68 -2.16
C GLU D 86 -38.47 24.25 -0.72
N ILE D 87 -37.21 23.96 -0.41
CA ILE D 87 -36.86 23.55 0.95
C ILE D 87 -36.04 24.58 1.71
N GLY D 88 -35.99 25.79 1.17
CA GLY D 88 -35.33 26.90 1.83
C GLY D 88 -33.83 26.90 1.81
N VAL D 89 -33.24 26.06 0.97
CA VAL D 89 -31.79 26.00 0.88
C VAL D 89 -31.24 27.28 0.26
N ASP D 90 -30.39 27.99 0.98
CA ASP D 90 -29.81 29.23 0.46
C ASP D 90 -28.44 29.05 -0.17
N ILE D 91 -27.62 28.19 0.43
CA ILE D 91 -26.25 27.99 -0.06
C ILE D 91 -26.06 26.55 -0.47
N VAL D 92 -25.58 26.32 -1.68
CA VAL D 92 -25.37 24.95 -2.13
C VAL D 92 -23.86 24.76 -2.25
N VAL D 93 -23.37 23.66 -1.67
CA VAL D 93 -21.96 23.30 -1.83
C VAL D 93 -21.97 22.32 -3.01
N GLU D 94 -21.29 22.68 -4.08
CA GLU D 94 -21.27 21.89 -5.31
C GLU D 94 -19.98 21.08 -5.30
N SER D 95 -20.12 19.85 -4.81
CA SER D 95 -18.99 18.96 -4.61
C SER D 95 -19.11 17.61 -5.33
N THR D 96 -19.76 17.61 -6.51
CA THR D 96 -19.85 16.36 -7.28
C THR D 96 -18.57 16.15 -8.09
N GLY D 97 -17.86 17.24 -8.38
CA GLY D 97 -16.69 17.24 -9.26
C GLY D 97 -17.10 17.33 -10.74
N ARG D 98 -18.41 17.32 -11.03
CA ARG D 98 -18.88 17.35 -12.42
C ARG D 98 -19.34 18.73 -12.89
N PHE D 99 -19.56 19.64 -11.93
CA PHE D 99 -20.21 20.92 -12.24
C PHE D 99 -19.38 22.12 -11.83
N THR D 100 -18.12 22.12 -12.23
CA THR D 100 -17.20 23.21 -11.92
C THR D 100 -17.34 24.35 -12.93
N LYS D 101 -18.00 24.11 -14.06
CA LYS D 101 -18.23 25.20 -15.03
C LYS D 101 -19.49 25.98 -14.58
N ARG D 102 -19.51 27.29 -14.70
CA ARG D 102 -20.66 28.06 -14.23
C ARG D 102 -21.95 27.61 -14.85
N GLU D 103 -21.93 27.32 -16.12
CA GLU D 103 -23.12 26.85 -16.80
C GLU D 103 -23.82 25.76 -16.01
N ASP D 104 -23.02 24.91 -15.41
CA ASP D 104 -23.55 23.79 -14.66
C ASP D 104 -23.85 24.21 -13.23
N ALA D 105 -22.89 24.87 -12.57
CA ALA D 105 -23.06 25.22 -11.16
C ALA D 105 -24.25 26.14 -10.98
N ALA D 106 -24.42 27.06 -11.94
CA ALA D 106 -25.49 28.03 -11.86
C ALA D 106 -26.87 27.42 -11.88
N LYS D 107 -26.99 26.16 -12.29
CA LYS D 107 -28.27 25.48 -12.30
C LYS D 107 -28.86 25.42 -10.90
N HIS D 108 -27.98 25.41 -9.89
CA HIS D 108 -28.46 25.38 -8.52
C HIS D 108 -29.23 26.67 -8.20
N LEU D 109 -28.75 27.76 -8.77
CA LEU D 109 -29.41 29.07 -8.57
C LEU D 109 -30.74 29.07 -9.27
N GLU D 110 -30.78 28.54 -10.49
CA GLU D 110 -32.05 28.45 -11.20
C GLU D 110 -33.01 27.60 -10.37
N ALA D 111 -32.48 26.58 -9.67
CA ALA D 111 -33.30 25.70 -8.86
C ALA D 111 -33.68 26.31 -7.50
N GLY D 112 -33.33 27.57 -7.26
CA GLY D 112 -33.78 28.24 -6.04
C GLY D 112 -32.76 28.59 -4.96
N ALA D 113 -31.52 28.15 -5.11
CA ALA D 113 -30.53 28.50 -4.12
C ALA D 113 -30.11 29.93 -4.38
N LYS D 114 -29.60 30.59 -3.34
CA LYS D 114 -29.12 31.96 -3.48
C LYS D 114 -27.63 32.02 -3.81
N LYS D 115 -26.87 31.02 -3.37
CA LYS D 115 -25.42 31.03 -3.59
C LYS D 115 -24.94 29.59 -3.82
N VAL D 116 -23.85 29.46 -4.59
CA VAL D 116 -23.23 28.15 -4.86
C VAL D 116 -21.77 28.26 -4.57
N ILE D 117 -21.23 27.31 -3.80
CA ILE D 117 -19.80 27.27 -3.57
C ILE D 117 -19.31 26.03 -4.33
N ILE D 118 -18.49 26.25 -5.35
CA ILE D 118 -17.93 25.14 -6.09
C ILE D 118 -16.69 24.69 -5.28
N SER D 119 -16.63 23.40 -4.95
CA SER D 119 -15.55 22.87 -4.11
C SER D 119 -14.28 22.56 -4.92
N ALA D 120 -13.95 23.40 -5.88
CA ALA D 120 -12.82 23.12 -6.75
C ALA D 120 -12.58 24.34 -7.62
N PRO D 121 -11.40 24.43 -8.25
CA PRO D 121 -11.15 25.49 -9.24
C PRO D 121 -12.31 25.41 -10.22
N ALA D 122 -12.76 26.57 -10.68
CA ALA D 122 -13.91 26.63 -11.54
C ALA D 122 -13.61 27.35 -12.87
N LYS D 123 -14.61 27.34 -13.72
CA LYS D 123 -14.55 28.06 -15.00
C LYS D 123 -15.72 29.05 -15.05
N ASN D 124 -15.38 30.30 -15.32
CA ASN D 124 -16.38 31.37 -15.48
C ASN D 124 -17.14 31.68 -14.20
N GLU D 125 -16.56 31.30 -13.06
CA GLU D 125 -17.17 31.59 -11.75
C GLU D 125 -17.16 33.10 -11.52
N ASP D 126 -17.94 33.55 -10.56
CA ASP D 126 -18.01 34.96 -10.29
C ASP D 126 -16.78 35.39 -9.53
N ILE D 127 -16.33 34.55 -8.65
CA ILE D 127 -15.12 34.85 -7.92
C ILE D 127 -14.57 33.58 -7.30
N THR D 128 -13.26 33.58 -7.09
CA THR D 128 -12.54 32.47 -6.43
C THR D 128 -11.95 33.03 -5.14
N ILE D 129 -12.27 32.37 -4.04
CA ILE D 129 -11.85 32.83 -2.75
C ILE D 129 -10.99 31.77 -2.02
N VAL D 130 -9.96 32.24 -1.34
CA VAL D 130 -9.19 31.44 -0.39
C VAL D 130 -9.30 32.17 0.95
N MET D 131 -9.99 31.55 1.90
CA MET D 131 -10.12 32.09 3.25
C MET D 131 -8.78 32.39 3.88
N GLY D 132 -8.68 33.59 4.43
CA GLY D 132 -7.46 34.06 5.04
C GLY D 132 -6.68 34.87 4.04
N VAL D 133 -7.03 34.77 2.76
CA VAL D 133 -6.27 35.44 1.73
C VAL D 133 -7.03 36.56 1.02
N ASN D 134 -8.26 36.30 0.57
CA ASN D 134 -8.99 37.33 -0.17
C ASN D 134 -10.52 37.31 0.01
N GLN D 135 -11.01 36.79 1.13
CA GLN D 135 -12.47 36.75 1.30
C GLN D 135 -13.09 38.17 1.22
N ASP D 136 -12.28 39.17 1.54
CA ASP D 136 -12.64 40.60 1.48
CA ASP D 136 -12.78 40.54 1.50
C ASP D 136 -13.12 41.02 0.10
N LYS D 137 -12.62 40.30 -0.90
CA LYS D 137 -12.95 40.57 -2.28
C LYS D 137 -14.36 40.12 -2.64
N TYR D 138 -14.94 39.27 -1.81
CA TYR D 138 -16.29 38.79 -2.11
C TYR D 138 -17.28 39.96 -2.11
N ASP D 139 -18.20 39.95 -3.07
CA ASP D 139 -19.24 41.00 -3.14
C ASP D 139 -20.61 40.32 -3.15
N PRO D 140 -21.39 40.49 -2.06
CA PRO D 140 -22.69 39.80 -1.92
C PRO D 140 -23.71 40.10 -3.02
N LYS D 141 -23.58 41.26 -3.63
CA LYS D 141 -24.54 41.60 -4.68
C LYS D 141 -24.10 41.02 -6.02
N ALA D 142 -22.80 41.01 -6.28
CA ALA D 142 -22.26 40.60 -7.57
C ALA D 142 -21.90 39.12 -7.72
N HIS D 143 -21.58 38.47 -6.61
CA HIS D 143 -21.03 37.09 -6.66
C HIS D 143 -21.94 36.03 -6.09
N HIS D 144 -22.47 35.13 -6.95
CA HIS D 144 -23.37 34.09 -6.52
C HIS D 144 -22.84 32.68 -6.82
N VAL D 145 -21.87 32.59 -7.73
CA VAL D 145 -21.23 31.30 -8.07
C VAL D 145 -19.79 31.56 -7.66
N ILE D 146 -19.37 30.93 -6.57
CA ILE D 146 -18.07 31.19 -5.99
C ILE D 146 -17.26 29.90 -5.90
N SER D 147 -16.00 29.95 -6.30
CA SER D 147 -15.11 28.80 -6.15
C SER D 147 -14.28 28.95 -4.87
N ASN D 148 -14.09 27.86 -4.12
CA ASN D 148 -13.23 27.88 -2.95
C ASN D 148 -11.80 27.42 -3.32
N ALA D 149 -11.49 27.44 -4.62
CA ALA D 149 -10.19 27.03 -5.14
C ALA D 149 -9.95 25.53 -4.85
N SER D 150 -8.69 25.12 -4.82
CA SER D 150 -8.35 23.71 -4.56
C SER D 150 -7.74 23.57 -3.17
N CYS D 151 -7.60 22.34 -2.72
CA CYS D 151 -6.96 22.08 -1.44
C CYS D 151 -5.48 22.56 -1.49
N THR D 152 -4.79 22.31 -2.60
CA THR D 152 -3.39 22.74 -2.69
C THR D 152 -3.24 24.24 -2.67
N THR D 153 -4.14 24.94 -3.36
CA THR D 153 -4.09 26.41 -3.37
C THR D 153 -4.35 26.94 -1.98
N ASN D 154 -5.26 26.30 -1.25
CA ASN D 154 -5.54 26.68 0.13
C ASN D 154 -4.34 26.44 1.05
N CYS D 155 -3.48 25.47 0.68
CA CYS D 155 -2.30 25.23 1.49
C CYS D 155 -1.24 26.26 1.16
N LEU D 156 -1.01 26.46 -0.13
CA LEU D 156 0.07 27.32 -0.56
C LEU D 156 -0.21 28.83 -0.39
N ALA D 157 -1.40 29.27 -0.79
CA ALA D 157 -1.70 30.73 -0.77
C ALA D 157 -1.48 31.41 0.58
N PRO D 158 -1.89 30.77 1.69
CA PRO D 158 -1.65 31.46 2.97
C PRO D 158 -0.20 31.70 3.30
N PHE D 159 0.70 30.72 3.07
CA PHE D 159 2.10 31.03 3.35
C PHE D 159 2.80 31.79 2.25
N ALA D 160 2.30 31.71 1.02
CA ALA D 160 2.86 32.49 -0.08
C ALA D 160 2.54 33.96 0.25
N LYS D 161 1.35 34.20 0.77
CA LYS D 161 0.94 35.57 1.18
C LYS D 161 2.01 36.12 2.14
N VAL D 162 2.33 35.34 3.17
CA VAL D 162 3.31 35.72 4.18
C VAL D 162 4.69 35.97 3.63
N LEU D 163 5.19 35.03 2.83
CA LEU D 163 6.52 35.19 2.24
C LEU D 163 6.57 36.43 1.37
N HIS D 164 5.54 36.60 0.55
CA HIS D 164 5.54 37.73 -0.37
C HIS D 164 5.50 39.06 0.38
N GLU D 165 4.61 39.16 1.35
CA GLU D 165 4.47 40.39 2.13
C GLU D 165 5.73 40.72 2.92
N GLN D 166 6.35 39.71 3.51
CA GLN D 166 7.53 39.93 4.35
C GLN D 166 8.86 40.05 3.63
N PHE D 167 9.04 39.29 2.57
CA PHE D 167 10.31 39.24 1.86
C PHE D 167 10.22 39.48 0.38
N GLY D 168 9.03 39.30 -0.17
CA GLY D 168 8.76 39.46 -1.59
C GLY D 168 9.21 38.27 -2.41
N ILE D 169 8.28 37.68 -3.13
CA ILE D 169 8.60 36.53 -3.97
C ILE D 169 8.90 37.01 -5.37
N VAL D 170 10.07 36.63 -5.86
CA VAL D 170 10.45 36.96 -7.22
C VAL D 170 9.82 35.97 -8.17
N ARG D 171 10.00 34.69 -7.86
CA ARG D 171 9.41 33.62 -8.65
C ARG D 171 9.56 32.36 -7.82
N GLY D 172 8.76 31.34 -8.08
CA GLY D 172 8.88 30.15 -7.24
C GLY D 172 8.21 28.98 -7.92
N MET D 173 8.61 27.78 -7.54
CA MET D 173 8.01 26.60 -8.16
C MET D 173 7.67 25.64 -7.04
N MET D 174 6.55 24.97 -7.20
CA MET D 174 6.12 24.07 -6.15
CA MET D 174 6.00 24.10 -6.17
C MET D 174 5.81 22.67 -6.66
N THR D 175 5.80 21.73 -5.73
CA THR D 175 5.41 20.36 -6.05
C THR D 175 4.62 20.01 -4.85
N THR D 176 3.45 19.40 -5.04
CA THR D 176 2.72 18.86 -3.91
C THR D 176 2.81 17.34 -4.01
N VAL D 177 3.31 16.70 -2.94
CA VAL D 177 3.34 15.23 -2.85
C VAL D 177 1.98 14.97 -2.23
N HIS D 178 1.10 14.39 -3.01
CA HIS D 178 -0.31 14.42 -2.70
C HIS D 178 -0.95 13.05 -2.66
N SER D 179 -1.83 12.83 -1.68
CA SER D 179 -2.56 11.57 -1.57
C SER D 179 -3.43 11.30 -2.80
N TYR D 180 -3.68 10.03 -3.10
CA TYR D 180 -4.50 9.78 -4.28
C TYR D 180 -5.96 10.20 -3.99
N THR D 181 -6.73 10.43 -5.05
CA THR D 181 -8.13 10.83 -4.89
C THR D 181 -8.98 10.01 -5.83
N ASN D 182 -10.29 10.21 -5.71
CA ASN D 182 -11.25 9.52 -6.54
C ASN D 182 -11.21 9.92 -8.01
N ASP D 183 -10.42 10.93 -8.37
CA ASP D 183 -10.29 11.27 -9.78
C ASP D 183 -9.28 10.31 -10.47
N GLN D 184 -8.58 9.51 -9.69
CA GLN D 184 -7.60 8.58 -10.25
C GLN D 184 -8.22 7.23 -10.64
N ARG D 185 -7.38 6.19 -10.82
CA ARG D 185 -7.88 4.87 -11.22
C ARG D 185 -7.27 3.78 -10.33
N ILE D 186 -8.03 2.73 -10.08
CA ILE D 186 -7.59 1.58 -9.29
C ILE D 186 -6.54 0.81 -10.10
N LEU D 187 -6.93 0.38 -11.30
CA LEU D 187 -5.97 -0.34 -12.18
C LEU D 187 -6.09 0.21 -13.59
N ASP D 188 -5.00 0.76 -14.11
CA ASP D 188 -4.86 1.31 -15.46
C ASP D 188 -6.11 1.31 -16.33
N LEU D 189 -6.81 2.44 -16.33
CA LEU D 189 -8.06 2.62 -17.06
C LEU D 189 -7.95 3.93 -17.79
N PRO D 190 -8.75 4.10 -18.85
CA PRO D 190 -8.69 5.37 -19.59
C PRO D 190 -8.97 6.56 -18.69
N HIS D 191 -8.21 7.63 -18.95
CA HIS D 191 -8.34 8.90 -18.23
C HIS D 191 -7.79 9.90 -19.23
N LYS D 192 -8.35 11.12 -19.23
CA LYS D 192 -7.86 12.16 -20.13
C LYS D 192 -6.42 12.46 -19.77
N ASP D 193 -6.05 12.23 -18.50
CA ASP D 193 -4.67 12.51 -18.05
C ASP D 193 -4.02 11.13 -18.00
N LEU D 194 -3.12 10.88 -18.95
CA LEU D 194 -2.51 9.54 -19.07
C LEU D 194 -1.75 9.08 -17.85
N ARG D 195 -1.39 10.01 -16.98
CA ARG D 195 -0.71 9.59 -15.74
C ARG D 195 -1.74 9.15 -14.73
N ARG D 196 -2.80 9.92 -14.63
CA ARG D 196 -3.88 9.58 -13.69
C ARG D 196 -4.64 8.33 -14.12
N ALA D 197 -4.39 7.86 -15.33
CA ALA D 197 -5.01 6.61 -15.78
C ALA D 197 -4.42 5.41 -14.98
N ARG D 198 -3.21 5.58 -14.45
CA ARG D 198 -2.44 4.48 -13.84
C ARG D 198 -2.75 4.11 -12.41
N ALA D 199 -2.62 2.81 -12.07
CA ALA D 199 -2.93 2.28 -10.73
C ALA D 199 -2.46 3.21 -9.60
N ALA D 200 -3.45 3.80 -8.90
CA ALA D 200 -3.17 4.87 -7.94
C ALA D 200 -2.33 4.45 -6.76
N ALA D 201 -2.60 3.25 -6.29
CA ALA D 201 -1.91 2.80 -5.07
C ALA D 201 -0.58 2.09 -5.35
N GLU D 202 -0.14 2.06 -6.60
CA GLU D 202 1.07 1.32 -7.00
C GLU D 202 2.24 2.23 -7.39
N SER D 203 1.96 3.48 -7.72
CA SER D 203 3.02 4.38 -8.19
C SER D 203 3.03 5.80 -7.63
N ILE D 204 4.20 6.45 -7.80
CA ILE D 204 4.36 7.88 -7.70
C ILE D 204 3.96 8.35 -9.11
N ILE D 205 2.97 9.25 -9.15
CA ILE D 205 2.35 9.67 -10.39
C ILE D 205 2.41 11.17 -10.60
N PRO D 206 3.32 11.62 -11.47
CA PRO D 206 3.33 13.05 -11.76
C PRO D 206 2.03 13.47 -12.42
N THR D 207 1.54 14.64 -12.06
N THR D 207 1.53 14.63 -12.04
CA THR D 207 0.35 15.19 -12.67
CA THR D 207 0.32 15.16 -12.63
C THR D 207 0.39 16.72 -12.61
C THR D 207 0.15 16.65 -12.30
N THR D 208 -0.11 17.36 -13.66
N THR D 208 -1.05 17.15 -12.53
CA THR D 208 -0.09 18.81 -13.72
CA THR D 208 -1.38 18.55 -12.33
C THR D 208 -0.97 19.41 -12.65
C THR D 208 -1.82 18.91 -10.91
N THR D 209 -0.64 20.63 -12.22
N THR D 209 -1.60 20.17 -10.55
CA THR D 209 -1.48 21.31 -11.25
CA THR D 209 -2.12 20.71 -9.30
C THR D 209 -1.60 22.76 -11.61
C THR D 209 -2.86 22.02 -9.60
N GLY D 210 -2.81 23.30 -11.52
N GLY D 210 -4.08 22.15 -9.07
CA GLY D 210 -3.05 24.71 -11.78
CA GLY D 210 -4.87 23.36 -9.27
C GLY D 210 -2.97 25.47 -10.46
C GLY D 210 -4.15 24.59 -8.73
N ALA D 211 -2.66 24.75 -9.37
N ALA D 211 -3.22 24.38 -7.81
CA ALA D 211 -2.60 25.32 -8.04
CA ALA D 211 -2.47 25.47 -7.19
C ALA D 211 -1.69 26.53 -7.84
C ALA D 211 -1.49 26.18 -8.13
N ALA D 212 -0.46 26.45 -8.35
N ALA D 212 -1.09 25.51 -9.19
CA ALA D 212 0.48 27.54 -8.15
CA ALA D 212 -0.17 26.10 -10.15
C ALA D 212 0.07 28.73 -9.01
C ALA D 212 -0.93 27.27 -10.79
N LYS D 213 -0.43 28.47 -10.21
N LYS D 213 -0.39 28.47 -10.65
CA LYS D 213 -0.93 29.55 -11.05
CA LYS D 213 -1.04 29.63 -11.25
C LYS D 213 -2.23 30.14 -10.47
C LYS D 213 -2.31 30.15 -10.56
N ALA D 214 -3.05 29.28 -9.86
CA ALA D 214 -4.30 29.69 -9.21
C ALA D 214 -4.08 30.56 -7.99
N VAL D 215 -2.89 30.52 -7.43
CA VAL D 215 -2.58 31.38 -6.30
C VAL D 215 -2.78 32.84 -6.77
N ALA D 216 -2.54 33.10 -8.06
CA ALA D 216 -2.68 34.45 -8.65
C ALA D 216 -4.10 34.98 -8.60
N LEU D 217 -5.09 34.09 -8.57
CA LEU D 217 -6.48 34.50 -8.47
C LEU D 217 -6.72 35.16 -7.12
N VAL D 218 -5.97 34.74 -6.09
CA VAL D 218 -6.20 35.25 -4.77
C VAL D 218 -5.10 36.18 -4.31
N LEU D 219 -3.96 36.11 -5.00
CA LEU D 219 -2.82 36.98 -4.72
C LEU D 219 -2.35 37.52 -6.07
N PRO D 220 -3.12 38.45 -6.66
CA PRO D 220 -2.82 39.01 -7.98
C PRO D 220 -1.36 39.44 -8.17
N GLU D 221 -0.70 39.87 -7.10
CA GLU D 221 0.69 40.33 -7.19
C GLU D 221 1.64 39.20 -7.62
N LEU D 222 1.17 37.96 -7.48
CA LEU D 222 1.97 36.80 -7.82
C LEU D 222 1.66 36.24 -9.19
N LYS D 223 0.87 36.97 -9.98
CA LYS D 223 0.57 36.54 -11.34
C LYS D 223 1.85 36.31 -12.12
N GLY D 224 1.93 35.15 -12.78
CA GLY D 224 3.08 34.74 -13.59
C GLY D 224 4.37 34.44 -12.83
N LYS D 225 4.31 34.46 -11.51
CA LYS D 225 5.51 34.25 -10.70
C LYS D 225 5.66 32.82 -10.15
N LEU D 226 4.61 32.02 -10.27
CA LEU D 226 4.64 30.67 -9.72
C LEU D 226 4.15 29.64 -10.71
N ASN D 227 4.60 28.41 -10.51
CA ASN D 227 4.10 27.30 -11.30
C ASN D 227 4.50 26.05 -10.52
N GLY D 228 4.00 24.93 -10.94
CA GLY D 228 4.39 23.72 -10.24
C GLY D 228 3.62 22.52 -10.70
N MET D 229 3.75 21.44 -9.93
CA MET D 229 3.14 20.19 -10.30
C MET D 229 2.77 19.39 -9.07
N ALA D 230 2.16 18.24 -9.30
CA ALA D 230 1.82 17.35 -8.23
C ALA D 230 2.46 16.01 -8.48
N MET D 231 2.59 15.24 -7.40
CA MET D 231 3.03 13.86 -7.49
CA MET D 231 3.08 13.86 -7.46
C MET D 231 2.09 13.09 -6.60
N ARG D 232 1.17 12.38 -7.23
CA ARG D 232 0.19 11.61 -6.50
C ARG D 232 0.87 10.33 -6.03
N VAL D 233 0.67 9.96 -4.77
CA VAL D 233 1.35 8.79 -4.18
C VAL D 233 0.40 7.89 -3.48
N PRO D 234 0.87 6.68 -3.10
CA PRO D 234 -0.04 5.70 -2.48
C PRO D 234 -0.39 5.88 -1.01
N THR D 235 -1.00 7.04 -0.71
CA THR D 235 -1.56 7.30 0.62
C THR D 235 -2.96 7.78 0.34
N PRO D 236 -3.91 7.43 1.21
CA PRO D 236 -5.32 7.74 0.95
C PRO D 236 -5.79 9.14 1.34
N ASN D 237 -4.99 9.86 2.12
CA ASN D 237 -5.32 11.24 2.50
C ASN D 237 -4.10 11.85 3.14
N VAL D 238 -4.04 13.17 3.04
CA VAL D 238 -2.97 14.07 3.53
C VAL D 238 -1.93 14.29 2.45
N SER D 239 -1.55 15.54 2.29
CA SER D 239 -0.65 15.94 1.21
C SER D 239 0.30 17.00 1.77
N VAL D 240 1.32 17.34 0.99
CA VAL D 240 2.32 18.28 1.48
C VAL D 240 2.85 19.11 0.30
N VAL D 241 2.86 20.43 0.49
CA VAL D 241 3.36 21.35 -0.52
C VAL D 241 4.82 21.63 -0.22
N ASP D 242 5.62 21.65 -1.29
CA ASP D 242 7.07 21.90 -1.23
C ASP D 242 7.31 23.08 -2.20
N LEU D 243 7.51 24.28 -1.65
CA LEU D 243 7.71 25.45 -2.50
C LEU D 243 9.20 25.87 -2.45
N VAL D 244 9.79 26.12 -3.63
CA VAL D 244 11.17 26.63 -3.70
C VAL D 244 10.98 28.02 -4.35
N ALA D 245 11.39 29.07 -3.65
CA ALA D 245 11.19 30.42 -4.18
C ALA D 245 12.43 31.28 -4.04
N GLU D 246 12.56 32.22 -4.97
CA GLU D 246 13.62 33.22 -4.93
C GLU D 246 12.95 34.43 -4.31
N LEU D 247 13.59 35.01 -3.28
CA LEU D 247 13.01 36.14 -2.57
C LEU D 247 13.73 37.44 -2.91
N GLU D 248 13.04 38.56 -2.65
CA GLU D 248 13.64 39.86 -2.91
C GLU D 248 14.61 40.25 -1.79
N LYS D 249 14.20 40.05 -0.54
CA LYS D 249 15.01 40.38 0.62
CA LYS D 249 15.03 40.40 0.60
C LYS D 249 15.87 39.21 1.06
N GLU D 250 17.06 39.51 1.58
CA GLU D 250 17.97 38.48 2.08
C GLU D 250 17.42 37.95 3.38
N VAL D 251 17.38 36.63 3.54
CA VAL D 251 16.82 36.07 4.77
C VAL D 251 17.67 34.94 5.30
N THR D 252 17.37 34.55 6.54
CA THR D 252 17.95 33.37 7.15
C THR D 252 16.79 32.41 7.39
N VAL D 253 17.11 31.15 7.63
CA VAL D 253 16.07 30.17 7.95
C VAL D 253 15.28 30.68 9.15
N GLU D 254 15.99 31.11 10.19
CA GLU D 254 15.36 31.59 11.41
C GLU D 254 14.31 32.67 11.15
N GLU D 255 14.63 33.59 10.23
CA GLU D 255 13.72 34.70 9.92
C GLU D 255 12.49 34.24 9.17
N VAL D 256 12.69 33.34 8.23
CA VAL D 256 11.57 32.79 7.47
C VAL D 256 10.63 32.07 8.42
N ASN D 257 11.18 31.15 9.22
CA ASN D 257 10.38 30.40 10.18
C ASN D 257 9.69 31.32 11.19
N ALA D 258 10.39 32.34 11.65
CA ALA D 258 9.83 33.28 12.61
C ALA D 258 8.63 34.05 12.02
N ALA D 259 8.70 34.44 10.74
CA ALA D 259 7.62 35.16 10.07
C ALA D 259 6.42 34.25 9.90
N LEU D 260 6.69 33.00 9.52
CA LEU D 260 5.64 32.00 9.35
C LEU D 260 4.95 31.72 10.67
N LYS D 261 5.74 31.51 11.71
CA LYS D 261 5.19 31.25 13.05
C LYS D 261 4.36 32.45 13.52
N ALA D 262 4.84 33.67 13.24
CA ALA D 262 4.11 34.87 13.67
C ALA D 262 2.75 34.95 12.99
N ALA D 263 2.70 34.67 11.68
CA ALA D 263 1.45 34.74 10.94
C ALA D 263 0.48 33.68 11.45
N ALA D 264 1.01 32.50 11.79
CA ALA D 264 0.20 31.37 12.29
C ALA D 264 -0.44 31.67 13.62
N GLU D 265 0.28 32.40 14.45
CA GLU D 265 -0.21 32.70 15.78
C GLU D 265 -1.00 33.99 15.78
N GLY D 266 -0.87 34.75 14.70
CA GLY D 266 -1.55 36.02 14.54
C GLY D 266 -2.64 36.06 13.47
N GLU D 267 -2.42 36.89 12.45
CA GLU D 267 -3.39 37.14 11.39
C GLU D 267 -4.01 35.90 10.75
N LEU D 268 -3.19 34.87 10.59
CA LEU D 268 -3.66 33.65 9.93
C LEU D 268 -3.96 32.48 10.85
N LYS D 269 -4.10 32.75 12.14
CA LYS D 269 -4.40 31.69 13.09
C LYS D 269 -5.69 30.95 12.69
N GLY D 270 -5.63 29.62 12.69
CA GLY D 270 -6.76 28.79 12.30
C GLY D 270 -6.69 28.39 10.83
N ILE D 271 -5.94 29.16 10.05
CA ILE D 271 -5.76 28.90 8.62
C ILE D 271 -4.34 28.34 8.40
N LEU D 272 -3.34 29.08 8.87
CA LEU D 272 -1.94 28.66 8.78
C LEU D 272 -1.50 28.24 10.18
N ALA D 273 -0.80 27.12 10.27
CA ALA D 273 -0.30 26.63 11.54
C ALA D 273 1.20 26.39 11.37
N TYR D 274 1.90 26.21 12.46
CA TYR D 274 3.35 26.10 12.42
C TYR D 274 3.82 24.99 13.36
N SER D 275 4.58 24.05 12.81
CA SER D 275 5.04 22.92 13.63
C SER D 275 6.54 22.71 13.58
N GLU D 276 7.14 22.51 14.74
CA GLU D 276 8.57 22.21 14.80
C GLU D 276 8.77 20.72 15.17
N GLU D 277 7.71 19.93 15.03
CA GLU D 277 7.79 18.50 15.32
C GLU D 277 8.10 17.71 14.03
N PRO D 278 8.86 16.62 14.15
CA PRO D 278 9.29 15.81 12.97
C PRO D 278 8.18 14.79 12.66
N LEU D 279 7.08 15.28 12.09
CA LEU D 279 5.91 14.45 11.88
C LEU D 279 5.85 13.83 10.47
N VAL D 280 4.87 12.96 10.27
CA VAL D 280 4.67 12.32 8.99
C VAL D 280 3.21 12.48 8.59
N SER D 281 2.89 12.19 7.33
CA SER D 281 1.54 12.45 6.82
C SER D 281 0.39 11.92 7.68
N ARG D 282 0.50 10.71 8.22
CA ARG D 282 -0.58 10.15 9.02
CA ARG D 282 -0.61 10.16 9.00
C ARG D 282 -0.95 11.05 10.19
N ASP D 283 0.04 11.76 10.70
CA ASP D 283 -0.15 12.63 11.87
C ASP D 283 -1.06 13.79 11.58
N TYR D 284 -1.22 14.11 10.29
CA TYR D 284 -2.06 15.26 9.90
C TYR D 284 -3.44 14.85 9.48
N ASN D 285 -3.75 13.56 9.60
CA ASN D 285 -5.06 13.10 9.22
C ASN D 285 -6.08 13.71 10.20
N GLY D 286 -7.01 14.51 9.68
CA GLY D 286 -8.03 15.15 10.51
C GLY D 286 -7.73 16.61 10.84
N SER D 287 -6.54 17.07 10.46
CA SER D 287 -6.15 18.46 10.67
C SER D 287 -7.14 19.40 9.94
N THR D 288 -7.65 20.41 10.65
CA THR D 288 -8.64 21.31 10.05
C THR D 288 -8.06 22.59 9.48
N VAL D 289 -6.77 22.85 9.72
CA VAL D 289 -6.15 24.06 9.16
C VAL D 289 -5.91 23.88 7.68
N SER D 290 -5.65 24.98 6.98
CA SER D 290 -5.39 24.88 5.56
C SER D 290 -3.94 24.48 5.27
N SER D 291 -3.05 24.80 6.20
CA SER D 291 -1.63 24.71 5.90
C SER D 291 -0.85 24.69 7.21
N THR D 292 0.01 23.69 7.38
CA THR D 292 0.87 23.64 8.58
C THR D 292 2.31 23.58 8.16
N ILE D 293 3.07 24.62 8.47
CA ILE D 293 4.46 24.66 8.13
C ILE D 293 5.25 23.58 8.84
N ASP D 294 6.04 22.82 8.07
CA ASP D 294 6.93 21.82 8.67
C ASP D 294 8.24 22.61 8.87
N ALA D 295 8.34 23.27 10.02
CA ALA D 295 9.46 24.20 10.27
C ALA D 295 10.85 23.58 10.19
N LEU D 296 10.93 22.31 10.50
CA LEU D 296 12.22 21.61 10.42
C LEU D 296 12.76 21.53 8.99
N SER D 297 11.87 21.60 8.00
CA SER D 297 12.26 21.46 6.59
C SER D 297 12.69 22.76 5.94
N THR D 298 12.47 23.87 6.62
CA THR D 298 12.85 25.14 6.01
C THR D 298 14.37 25.22 5.73
N MET D 299 14.75 25.62 4.53
CA MET D 299 16.18 25.81 4.20
C MET D 299 16.38 27.02 3.30
N VAL D 300 17.57 27.58 3.34
CA VAL D 300 17.85 28.76 2.52
C VAL D 300 19.24 28.63 1.91
N ILE D 301 19.39 29.12 0.68
CA ILE D 301 20.68 29.14 0.01
CA ILE D 301 20.69 29.15 0.02
C ILE D 301 20.98 30.60 -0.38
N ASP D 302 22.19 31.08 -0.09
CA ASP D 302 22.57 32.44 -0.48
C ASP D 302 21.60 33.52 0.03
N GLY D 303 20.89 33.20 1.10
CA GLY D 303 19.94 34.10 1.71
C GLY D 303 18.82 34.50 0.77
N LYS D 304 18.79 33.90 -0.41
CA LYS D 304 17.79 34.25 -1.41
C LYS D 304 16.85 33.12 -1.90
N MET D 305 17.32 31.87 -1.90
CA MET D 305 16.45 30.76 -2.33
C MET D 305 15.98 30.06 -1.08
N VAL D 306 14.66 29.89 -0.94
CA VAL D 306 14.13 29.28 0.26
C VAL D 306 13.25 28.11 -0.13
N LYS D 307 13.24 27.10 0.72
CA LYS D 307 12.32 25.95 0.54
C LYS D 307 11.44 25.99 1.78
N VAL D 308 10.13 25.95 1.57
CA VAL D 308 9.17 25.91 2.65
C VAL D 308 8.23 24.74 2.33
N VAL D 309 8.01 23.91 3.34
CA VAL D 309 7.19 22.71 3.22
C VAL D 309 6.01 22.86 4.16
N SER D 310 4.83 22.52 3.69
CA SER D 310 3.63 22.68 4.49
C SER D 310 2.65 21.56 4.25
N TRP D 311 2.12 21.05 5.36
CA TRP D 311 1.18 19.93 5.34
C TRP D 311 -0.26 20.35 5.18
N TYR D 312 -1.08 19.47 4.61
CA TYR D 312 -2.49 19.72 4.62
C TYR D 312 -3.28 18.42 4.49
N ASP D 313 -4.31 18.33 5.31
CA ASP D 313 -5.26 17.23 5.15
C ASP D 313 -6.15 17.72 3.98
N ASN D 314 -5.91 17.17 2.79
CA ASN D 314 -6.62 17.63 1.59
C ASN D 314 -8.15 17.52 1.66
N GLU D 315 -8.67 16.54 2.40
CA GLU D 315 -10.10 16.44 2.56
C GLU D 315 -10.61 17.38 3.66
N THR D 316 -10.00 17.29 4.83
CA THR D 316 -10.51 18.00 6.01
C THR D 316 -10.29 19.51 6.04
N GLY D 317 -9.06 19.93 5.79
CA GLY D 317 -8.75 21.35 5.86
C GLY D 317 -9.63 22.12 4.88
N TYR D 318 -9.65 21.64 3.65
CA TYR D 318 -10.44 22.28 2.60
C TYR D 318 -11.95 22.29 2.94
N SER D 319 -12.45 21.21 3.49
CA SER D 319 -13.87 21.12 3.79
C SER D 319 -14.24 22.11 4.90
N HIS D 320 -13.33 22.29 5.85
CA HIS D 320 -13.58 23.24 6.92
C HIS D 320 -13.57 24.65 6.35
N ARG D 321 -12.73 24.87 5.34
CA ARG D 321 -12.72 26.17 4.64
C ARG D 321 -14.01 26.42 3.88
N VAL D 322 -14.57 25.37 3.30
CA VAL D 322 -15.85 25.51 2.59
C VAL D 322 -16.89 26.01 3.61
N VAL D 323 -16.90 25.37 4.76
CA VAL D 323 -17.85 25.76 5.82
C VAL D 323 -17.59 27.21 6.27
N ASP D 324 -16.32 27.58 6.42
CA ASP D 324 -15.97 28.94 6.83
C ASP D 324 -16.46 29.93 5.76
N LEU D 325 -16.28 29.54 4.50
CA LEU D 325 -16.68 30.42 3.43
C LEU D 325 -18.21 30.55 3.41
N ALA D 326 -18.93 29.46 3.64
CA ALA D 326 -20.39 29.53 3.66
C ALA D 326 -20.86 30.49 4.79
N ALA D 327 -20.26 30.36 5.97
CA ALA D 327 -20.64 31.21 7.10
C ALA D 327 -20.30 32.67 6.78
N TYR D 328 -19.16 32.89 6.12
CA TYR D 328 -18.75 34.23 5.74
C TYR D 328 -19.73 34.86 4.75
N ILE D 329 -20.06 34.11 3.70
CA ILE D 329 -21.03 34.55 2.70
C ILE D 329 -22.38 34.87 3.38
N ALA D 330 -22.81 33.99 4.27
CA ALA D 330 -24.08 34.22 4.94
C ALA D 330 -24.02 35.53 5.74
N SER D 331 -22.85 35.81 6.32
CA SER D 331 -22.65 36.99 7.16
C SER D 331 -22.74 38.33 6.40
N LYS D 332 -22.53 38.28 5.08
CA LYS D 332 -22.56 39.48 4.26
C LYS D 332 -23.94 39.71 3.66
N GLY D 333 -24.88 38.83 3.97
CA GLY D 333 -26.27 38.96 3.55
C GLY D 333 -26.75 38.14 2.40
N LEU D 334 -27.85 37.42 2.61
CA LEU D 334 -28.51 36.61 1.59
C LEU D 334 -29.95 37.10 1.36
S SO4 E . -17.45 -14.00 -8.65
O1 SO4 E . -17.27 -13.42 -9.98
O2 SO4 E . -18.87 -14.31 -8.42
O3 SO4 E . -16.65 -15.23 -8.58
O4 SO4 E . -16.98 -13.07 -7.64
S SO4 F . -14.78 -8.16 -10.71
O1 SO4 F . -14.36 -8.25 -9.34
O2 SO4 F . -16.19 -8.03 -10.69
O3 SO4 F . -14.14 -6.95 -11.28
O4 SO4 F . -14.39 -9.35 -11.45
S SO4 G . -24.38 -35.58 7.57
O1 SO4 G . -24.61 -34.77 6.36
O2 SO4 G . -22.94 -35.56 7.92
O3 SO4 G . -25.19 -35.04 8.71
O4 SO4 G . -24.81 -36.97 7.30
S SO4 H . -22.50 -0.12 -8.65
O1 SO4 H . -23.62 -0.32 -9.64
O2 SO4 H . -22.54 1.27 -8.08
O3 SO4 H . -22.62 -1.11 -7.67
O4 SO4 H . -21.16 -0.36 -9.42
S SO4 I . -8.84 4.56 -39.95
O1 SO4 I . -8.95 4.81 -41.40
O2 SO4 I . -7.85 5.48 -39.37
O3 SO4 I . -10.16 4.75 -39.31
O4 SO4 I . -8.39 3.17 -39.75
S SO4 J . -22.66 -9.21 -40.92
O1 SO4 J . -22.08 -10.36 -40.23
O2 SO4 J . -24.03 -9.54 -41.34
O3 SO4 J . -22.69 -8.04 -40.03
O4 SO4 J . -21.85 -8.90 -42.12
O1 G3H K . -12.84 -13.36 -12.20
C1 G3H K . -12.09 -13.00 -11.31
C2 G3H K . -12.40 -11.72 -10.55
O2 G3H K . -11.24 -10.87 -10.48
C3 G3H K . -12.61 -12.15 -9.11
O1P G3H K . -13.94 -12.51 -8.90
O2P G3H K . -15.75 -14.03 -8.57
O3P G3H K . -13.73 -14.12 -6.98
O4P G3H K . -13.55 -14.86 -9.42
P G3H K . -14.25 -14.01 -8.40
PA NAD L . -11.92 -3.10 -16.45
O1A NAD L . -12.75 -2.03 -15.86
O2A NAD L . -10.50 -3.01 -16.07
O5B NAD L . -11.94 -3.01 -18.04
C5B NAD L . -13.17 -2.95 -18.76
C4B NAD L . -12.89 -2.13 -20.00
O4B NAD L . -14.11 -2.01 -20.77
C3B NAD L . -12.37 -0.71 -19.73
O3B NAD L . -11.24 -0.46 -20.56
C2B NAD L . -13.57 0.17 -20.10
O2B NAD L . -13.24 1.41 -20.68
C1B NAD L . -14.28 -0.69 -21.16
N9A NAD L . -15.74 -0.46 -21.29
C8A NAD L . -16.67 -0.29 -20.30
N7A NAD L . -17.91 -0.23 -20.86
C5A NAD L . -17.78 -0.42 -22.20
C6A NAD L . -18.67 -0.43 -23.27
N6A NAD L . -19.97 -0.11 -23.14
N1A NAD L . -18.15 -0.63 -24.53
C2A NAD L . -16.80 -0.80 -24.80
N3A NAD L . -15.93 -0.74 -23.74
C4A NAD L . -16.40 -0.55 -22.48
O3 NAD L . -12.51 -4.54 -16.10
PN NAD L . -11.67 -5.90 -16.04
O1N NAD L . -11.17 -6.19 -14.70
O2N NAD L . -10.85 -6.02 -17.24
O5D NAD L . -12.92 -6.96 -16.05
C5D NAD L . -13.61 -7.14 -17.27
C4D NAD L . -14.56 -8.31 -17.14
O4D NAD L . -13.83 -9.51 -16.89
C3D NAD L . -15.53 -8.20 -15.96
O3D NAD L . -16.72 -8.98 -16.30
C2D NAD L . -14.77 -8.90 -14.85
O2D NAD L . -15.61 -9.44 -13.86
C1D NAD L . -14.11 -10.05 -15.64
N1N NAD L . -12.91 -10.65 -15.05
C2N NAD L . -12.05 -9.84 -14.33
C3N NAD L . -10.88 -10.39 -13.82
C7N NAD L . -9.86 -9.55 -13.11
O7N NAD L . -9.18 -10.23 -12.15
N7N NAD L . -9.67 -8.26 -13.33
C4N NAD L . -10.59 -11.75 -13.93
C5N NAD L . -11.48 -12.56 -14.64
C6N NAD L . -12.61 -11.98 -15.24
C1 GOL M . -14.62 -39.52 10.51
O1 GOL M . -14.30 -40.54 9.53
C2 GOL M . -16.12 -39.23 10.47
O2 GOL M . -16.51 -38.51 11.63
C3 GOL M . -16.54 -38.41 9.27
O3 GOL M . -16.20 -39.03 8.01
S SO4 N . 0.83 -17.46 16.22
O1 SO4 N . 1.42 -16.54 17.23
O2 SO4 N . 1.47 -18.79 16.32
O3 SO4 N . -0.60 -17.55 16.49
O4 SO4 N . 1.07 -16.95 14.88
S SO4 O . 4.21 -11.63 15.40
O1 SO4 O . 3.77 -11.21 14.12
O2 SO4 O . 4.89 -12.86 15.24
O3 SO4 O . 5.13 -10.64 15.89
O4 SO4 O . 3.10 -11.76 16.34
O1 G3H P . -0.79 -12.51 18.19
C1 G3H P . -1.08 -11.96 17.13
C2 G3H P . 0.01 -11.72 16.09
O2 G3H P . -0.10 -10.37 15.59
C3 G3H P . -0.31 -12.56 14.85
O1P G3H P . 0.04 -13.91 14.99
O2P G3H P . -0.13 -16.22 15.36
O3P G3H P . -1.88 -15.11 13.94
O4P G3H P . -1.85 -14.70 16.43
P G3H P . -1.07 -15.05 15.18
PA NAD Q . 7.56 -4.71 18.24
O1A NAD Q . 8.76 -5.07 17.46
O2A NAD Q . 6.81 -3.56 17.61
O5B NAD Q . 8.01 -4.13 19.65
C5B NAD Q . 8.95 -4.85 20.41
C4B NAD Q . 9.66 -3.78 21.24
O4B NAD Q . 10.61 -4.42 22.12
C3B NAD Q . 10.41 -2.73 20.42
O3B NAD Q . 10.11 -1.42 20.91
C2B NAD Q . 11.85 -3.12 20.69
O2B NAD Q . 12.85 -2.11 20.51
C1B NAD Q . 11.81 -3.69 22.10
N9A NAD Q . 12.88 -4.65 22.34
C8A NAD Q . 13.44 -5.57 21.46
N7A NAD Q . 14.31 -6.36 22.19
C5A NAD Q . 14.34 -5.89 23.48
C6A NAD Q . 15.06 -6.28 24.62
N6A NAD Q . 15.96 -7.29 24.57
N1A NAD Q . 14.83 -5.60 25.80
C2A NAD Q . 13.90 -4.57 25.89
N3A NAD Q . 13.29 -4.15 24.74
C4A NAD Q . 13.49 -4.82 23.57
O3 NAD Q . 6.68 -6.01 18.51
PN NAD Q . 5.15 -6.13 18.72
O1N NAD Q . 4.36 -6.24 17.49
O2N NAD Q . 4.80 -5.17 19.80
O5D NAD Q . 5.10 -7.60 19.29
C5D NAD Q . 5.71 -7.87 20.55
C4D NAD Q . 5.31 -9.23 21.12
O4D NAD Q . 3.92 -9.34 21.30
C3D NAD Q . 5.76 -10.41 20.26
O3D NAD Q . 5.91 -11.52 21.17
C2D NAD Q . 4.49 -10.59 19.44
O2D NAD Q . 4.33 -11.86 18.88
C1D NAD Q . 3.37 -10.33 20.46
N1N NAD Q . 2.08 -9.90 19.87
C2N NAD Q . 2.04 -9.04 18.80
C3N NAD Q . 0.82 -8.67 18.28
C7N NAD Q . 0.71 -7.69 17.15
O7N NAD Q . -0.47 -7.81 16.43
N7N NAD Q . 1.65 -6.81 16.80
C4N NAD Q . -0.36 -9.14 18.86
C5N NAD Q . -0.33 -10.05 19.93
C6N NAD Q . 0.92 -10.35 20.48
C1 GOL R . -15.46 -19.27 30.92
O1 GOL R . -16.64 -20.08 31.11
C2 GOL R . -15.07 -18.77 32.30
O2 GOL R . -15.06 -19.93 33.14
C3 GOL R . -13.71 -18.14 32.25
O3 GOL R . -13.19 -18.00 33.57
C1 GOL S . 16.01 -14.22 11.79
O1 GOL S . 16.03 -13.33 10.72
C2 GOL S . 14.66 -14.22 12.33
O2 GOL S . 13.84 -15.07 11.64
C3 GOL S . 14.22 -12.79 12.72
O3 GOL S . 12.82 -12.93 13.07
C1 GOL T . -1.89 -31.40 18.19
O1 GOL T . -2.28 -31.43 16.78
C2 GOL T . -2.70 -30.29 18.90
O2 GOL T . -2.31 -30.05 20.25
C3 GOL T . -4.21 -30.22 18.63
O3 GOL T . -4.79 -29.13 19.34
C1 GOL U . -6.23 7.39 14.88
O1 GOL U . -6.54 6.21 14.12
C2 GOL U . -7.48 7.94 15.62
O2 GOL U . -7.99 6.96 16.55
C3 GOL U . -7.31 9.38 16.17
O3 GOL U . -7.71 10.35 15.15
S SO4 V . 21.37 10.08 1.20
O1 SO4 V . 22.04 8.77 1.20
O2 SO4 V . 22.12 11.02 2.06
O3 SO4 V . 21.32 10.59 -0.16
O4 SO4 V . 20.02 9.96 1.71
S SO4 W . 19.06 3.87 2.86
O1 SO4 W . 19.59 4.08 1.54
O2 SO4 W . 19.82 4.57 3.83
O3 SO4 W . 19.05 2.50 3.27
O4 SO4 W . 17.67 4.31 2.91
S SO4 X . 18.73 3.10 14.22
O1 SO4 X . 18.48 4.41 13.74
O2 SO4 X . 20.07 3.08 14.88
O3 SO4 X . 17.72 2.52 15.23
O4 SO4 X . 18.80 2.14 13.02
O1 G3H Y . 20.98 5.50 -2.32
C1 G3H Y . 19.76 5.56 -2.40
C2 G3H Y . 18.92 5.33 -1.14
O2 G3H Y . 17.95 4.28 -1.30
C3 G3H Y . 18.09 6.57 -0.85
O1P G3H Y . 18.85 7.52 -0.18
O2P G3H Y . 20.06 9.52 0.18
O3P G3H Y . 17.85 9.60 -1.18
O4P G3H Y . 19.91 8.62 -2.16
P G3H Y . 19.18 8.91 -0.88
PA NAD Z . 19.55 -4.29 3.01
O1A NAD Z . 19.23 -4.15 4.45
O2A NAD Z . 18.45 -4.69 2.08
O5B NAD Z . 20.76 -5.34 2.85
C5B NAD Z . 21.79 -5.39 3.82
C4B NAD Z . 22.36 -6.81 3.82
O4B NAD Z . 23.53 -6.90 4.63
C3B NAD Z . 21.33 -7.75 4.41
O3B NAD Z . 21.18 -8.85 3.51
C2B NAD Z . 21.94 -8.14 5.77
O2B NAD Z . 21.61 -9.40 6.27
C1B NAD Z . 23.43 -7.99 5.50
N9A NAD Z . 24.21 -7.57 6.64
C8A NAD Z . 23.97 -6.53 7.53
N7A NAD Z . 25.04 -6.44 8.35
C5A NAD Z . 26.04 -7.31 7.92
C6A NAD Z . 27.38 -7.52 8.30
N6A NAD Z . 27.81 -7.16 9.50
N1A NAD Z . 28.10 -8.50 7.64
C2A NAD Z . 27.56 -9.22 6.57
N3A NAD Z . 26.27 -8.92 6.14
C4A NAD Z . 25.53 -8.01 6.84
O3 NAD Z . 20.15 -2.91 2.49
PN NAD Z . 20.18 -2.27 1.06
O1N NAD Z . 19.05 -1.43 0.62
O2N NAD Z . 20.71 -3.30 0.11
O5D NAD Z . 21.36 -1.21 1.27
C5D NAD Z . 22.67 -1.57 1.61
C4D NAD Z . 23.55 -0.32 1.39
O4D NAD Z . 23.42 0.27 0.11
C3D NAD Z . 23.25 0.75 2.44
O3D NAD Z . 24.50 1.42 2.65
C2D NAD Z . 22.40 1.70 1.61
O2D NAD Z . 22.42 3.03 2.11
C1D NAD Z . 23.00 1.61 0.20
N1N NAD Z . 22.10 1.91 -0.94
C2N NAD Z . 20.79 1.50 -0.89
C3N NAD Z . 19.94 1.78 -1.96
C7N NAD Z . 18.54 1.27 -2.00
O7N NAD Z . 17.75 2.01 -2.84
N7N NAD Z . 18.04 0.27 -1.28
C4N NAD Z . 20.40 2.46 -3.09
C5N NAD Z . 21.76 2.89 -3.13
C6N NAD Z . 22.58 2.54 -2.06
C1 EDO AA . 34.05 12.93 -17.73
O1 EDO AA . 33.01 13.94 -17.97
C2 EDO AA . 33.69 11.97 -16.60
O2 EDO AA . 34.76 10.99 -16.40
C1 GOL BA . 17.50 -7.31 -12.72
O1 GOL BA . 16.90 -8.57 -12.45
C2 GOL BA . 16.41 -6.33 -13.29
O2 GOL BA . 15.19 -7.08 -13.42
C3 GOL BA . 16.12 -5.29 -12.21
O3 GOL BA . 17.08 -5.26 -11.15
S SO4 CA . -5.59 21.31 -9.16
O1 SO4 CA . -7.01 21.19 -8.83
O2 SO4 CA . -5.44 21.99 -10.46
O3 SO4 CA . -4.91 22.10 -8.10
O4 SO4 CA . -4.97 19.99 -9.24
S SO4 DA . -9.27 15.85 -7.74
O1 SO4 DA . -7.97 15.51 -8.15
O2 SO4 DA . -10.00 16.09 -8.92
O3 SO4 DA . -9.87 14.66 -7.05
O4 SO4 DA . -9.26 17.02 -6.89
S SO4 EA . 16.24 37.93 -13.96
O1 SO4 EA . 14.99 37.32 -14.42
O2 SO4 EA . 16.03 39.35 -13.68
O3 SO4 EA . 16.72 37.29 -12.72
O4 SO4 EA . 17.23 37.76 -15.05
S SO4 FA . -22.91 0.25 16.83
O1 SO4 FA . -23.44 1.41 16.05
O2 SO4 FA . -21.58 -0.14 16.31
O3 SO4 FA . -22.77 0.66 18.23
O4 SO4 FA . -23.85 -0.86 16.71
S SO4 GA . -31.42 2.37 10.06
O1 SO4 GA . -32.68 3.12 10.13
O2 SO4 GA . -30.26 3.28 9.96
O3 SO4 GA . -31.26 1.55 11.26
O4 SO4 GA . -31.46 1.52 8.86
S SO4 HA . -11.84 11.02 -17.77
O1 SO4 HA . -10.61 11.72 -17.75
O2 SO4 HA . -11.73 9.64 -18.38
O3 SO4 HA . -12.34 10.85 -16.31
O4 SO4 HA . -12.86 11.77 -18.53
S SO4 IA . -32.16 32.18 -6.88
O1 SO4 IA . -31.10 31.29 -7.43
O2 SO4 IA . -33.36 31.35 -6.63
O3 SO4 IA . -31.74 32.85 -5.68
O4 SO4 IA . -32.42 33.19 -7.99
O1 G3H JA . -8.30 20.02 -4.01
C1 G3H JA . -7.46 19.19 -3.72
C2 G3H JA . -7.27 17.99 -4.62
O2 G3H JA . -7.30 16.79 -3.85
C3 G3H JA . -5.81 18.05 -5.04
O1P G3H JA . -5.68 18.71 -6.24
O2P G3H JA . -5.18 20.43 -7.69
O3P G3H JA . -3.34 19.58 -6.10
O4P G3H JA . -5.28 20.95 -5.20
P G3H JA . -4.78 20.03 -6.28
PA NAD KA . -15.96 12.04 -4.96
O1A NAD KA . -15.94 11.28 -6.19
O2A NAD KA . -15.49 11.29 -3.77
O5B NAD KA . -17.44 12.46 -4.57
C5B NAD KA . -18.31 13.11 -5.46
C4B NAD KA . -19.69 12.57 -5.10
O4B NAD KA . -20.66 13.14 -5.96
C3B NAD KA . -19.90 11.05 -5.09
O3B NAD KA . -20.53 10.60 -3.87
C2B NAD KA . -20.80 10.86 -6.30
O2B NAD KA . -21.73 9.81 -6.29
C1B NAD KA . -21.55 12.16 -6.40
N9A NAD KA . -21.93 12.52 -7.79
C8A NAD KA . -21.25 12.30 -8.98
N7A NAD KA . -21.98 12.89 -9.97
C5A NAD KA . -23.11 13.47 -9.42
C6A NAD KA . -24.24 14.14 -9.93
N6A NAD KA . -24.46 14.27 -11.26
N1A NAD KA . -25.24 14.50 -9.06
C2A NAD KA . -25.12 14.34 -7.67
N3A NAD KA . -24.09 13.57 -7.19
C4A NAD KA . -23.09 13.19 -8.05
O3 NAD KA . -15.06 13.34 -5.17
PN NAD KA . -14.37 14.25 -4.08
O1N NAD KA . -12.96 13.85 -3.85
O2N NAD KA . -15.27 14.46 -2.93
O5D NAD KA . -14.29 15.65 -4.90
C5D NAD KA . -15.44 16.43 -5.13
C4D NAD KA . -15.00 17.77 -5.70
O4D NAD KA . -14.22 18.47 -4.75
C3D NAD KA . -14.14 17.62 -6.96
O3D NAD KA . -14.44 18.82 -7.75
C2D NAD KA . -12.73 17.71 -6.37
O2D NAD KA . -11.74 18.22 -7.23
C1D NAD KA . -12.89 18.70 -5.21
N1N NAD KA . -11.94 18.53 -4.09
C2N NAD KA . -11.47 17.28 -3.73
C3N NAD KA . -10.63 17.19 -2.61
C7N NAD KA . -10.06 15.87 -2.20
O7N NAD KA . -8.80 15.90 -1.69
N7N NAD KA . -10.74 14.75 -2.37
C4N NAD KA . -10.19 18.34 -1.93
C5N NAD KA . -10.72 19.58 -2.28
C6N NAD KA . -11.56 19.65 -3.38
C1 GOL LA . 21.82 37.00 -6.59
O1 GOL LA . 20.43 36.94 -6.96
C2 GOL LA . 21.96 36.75 -5.12
O2 GOL LA . 23.32 36.49 -4.82
C3 GOL LA . 21.39 37.89 -4.27
O3 GOL LA . 22.06 38.01 -2.98
C1 GOL MA . -8.07 39.78 5.77
O1 GOL MA . -6.73 39.63 6.23
C2 GOL MA . -8.04 39.82 4.26
O2 GOL MA . -6.71 39.90 3.73
C3 GOL MA . -8.78 38.59 3.88
O3 GOL MA . -10.10 39.08 3.56
#